data_5UEE
# 
_entry.id   5UEE 
# 
_audit_conform.dict_name       mmcif_pdbx.dic 
_audit_conform.dict_version    5.379 
_audit_conform.dict_location   http://mmcif.pdb.org/dictionaries/ascii/mmcif_pdbx.dic 
# 
loop_
_database_2.database_id 
_database_2.database_code 
_database_2.pdbx_database_accession 
_database_2.pdbx_DOI 
PDB   5UEE         pdb_00005uee 10.2210/pdb5uee/pdb 
WWPDB D_1000225739 ?            ?                   
# 
loop_
_pdbx_database_related.content_type 
_pdbx_database_related.db_id 
_pdbx_database_related.db_name 
_pdbx_database_related.details 
unspecified 5UED PDB . 
unspecified 5UEF PDB . 
unspecified 5UEG PDB . 
# 
_pdbx_database_status.status_code                     REL 
_pdbx_database_status.status_code_sf                  REL 
_pdbx_database_status.status_code_mr                  ? 
_pdbx_database_status.entry_id                        5UEE 
_pdbx_database_status.recvd_initial_deposition_date   2017-01-01 
_pdbx_database_status.SG_entry                        N 
_pdbx_database_status.deposit_site                    RCSB 
_pdbx_database_status.process_site                    RCSB 
_pdbx_database_status.status_code_cs                  ? 
_pdbx_database_status.methods_development_category    ? 
_pdbx_database_status.pdb_format_compatible           Y 
_pdbx_database_status.status_code_nmr_data            ? 
# 
loop_
_audit_author.name 
_audit_author.pdbx_ordinal 
_audit_author.identifier_ORCID 
'Zhang, W.'     1 ? 
'Tam, C.P.'     2 ? 
'Szostak, J.W.' 3 ? 
# 
_citation.abstract                  ? 
_citation.abstract_id_CAS           ? 
_citation.book_id_ISBN              ? 
_citation.book_publisher            ? 
_citation.book_publisher_city       ? 
_citation.book_title                ? 
_citation.coordinate_linkage        ? 
_citation.country                   US 
_citation.database_id_Medline       ? 
_citation.details                   ? 
_citation.id                        primary 
_citation.journal_abbrev            'Proc. Natl. Acad. Sci. U.S.A.' 
_citation.journal_id_ASTM           PNASA6 
_citation.journal_id_CSD            0040 
_citation.journal_id_ISSN           1091-6490 
_citation.journal_full              ? 
_citation.journal_issue             ? 
_citation.journal_volume            114 
_citation.language                  ? 
_citation.page_first                7659 
_citation.page_last                 7664 
_citation.title                     
'Insight into the mechanism of nonenzymatic RNA primer extension from the structure of an RNA-GpppG complex.' 
_citation.year                      2017 
_citation.database_id_CSD           ? 
_citation.pdbx_database_id_DOI      10.1073/pnas.1704006114 
_citation.pdbx_database_id_PubMed   28673998 
_citation.unpublished_flag          ? 
# 
loop_
_citation_author.citation_id 
_citation_author.name 
_citation_author.ordinal 
_citation_author.identifier_ORCID 
primary 'Zhang, W.'        1 ? 
primary 'Tam, C.P.'        2 ? 
primary 'Walton, T.'       3 ? 
primary 'Fahrenbach, A.C.' 4 ? 
primary 'Birrane, G.'      5 ? 
primary 'Szostak, J.W.'    6 ? 
# 
_cell.angle_alpha                  90.00 
_cell.angle_alpha_esd              ? 
_cell.angle_beta                   90.00 
_cell.angle_beta_esd               ? 
_cell.angle_gamma                  120.00 
_cell.angle_gamma_esd              ? 
_cell.entry_id                     5UEE 
_cell.details                      ? 
_cell.formula_units_Z              ? 
_cell.length_a                     46.964 
_cell.length_a_esd                 ? 
_cell.length_b                     46.964 
_cell.length_b_esd                 ? 
_cell.length_c                     83.103 
_cell.length_c_esd                 ? 
_cell.volume                       ? 
_cell.volume_esd                   ? 
_cell.Z_PDB                        12 
_cell.reciprocal_angle_alpha       ? 
_cell.reciprocal_angle_beta        ? 
_cell.reciprocal_angle_gamma       ? 
_cell.reciprocal_angle_alpha_esd   ? 
_cell.reciprocal_angle_beta_esd    ? 
_cell.reciprocal_angle_gamma_esd   ? 
_cell.reciprocal_length_a          ? 
_cell.reciprocal_length_b          ? 
_cell.reciprocal_length_c          ? 
_cell.reciprocal_length_a_esd      ? 
_cell.reciprocal_length_b_esd      ? 
_cell.reciprocal_length_c_esd      ? 
_cell.pdbx_unique_axis             ? 
# 
_symmetry.entry_id                         5UEE 
_symmetry.cell_setting                     ? 
_symmetry.Int_Tables_number                150 
_symmetry.space_group_name_Hall            ? 
_symmetry.space_group_name_H-M             'P 3 2 1' 
_symmetry.pdbx_full_space_group_name_H-M   ? 
# 
loop_
_entity.id 
_entity.type 
_entity.src_method 
_entity.pdbx_description 
_entity.formula_weight 
_entity.pdbx_number_of_molecules 
_entity.pdbx_ec 
_entity.pdbx_mutation 
_entity.pdbx_fragment 
_entity.details 
1 polymer     syn 
;RNA (5'-R(*(LCC)P*(LCC)P*(LCC)P*GP*AP*CP*UP*UP*AP*AP*GP*UP*CP*G)-3')
;
4500.794 2  ? ? ? ? 
2 non-polymer syn "DIGUANOSINE-5'-TRIPHOSPHATE"                                          788.406  2  ? ? ? ? 
3 non-polymer syn 'MAGNESIUM ION'                                                        24.305   6  ? ? ? ? 
4 water       nat water                                                                  18.015   23 ? ? ? ? 
# 
_entity_poly.entity_id                      1 
_entity_poly.type                           polyribonucleotide 
_entity_poly.nstd_linkage                   no 
_entity_poly.nstd_monomer                   yes 
_entity_poly.pdbx_seq_one_letter_code       '(LCC)(LCC)(LCC)GACUUAAGUCG' 
_entity_poly.pdbx_seq_one_letter_code_can   NNNGACUUAAGUCG 
_entity_poly.pdbx_strand_id                 A,B 
_entity_poly.pdbx_target_identifier         ? 
# 
loop_
_entity_poly_seq.entity_id 
_entity_poly_seq.num 
_entity_poly_seq.mon_id 
_entity_poly_seq.hetero 
1 1  LCC n 
1 2  LCC n 
1 3  LCC n 
1 4  G   n 
1 5  A   n 
1 6  C   n 
1 7  U   n 
1 8  U   n 
1 9  A   n 
1 10 A   n 
1 11 G   n 
1 12 U   n 
1 13 C   n 
1 14 G   n 
# 
_pdbx_entity_src_syn.entity_id              1 
_pdbx_entity_src_syn.pdbx_src_id            1 
_pdbx_entity_src_syn.pdbx_alt_source_flag   sample 
_pdbx_entity_src_syn.pdbx_beg_seq_num       1 
_pdbx_entity_src_syn.pdbx_end_seq_num       14 
_pdbx_entity_src_syn.organism_scientific    'synthetic construct' 
_pdbx_entity_src_syn.organism_common_name   ? 
_pdbx_entity_src_syn.ncbi_taxonomy_id       32630 
_pdbx_entity_src_syn.details                ? 
# 
_struct_ref.id                         1 
_struct_ref.db_name                    PDB 
_struct_ref.db_code                    5UEE 
_struct_ref.pdbx_db_accession          5UEE 
_struct_ref.pdbx_db_isoform            ? 
_struct_ref.entity_id                  1 
_struct_ref.pdbx_seq_one_letter_code   ? 
_struct_ref.pdbx_align_begin           1 
# 
loop_
_struct_ref_seq.align_id 
_struct_ref_seq.ref_id 
_struct_ref_seq.pdbx_PDB_id_code 
_struct_ref_seq.pdbx_strand_id 
_struct_ref_seq.seq_align_beg 
_struct_ref_seq.pdbx_seq_align_beg_ins_code 
_struct_ref_seq.seq_align_end 
_struct_ref_seq.pdbx_seq_align_end_ins_code 
_struct_ref_seq.pdbx_db_accession 
_struct_ref_seq.db_align_beg 
_struct_ref_seq.pdbx_db_align_beg_ins_code 
_struct_ref_seq.db_align_end 
_struct_ref_seq.pdbx_db_align_end_ins_code 
_struct_ref_seq.pdbx_auth_seq_align_beg 
_struct_ref_seq.pdbx_auth_seq_align_end 
1 1 5UEE A 1 ? 14 ? 5UEE 1 ? 14 ? 1 14 
2 1 5UEE B 1 ? 14 ? 5UEE 1 ? 14 ? 1 14 
# 
loop_
_chem_comp.id 
_chem_comp.type 
_chem_comp.mon_nstd_flag 
_chem_comp.name 
_chem_comp.pdbx_synonyms 
_chem_comp.formula 
_chem_comp.formula_weight 
A   'RNA linking' y "ADENOSINE-5'-MONOPHOSPHATE" ? 'C10 H14 N5 O7 P'    347.221 
C   'RNA linking' y "CYTIDINE-5'-MONOPHOSPHATE" ? 'C9 H14 N3 O8 P'     323.197 
G   'RNA linking' y "GUANOSINE-5'-MONOPHOSPHATE" ? 'C10 H14 N5 O8 P'    363.221 
GP3 non-polymer   . "DIGUANOSINE-5'-TRIPHOSPHATE" ? 'C20 H27 N10 O18 P3' 788.406 
HOH non-polymer   . WATER ? 'H2 O'               18.015  
LCC 'RNA linking' . 
'[(1R,3R,4R,7S)-7-HYDROXY-3-(5-METHYLCYTOSIN-1-YL)-2,5-DIOXABICYCLO[2.2.1]HEPT-1-YL]METHYL DIHYDROGEN PHOSPHATE' ? 
'C11 H16 N3 O8 P'    349.234 
MG  non-polymer   . 'MAGNESIUM ION' ? 'Mg 2'               24.305  
U   'RNA linking' y "URIDINE-5'-MONOPHOSPHATE" ? 'C9 H13 N2 O9 P'     324.181 
# 
_exptl.absorpt_coefficient_mu     ? 
_exptl.absorpt_correction_T_max   ? 
_exptl.absorpt_correction_T_min   ? 
_exptl.absorpt_correction_type    ? 
_exptl.absorpt_process_details    ? 
_exptl.entry_id                   5UEE 
_exptl.crystals_number            1 
_exptl.details                    ? 
_exptl.method                     'X-RAY DIFFRACTION' 
_exptl.method_details             ? 
# 
_exptl_crystal.colour                      ? 
_exptl_crystal.density_diffrn              ? 
_exptl_crystal.density_Matthews            2.94 
_exptl_crystal.density_method              ? 
_exptl_crystal.density_percent_sol         58.15 
_exptl_crystal.description                 ? 
_exptl_crystal.F_000                       ? 
_exptl_crystal.id                          1 
_exptl_crystal.preparation                 ? 
_exptl_crystal.size_max                    ? 
_exptl_crystal.size_mid                    ? 
_exptl_crystal.size_min                    ? 
_exptl_crystal.size_rad                    ? 
_exptl_crystal.colour_lustre               ? 
_exptl_crystal.colour_modifier             ? 
_exptl_crystal.colour_primary              ? 
_exptl_crystal.density_meas                ? 
_exptl_crystal.density_meas_esd            ? 
_exptl_crystal.density_meas_gt             ? 
_exptl_crystal.density_meas_lt             ? 
_exptl_crystal.density_meas_temp           ? 
_exptl_crystal.density_meas_temp_esd       ? 
_exptl_crystal.density_meas_temp_gt        ? 
_exptl_crystal.density_meas_temp_lt        ? 
_exptl_crystal.pdbx_crystal_image_url      ? 
_exptl_crystal.pdbx_crystal_image_format   ? 
_exptl_crystal.pdbx_mosaicity              ? 
_exptl_crystal.pdbx_mosaicity_esd          ? 
# 
_exptl_crystal_grow.apparatus       ? 
_exptl_crystal_grow.atmosphere      ? 
_exptl_crystal_grow.crystal_id      1 
_exptl_crystal_grow.details         ? 
_exptl_crystal_grow.method          'VAPOR DIFFUSION, SITTING DROP' 
_exptl_crystal_grow.method_ref      ? 
_exptl_crystal_grow.pH              6.5 
_exptl_crystal_grow.pressure        ? 
_exptl_crystal_grow.pressure_esd    ? 
_exptl_crystal_grow.seeding         ? 
_exptl_crystal_grow.seeding_ref     ? 
_exptl_crystal_grow.temp            293 
_exptl_crystal_grow.temp_details    ? 
_exptl_crystal_grow.temp_esd        ? 
_exptl_crystal_grow.time            ? 
_exptl_crystal_grow.pdbx_details    '0.05 M Magnesium chloride, 0.1 M Imidazole pH 6.5, 1.0 M Sodium acetate trihydrate' 
_exptl_crystal_grow.pdbx_pH_range   ? 
# 
_diffrn.ambient_environment    ? 
_diffrn.ambient_temp           99 
_diffrn.ambient_temp_details   ? 
_diffrn.ambient_temp_esd       ? 
_diffrn.crystal_id             1 
_diffrn.crystal_support        ? 
_diffrn.crystal_treatment      ? 
_diffrn.details                ? 
_diffrn.id                     1 
_diffrn.ambient_pressure       ? 
_diffrn.ambient_pressure_esd   ? 
_diffrn.ambient_pressure_gt    ? 
_diffrn.ambient_pressure_lt    ? 
_diffrn.ambient_temp_gt        ? 
_diffrn.ambient_temp_lt        ? 
# 
_diffrn_detector.details                      ? 
_diffrn_detector.detector                     CCD 
_diffrn_detector.diffrn_id                    1 
_diffrn_detector.type                         'ADSC QUANTUM 315' 
_diffrn_detector.area_resol_mean              ? 
_diffrn_detector.dtime                        ? 
_diffrn_detector.pdbx_frames_total            ? 
_diffrn_detector.pdbx_collection_time_total   ? 
_diffrn_detector.pdbx_collection_date         2016-07-20 
# 
_diffrn_radiation.collimation                      ? 
_diffrn_radiation.diffrn_id                        1 
_diffrn_radiation.filter_edge                      ? 
_diffrn_radiation.inhomogeneity                    ? 
_diffrn_radiation.monochromator                    ? 
_diffrn_radiation.polarisn_norm                    ? 
_diffrn_radiation.polarisn_ratio                   ? 
_diffrn_radiation.probe                            ? 
_diffrn_radiation.type                             ? 
_diffrn_radiation.xray_symbol                      ? 
_diffrn_radiation.wavelength_id                    1 
_diffrn_radiation.pdbx_monochromatic_or_laue_m_l   M 
_diffrn_radiation.pdbx_wavelength_list             ? 
_diffrn_radiation.pdbx_wavelength                  ? 
_diffrn_radiation.pdbx_diffrn_protocol             'SINGLE WAVELENGTH' 
_diffrn_radiation.pdbx_analyzer                    ? 
_diffrn_radiation.pdbx_scattering_type             x-ray 
# 
_diffrn_radiation_wavelength.id           1 
_diffrn_radiation_wavelength.wavelength   0.997 
_diffrn_radiation_wavelength.wt           1.0 
# 
_diffrn_source.current                     ? 
_diffrn_source.details                     ? 
_diffrn_source.diffrn_id                   1 
_diffrn_source.power                       ? 
_diffrn_source.size                        ? 
_diffrn_source.source                      SYNCHROTRON 
_diffrn_source.target                      ? 
_diffrn_source.type                        'ALS BEAMLINE 8.2.2' 
_diffrn_source.voltage                     ? 
_diffrn_source.take-off_angle              ? 
_diffrn_source.pdbx_wavelength_list        0.997 
_diffrn_source.pdbx_wavelength             ? 
_diffrn_source.pdbx_synchrotron_beamline   8.2.2 
_diffrn_source.pdbx_synchrotron_site       ALS 
# 
_reflns.B_iso_Wilson_estimate            ? 
_reflns.entry_id                         5UEE 
_reflns.data_reduction_details           ? 
_reflns.data_reduction_method            ? 
_reflns.d_resolution_high                1.9 
_reflns.d_resolution_low                 50 
_reflns.details                          ? 
_reflns.limit_h_max                      ? 
_reflns.limit_h_min                      ? 
_reflns.limit_k_max                      ? 
_reflns.limit_k_min                      ? 
_reflns.limit_l_max                      ? 
_reflns.limit_l_min                      ? 
_reflns.number_all                       ? 
_reflns.number_obs                       8742 
_reflns.observed_criterion               ? 
_reflns.observed_criterion_F_max         ? 
_reflns.observed_criterion_F_min         ? 
_reflns.observed_criterion_I_max         ? 
_reflns.observed_criterion_I_min         ? 
_reflns.observed_criterion_sigma_F       ? 
_reflns.observed_criterion_sigma_I       ? 
_reflns.percent_possible_obs             99.4 
_reflns.R_free_details                   ? 
_reflns.Rmerge_F_all                     ? 
_reflns.Rmerge_F_obs                     ? 
_reflns.Friedel_coverage                 ? 
_reflns.number_gt                        ? 
_reflns.threshold_expression             ? 
_reflns.pdbx_redundancy                  9.1 
_reflns.pdbx_Rmerge_I_obs                0.063 
_reflns.pdbx_Rmerge_I_all                ? 
_reflns.pdbx_Rsym_value                  ? 
_reflns.pdbx_netI_over_av_sigmaI         ? 
_reflns.pdbx_netI_over_sigmaI            35.3 
_reflns.pdbx_res_netI_over_av_sigmaI_2   ? 
_reflns.pdbx_res_netI_over_sigmaI_2      ? 
_reflns.pdbx_chi_squared                 ? 
_reflns.pdbx_scaling_rejects             ? 
_reflns.pdbx_d_res_high_opt              ? 
_reflns.pdbx_d_res_low_opt               ? 
_reflns.pdbx_d_res_opt_method            ? 
_reflns.phase_calculation_details        ? 
_reflns.pdbx_Rrim_I_all                  ? 
_reflns.pdbx_Rpim_I_all                  ? 
_reflns.pdbx_d_opt                       ? 
_reflns.pdbx_number_measured_all         ? 
_reflns.pdbx_diffrn_id                   1 
_reflns.pdbx_ordinal                     1 
_reflns.pdbx_CC_half                     0.979 
_reflns.pdbx_R_split                     ? 
# 
_reflns_shell.d_res_high                  1.90 
_reflns_shell.d_res_low                   1.97 
_reflns_shell.meanI_over_sigI_all         ? 
_reflns_shell.meanI_over_sigI_obs         1.86 
_reflns_shell.number_measured_all         ? 
_reflns_shell.number_measured_obs         ? 
_reflns_shell.number_possible             ? 
_reflns_shell.number_unique_all           ? 
_reflns_shell.number_unique_obs           ? 
_reflns_shell.percent_possible_all        94.4 
_reflns_shell.percent_possible_obs        ? 
_reflns_shell.Rmerge_F_all                ? 
_reflns_shell.Rmerge_F_obs                ? 
_reflns_shell.Rmerge_I_all                ? 
_reflns_shell.Rmerge_I_obs                0.464 
_reflns_shell.meanI_over_sigI_gt          ? 
_reflns_shell.meanI_over_uI_all           ? 
_reflns_shell.meanI_over_uI_gt            ? 
_reflns_shell.number_measured_gt          ? 
_reflns_shell.number_unique_gt            ? 
_reflns_shell.percent_possible_gt         ? 
_reflns_shell.Rmerge_F_gt                 ? 
_reflns_shell.Rmerge_I_gt                 ? 
_reflns_shell.pdbx_redundancy             4.5 
_reflns_shell.pdbx_Rsym_value             ? 
_reflns_shell.pdbx_chi_squared            ? 
_reflns_shell.pdbx_netI_over_sigmaI_all   ? 
_reflns_shell.pdbx_netI_over_sigmaI_obs   ? 
_reflns_shell.pdbx_Rrim_I_all             ? 
_reflns_shell.pdbx_Rpim_I_all             ? 
_reflns_shell.pdbx_rejects                ? 
_reflns_shell.pdbx_ordinal                1 
_reflns_shell.pdbx_diffrn_id              1 
_reflns_shell.pdbx_CC_half                0.902 
_reflns_shell.pdbx_R_split                ? 
# 
_refine.aniso_B[1][1]                            0.01 
_refine.aniso_B[1][2]                            0.01 
_refine.aniso_B[1][3]                            0.00 
_refine.aniso_B[2][2]                            0.01 
_refine.aniso_B[2][3]                            -0.00 
_refine.aniso_B[3][3]                            -0.03 
_refine.B_iso_max                                ? 
_refine.B_iso_mean                               32.419 
_refine.B_iso_min                                ? 
_refine.correlation_coeff_Fo_to_Fc               0.958 
_refine.correlation_coeff_Fo_to_Fc_free          0.939 
_refine.details                                  'HYDROGENS HAVE BEEN ADDED IN THE RIDING POSITIONS' 
_refine.diff_density_max                         ? 
_refine.diff_density_max_esd                     ? 
_refine.diff_density_min                         ? 
_refine.diff_density_min_esd                     ? 
_refine.diff_density_rms                         ? 
_refine.diff_density_rms_esd                     ? 
_refine.entry_id                                 5UEE 
_refine.pdbx_refine_id                           'X-RAY DIFFRACTION' 
_refine.ls_abs_structure_details                 ? 
_refine.ls_abs_structure_Flack                   ? 
_refine.ls_abs_structure_Flack_esd               ? 
_refine.ls_abs_structure_Rogers                  ? 
_refine.ls_abs_structure_Rogers_esd              ? 
_refine.ls_d_res_high                            1.90 
_refine.ls_d_res_low                             50 
_refine.ls_extinction_coef                       ? 
_refine.ls_extinction_coef_esd                   ? 
_refine.ls_extinction_expression                 ? 
_refine.ls_extinction_method                     ? 
_refine.ls_goodness_of_fit_all                   ? 
_refine.ls_goodness_of_fit_all_esd               ? 
_refine.ls_goodness_of_fit_obs                   ? 
_refine.ls_goodness_of_fit_obs_esd               ? 
_refine.ls_hydrogen_treatment                    ? 
_refine.ls_matrix_type                           ? 
_refine.ls_number_constraints                    ? 
_refine.ls_number_parameters                     ? 
_refine.ls_number_reflns_all                     ? 
_refine.ls_number_reflns_obs                     8299 
_refine.ls_number_reflns_R_free                  442 
_refine.ls_number_reflns_R_work                  ? 
_refine.ls_number_restraints                     ? 
_refine.ls_percent_reflns_obs                    99.27 
_refine.ls_percent_reflns_R_free                 5.1 
_refine.ls_R_factor_all                          ? 
_refine.ls_R_factor_obs                          0.23406 
_refine.ls_R_factor_R_free                       0.27469 
_refine.ls_R_factor_R_free_error                 ? 
_refine.ls_R_factor_R_free_error_details         ? 
_refine.ls_R_factor_R_work                       0.23197 
_refine.ls_R_Fsqd_factor_obs                     ? 
_refine.ls_R_I_factor_obs                        ? 
_refine.ls_redundancy_reflns_all                 ? 
_refine.ls_redundancy_reflns_obs                 ? 
_refine.ls_restrained_S_all                      ? 
_refine.ls_restrained_S_obs                      ? 
_refine.ls_shift_over_esd_max                    ? 
_refine.ls_shift_over_esd_mean                   ? 
_refine.ls_structure_factor_coef                 ? 
_refine.ls_weighting_details                     ? 
_refine.ls_weighting_scheme                      ? 
_refine.ls_wR_factor_all                         ? 
_refine.ls_wR_factor_obs                         ? 
_refine.ls_wR_factor_R_free                      ? 
_refine.ls_wR_factor_R_work                      ? 
_refine.occupancy_max                            ? 
_refine.occupancy_min                            ? 
_refine.solvent_model_details                    ? 
_refine.solvent_model_param_bsol                 ? 
_refine.solvent_model_param_ksol                 ? 
_refine.ls_R_factor_gt                           ? 
_refine.ls_goodness_of_fit_gt                    ? 
_refine.ls_goodness_of_fit_ref                   ? 
_refine.ls_shift_over_su_max                     ? 
_refine.ls_shift_over_su_max_lt                  ? 
_refine.ls_shift_over_su_mean                    ? 
_refine.ls_shift_over_su_mean_lt                 ? 
_refine.pdbx_ls_sigma_I                          ? 
_refine.pdbx_ls_sigma_F                          ? 
_refine.pdbx_ls_sigma_Fsqd                       ? 
_refine.pdbx_data_cutoff_high_absF               ? 
_refine.pdbx_data_cutoff_high_rms_absF           ? 
_refine.pdbx_data_cutoff_low_absF                ? 
_refine.pdbx_isotropic_thermal_model             ? 
_refine.pdbx_ls_cross_valid_method               THROUGHOUT 
_refine.pdbx_method_to_determine_struct          'MOLECULAR REPLACEMENT' 
_refine.pdbx_starting_model                      5dhc 
_refine.pdbx_stereochemistry_target_values       ? 
_refine.pdbx_R_Free_selection_details            RANDOM 
_refine.pdbx_stereochem_target_val_spec_case     ? 
_refine.pdbx_overall_ESU_R                       0.165 
_refine.pdbx_overall_ESU_R_Free                  0.158 
_refine.pdbx_solvent_vdw_probe_radii             1.20 
_refine.pdbx_solvent_ion_probe_radii             0.80 
_refine.pdbx_solvent_shrinkage_radii             0.80 
_refine.pdbx_real_space_R                        ? 
_refine.pdbx_density_correlation                 ? 
_refine.pdbx_pd_number_of_powder_patterns        ? 
_refine.pdbx_pd_number_of_points                 ? 
_refine.pdbx_pd_meas_number_of_points            ? 
_refine.pdbx_pd_proc_ls_prof_R_factor            ? 
_refine.pdbx_pd_proc_ls_prof_wR_factor           ? 
_refine.pdbx_pd_Marquardt_correlation_coeff      ? 
_refine.pdbx_pd_Fsqrd_R_factor                   ? 
_refine.pdbx_pd_ls_matrix_band_width             ? 
_refine.pdbx_overall_phase_error                 ? 
_refine.pdbx_overall_SU_R_free_Cruickshank_DPI   ? 
_refine.pdbx_overall_SU_R_free_Blow_DPI          ? 
_refine.pdbx_overall_SU_R_Blow_DPI               ? 
_refine.pdbx_TLS_residual_ADP_flag               ? 
_refine.pdbx_diffrn_id                           1 
_refine.overall_SU_B                             4.456 
_refine.overall_SU_ML                            0.122 
_refine.overall_SU_R_Cruickshank_DPI             ? 
_refine.overall_SU_R_free                        ? 
_refine.overall_FOM_free_R_set                   ? 
_refine.overall_FOM_work_R_set                   ? 
_refine.pdbx_average_fsc_overall                 ? 
_refine.pdbx_average_fsc_work                    ? 
_refine.pdbx_average_fsc_free                    ? 
# 
_refine_hist.pdbx_refine_id                   'X-RAY DIFFRACTION' 
_refine_hist.cycle_id                         1 
_refine_hist.pdbx_number_atoms_protein        0 
_refine_hist.pdbx_number_atoms_nucleic_acid   596 
_refine_hist.pdbx_number_atoms_ligand         108 
_refine_hist.number_atoms_solvent             23 
_refine_hist.number_atoms_total               727 
_refine_hist.d_res_high                       1.90 
_refine_hist.d_res_low                        50 
# 
loop_
_refine_ls_restr.pdbx_refine_id 
_refine_ls_restr.criterion 
_refine_ls_restr.dev_ideal 
_refine_ls_restr.dev_ideal_target 
_refine_ls_restr.number 
_refine_ls_restr.rejects 
_refine_ls_restr.type 
_refine_ls_restr.weight 
_refine_ls_restr.pdbx_restraint_function 
'X-RAY DIFFRACTION' ? 0.021 0.016  774  ? r_bond_refined_d             ? ? 
'X-RAY DIFFRACTION' ? 0.055 0.023  336  ? r_bond_other_d               ? ? 
'X-RAY DIFFRACTION' ? 2.659 1.854  1202 ? r_angle_refined_deg          ? ? 
'X-RAY DIFFRACTION' ? 3.563 3.224  810  ? r_angle_other_deg            ? ? 
'X-RAY DIFFRACTION' ? ?     ?      ?    ? r_dihedral_angle_1_deg       ? ? 
'X-RAY DIFFRACTION' ? ?     ?      ?    ? r_dihedral_angle_2_deg       ? ? 
'X-RAY DIFFRACTION' ? ?     ?      ?    ? r_dihedral_angle_3_deg       ? ? 
'X-RAY DIFFRACTION' ? ?     ?      ?    ? r_dihedral_angle_4_deg       ? ? 
'X-RAY DIFFRACTION' ? 0.136 0.200  138  ? r_chiral_restr               ? ? 
'X-RAY DIFFRACTION' ? 0.017 0.021  388  ? r_gen_planes_refined         ? ? 
'X-RAY DIFFRACTION' ? 0.002 0.021  148  ? r_gen_planes_other           ? ? 
'X-RAY DIFFRACTION' ? ?     ?      ?    ? r_nbd_refined                ? ? 
'X-RAY DIFFRACTION' ? ?     ?      ?    ? r_nbd_other                  ? ? 
'X-RAY DIFFRACTION' ? ?     ?      ?    ? r_nbtor_refined              ? ? 
'X-RAY DIFFRACTION' ? ?     ?      ?    ? r_nbtor_other                ? ? 
'X-RAY DIFFRACTION' ? ?     ?      ?    ? r_xyhbond_nbd_refined        ? ? 
'X-RAY DIFFRACTION' ? ?     ?      ?    ? r_xyhbond_nbd_other          ? ? 
'X-RAY DIFFRACTION' ? ?     ?      ?    ? r_metal_ion_refined          ? ? 
'X-RAY DIFFRACTION' ? ?     ?      ?    ? r_metal_ion_other            ? ? 
'X-RAY DIFFRACTION' ? ?     ?      ?    ? r_symmetry_vdw_refined       ? ? 
'X-RAY DIFFRACTION' ? ?     ?      ?    ? r_symmetry_vdw_other         ? ? 
'X-RAY DIFFRACTION' ? ?     ?      ?    ? r_symmetry_hbond_refined     ? ? 
'X-RAY DIFFRACTION' ? ?     ?      ?    ? r_symmetry_hbond_other       ? ? 
'X-RAY DIFFRACTION' ? ?     ?      ?    ? r_symmetry_metal_ion_refined ? ? 
'X-RAY DIFFRACTION' ? ?     ?      ?    ? r_symmetry_metal_ion_other   ? ? 
'X-RAY DIFFRACTION' ? ?     ?      ?    ? r_mcbond_it                  ? ? 
'X-RAY DIFFRACTION' ? ?     ?      ?    ? r_mcbond_other               ? ? 
'X-RAY DIFFRACTION' ? ?     ?      ?    ? r_mcangle_it                 ? ? 
'X-RAY DIFFRACTION' ? ?     ?      ?    ? r_mcangle_other              ? ? 
'X-RAY DIFFRACTION' ? 3.180 3.423  774  ? r_scbond_it                  ? ? 
'X-RAY DIFFRACTION' ? 3.178 3.423  775  ? r_scbond_other               ? ? 
'X-RAY DIFFRACTION' ? ?     ?      ?    ? r_scangle_it                 ? ? 
'X-RAY DIFFRACTION' ? 4.173 5.150  1203 ? r_scangle_other              ? ? 
'X-RAY DIFFRACTION' ? 5.839 33.556 1121 ? r_long_range_B_refined       ? ? 
'X-RAY DIFFRACTION' ? 5.839 33.543 1120 ? r_long_range_B_other         ? ? 
'X-RAY DIFFRACTION' ? ?     ?      ?    ? r_rigid_bond_restr           ? ? 
'X-RAY DIFFRACTION' ? ?     ?      ?    ? r_sphericity_free            ? ? 
'X-RAY DIFFRACTION' ? ?     ?      ?    ? r_sphericity_bonded          ? ? 
# 
_refine_ls_shell.pdbx_refine_id                   'X-RAY DIFFRACTION' 
_refine_ls_shell.d_res_high                       1.903 
_refine_ls_shell.d_res_low                        1.952 
_refine_ls_shell.number_reflns_all                ? 
_refine_ls_shell.number_reflns_obs                ? 
_refine_ls_shell.number_reflns_R_free             14 
_refine_ls_shell.number_reflns_R_work             574 
_refine_ls_shell.percent_reflns_obs               92.31 
_refine_ls_shell.percent_reflns_R_free            ? 
_refine_ls_shell.R_factor_all                     ? 
_refine_ls_shell.R_factor_obs                     ? 
_refine_ls_shell.R_factor_R_free                  0.481 
_refine_ls_shell.R_factor_R_free_error            ? 
_refine_ls_shell.R_factor_R_work                  0.342 
_refine_ls_shell.redundancy_reflns_all            ? 
_refine_ls_shell.redundancy_reflns_obs            ? 
_refine_ls_shell.wR_factor_all                    ? 
_refine_ls_shell.wR_factor_obs                    ? 
_refine_ls_shell.wR_factor_R_free                 ? 
_refine_ls_shell.wR_factor_R_work                 ? 
_refine_ls_shell.pdbx_total_number_of_bins_used   20 
_refine_ls_shell.pdbx_phase_error                 ? 
_refine_ls_shell.pdbx_fsc_work                    ? 
_refine_ls_shell.pdbx_fsc_free                    ? 
# 
_struct.entry_id                     5UEE 
_struct.title                        
;RNA primer-template complex with guanosine dinucleotide ligand G(5')ppp(5')G
;
_struct.pdbx_model_details           ? 
_struct.pdbx_formula_weight          ? 
_struct.pdbx_formula_weight_method   ? 
_struct.pdbx_model_type_details      ? 
_struct.pdbx_CASP_flag               N 
# 
_struct_keywords.entry_id        5UEE 
_struct_keywords.text            'RNA, dinucleotide' 
_struct_keywords.pdbx_keywords   RNA 
# 
loop_
_struct_asym.id 
_struct_asym.pdbx_blank_PDB_chainid_flag 
_struct_asym.pdbx_modified 
_struct_asym.entity_id 
_struct_asym.details 
A N N 1 ? 
B N N 1 ? 
C N N 2 ? 
D N N 3 ? 
E N N 3 ? 
F N N 3 ? 
G N N 2 ? 
H N N 3 ? 
I N N 3 ? 
J N N 3 ? 
K N N 4 ? 
L N N 4 ? 
# 
loop_
_struct_conn.id 
_struct_conn.conn_type_id 
_struct_conn.pdbx_leaving_atom_flag 
_struct_conn.pdbx_PDB_id 
_struct_conn.ptnr1_label_asym_id 
_struct_conn.ptnr1_label_comp_id 
_struct_conn.ptnr1_label_seq_id 
_struct_conn.ptnr1_label_atom_id 
_struct_conn.pdbx_ptnr1_label_alt_id 
_struct_conn.pdbx_ptnr1_PDB_ins_code 
_struct_conn.pdbx_ptnr1_standard_comp_id 
_struct_conn.ptnr1_symmetry 
_struct_conn.ptnr2_label_asym_id 
_struct_conn.ptnr2_label_comp_id 
_struct_conn.ptnr2_label_seq_id 
_struct_conn.ptnr2_label_atom_id 
_struct_conn.pdbx_ptnr2_label_alt_id 
_struct_conn.pdbx_ptnr2_PDB_ins_code 
_struct_conn.ptnr1_auth_asym_id 
_struct_conn.ptnr1_auth_comp_id 
_struct_conn.ptnr1_auth_seq_id 
_struct_conn.ptnr2_auth_asym_id 
_struct_conn.ptnr2_auth_comp_id 
_struct_conn.ptnr2_auth_seq_id 
_struct_conn.ptnr2_symmetry 
_struct_conn.pdbx_ptnr3_label_atom_id 
_struct_conn.pdbx_ptnr3_label_seq_id 
_struct_conn.pdbx_ptnr3_label_comp_id 
_struct_conn.pdbx_ptnr3_label_asym_id 
_struct_conn.pdbx_ptnr3_label_alt_id 
_struct_conn.pdbx_ptnr3_PDB_ins_code 
_struct_conn.details 
_struct_conn.pdbx_dist_value 
_struct_conn.pdbx_value_order 
_struct_conn.pdbx_role 
covale1  covale both ? A LCC 1  "O3'" ? ? ? 1_555 A LCC 2  P   ? ? A LCC 1   A LCC 2   1_555 ? ? ? ? ? ? ?            1.685 ? ? 
covale2  covale both ? A LCC 2  "O3'" ? ? ? 1_555 A LCC 3  P   ? ? A LCC 2   A LCC 3   1_555 ? ? ? ? ? ? ?            1.695 ? ? 
covale3  covale both ? A LCC 3  "O3'" ? ? ? 1_555 A G   4  P   ? ? A LCC 3   A G   4   1_555 ? ? ? ? ? ? ?            1.662 ? ? 
covale4  covale both ? B LCC 1  "O3'" ? ? ? 1_555 B LCC 2  P   ? ? B LCC 1   B LCC 2   1_555 ? ? ? ? ? ? ?            1.643 ? ? 
covale5  covale both ? B LCC 2  "O3'" ? ? ? 1_555 B LCC 3  P   ? ? B LCC 2   B LCC 3   1_555 ? ? ? ? ? ? ?            1.688 ? ? 
covale6  covale both ? B LCC 3  "O3'" ? ? ? 1_555 B G   4  P   ? ? B LCC 3   B G   4   1_555 ? ? ? ? ? ? ?            1.614 ? ? 
metalc1  metalc ?    ? C GP3 .  O3D   ? ? ? 1_555 H MG  .  MG  ? ? A GP3 101 B MG  102 1_555 ? ? ? ? ? ? ?            2.374 ? ? 
metalc2  metalc ?    ? C GP3 .  O2D   ? ? ? 1_555 H MG  .  MG  ? ? A GP3 101 B MG  102 1_555 ? ? ? ? ? ? ?            2.397 ? ? 
metalc3  metalc ?    ? C GP3 .  O3D   ? ? ? 1_555 H MG  .  MG  ? ? A GP3 101 B MG  102 3_565 ? ? ? ? ? ? ?            2.344 ? ? 
metalc4  metalc ?    ? C GP3 .  O2D   ? ? ? 1_555 H MG  .  MG  ? ? A GP3 101 B MG  102 2_665 ? ? ? ? ? ? ?            2.368 ? ? 
metalc5  metalc ?    ? C GP3 .  O2A   ? ? ? 1_555 I MG  .  MG  ? ? A GP3 101 B MG  103 1_555 ? ? ? ? ? ? ?            2.321 ? ? 
metalc6  metalc ?    ? C GP3 .  O2B   ? ? ? 1_555 I MG  .  MG  ? ? A GP3 101 B MG  103 1_555 ? ? ? ? ? ? ?            2.535 ? ? 
metalc7  metalc ?    ? C GP3 .  O2G   ? ? ? 1_555 I MG  .  MG  ? ? A GP3 101 B MG  103 1_555 ? ? ? ? ? ? ?            2.978 ? ? 
metalc8  metalc ?    ? C GP3 .  O2A   ? ? ? 1_555 J MG  .  MG  ? ? A GP3 101 B MG  104 1_555 ? ? ? ? ? ? ?            2.274 ? ? 
metalc9  metalc ?    ? C GP3 .  O3E   ? ? ? 1_555 J MG  .  MG  ? ? A GP3 101 B MG  104 3_565 ? ? ? ? ? ? ?            2.344 ? ? 
metalc10 metalc ?    ? C GP3 .  O2E   ? ? ? 1_555 J MG  .  MG  ? ? A GP3 101 B MG  104 3_565 ? ? ? ? ? ? ?            2.353 ? ? 
metalc11 metalc ?    ? D MG  .  MG    ? ? ? 1_555 G GP3 .  O3D ? ? A MG  102 B GP3 101 1_555 ? ? ? ? ? ? ?            2.398 ? ? 
metalc12 metalc ?    ? D MG  .  MG    ? ? ? 1_555 G GP3 .  O2D ? ? A MG  102 B GP3 101 1_555 ? ? ? ? ? ? ?            2.378 ? ? 
metalc13 metalc ?    ? D MG  .  MG    ? ? ? 1_555 G GP3 .  O3D ? ? A MG  102 B GP3 101 3_565 ? ? ? ? ? ? ?            2.368 ? ? 
metalc14 metalc ?    ? D MG  .  MG    ? ? ? 1_555 G GP3 .  O2D ? ? A MG  102 B GP3 101 2_665 ? ? ? ? ? ? ?            2.349 ? ? 
metalc15 metalc ?    ? E MG  .  MG    ? ? ? 1_555 G GP3 .  O2B ? ? A MG  103 B GP3 101 1_555 ? ? ? ? ? ? ?            2.385 ? ? 
metalc16 metalc ?    ? E MG  .  MG    ? ? ? 1_555 G GP3 .  O2A ? ? A MG  103 B GP3 101 1_555 ? ? ? ? ? ? ?            2.407 ? ? 
metalc17 metalc ?    ? F MG  .  MG    ? ? ? 1_555 G GP3 .  O2A ? ? A MG  104 B GP3 101 1_555 ? ? ? ? ? ? ?            2.210 ? ? 
metalc18 metalc ?    ? F MG  .  MG    ? ? ? 1_555 G GP3 .  O2E ? ? A MG  104 B GP3 101 3_565 ? ? ? ? ? ? ?            2.333 ? ? 
metalc19 metalc ?    ? F MG  .  MG    ? ? ? 1_555 G GP3 .  O3E ? ? A MG  104 B GP3 101 3_565 ? ? ? ? ? ? ?            2.331 ? ? 
metalc20 metalc ?    ? K HOH .  O     ? ? ? 1_555 J MG  .  MG  ? ? A HOH 208 B MG  104 1_555 ? ? ? ? ? ? ?            2.928 ? ? 
hydrog1  hydrog ?    ? A G   4  N1    ? ? ? 1_555 B C   13 N3  ? ? A G   4   B C   13  1_555 ? ? ? ? ? ? WATSON-CRICK ?     ? ? 
hydrog2  hydrog ?    ? A G   4  N2    ? ? ? 1_555 B C   13 O2  ? ? A G   4   B C   13  1_555 ? ? ? ? ? ? WATSON-CRICK ?     ? ? 
hydrog3  hydrog ?    ? A G   4  O6    ? ? ? 1_555 B C   13 N4  ? ? A G   4   B C   13  1_555 ? ? ? ? ? ? WATSON-CRICK ?     ? ? 
hydrog4  hydrog ?    ? A A   5  N1    ? ? ? 1_555 B U   12 N3  ? ? A A   5   B U   12  1_555 ? ? ? ? ? ? WATSON-CRICK ?     ? ? 
hydrog5  hydrog ?    ? A A   5  N6    ? ? ? 1_555 B U   12 O4  ? ? A A   5   B U   12  1_555 ? ? ? ? ? ? WATSON-CRICK ?     ? ? 
hydrog6  hydrog ?    ? A C   6  N3    ? ? ? 1_555 B G   11 N1  ? ? A C   6   B G   11  1_555 ? ? ? ? ? ? WATSON-CRICK ?     ? ? 
hydrog7  hydrog ?    ? A C   6  N4    ? ? ? 1_555 B G   11 O6  ? ? A C   6   B G   11  1_555 ? ? ? ? ? ? WATSON-CRICK ?     ? ? 
hydrog8  hydrog ?    ? A C   6  O2    ? ? ? 1_555 B G   11 N2  ? ? A C   6   B G   11  1_555 ? ? ? ? ? ? WATSON-CRICK ?     ? ? 
hydrog9  hydrog ?    ? A U   7  N3    ? ? ? 1_555 B A   10 N1  ? ? A U   7   B A   10  1_555 ? ? ? ? ? ? WATSON-CRICK ?     ? ? 
hydrog10 hydrog ?    ? A U   7  O4    ? ? ? 1_555 B A   10 N6  ? ? A U   7   B A   10  1_555 ? ? ? ? ? ? WATSON-CRICK ?     ? ? 
hydrog11 hydrog ?    ? A U   8  N3    ? ? ? 1_555 B A   9  N1  ? ? A U   8   B A   9   1_555 ? ? ? ? ? ? WATSON-CRICK ?     ? ? 
hydrog12 hydrog ?    ? A U   8  O4    ? ? ? 1_555 B A   9  N6  ? ? A U   8   B A   9   1_555 ? ? ? ? ? ? WATSON-CRICK ?     ? ? 
hydrog13 hydrog ?    ? A A   9  N1    ? ? ? 1_555 B U   8  N3  ? ? A A   9   B U   8   1_555 ? ? ? ? ? ? WATSON-CRICK ?     ? ? 
hydrog14 hydrog ?    ? A A   9  N6    ? ? ? 1_555 B U   8  O4  ? ? A A   9   B U   8   1_555 ? ? ? ? ? ? WATSON-CRICK ?     ? ? 
hydrog15 hydrog ?    ? A A   10 N1    ? ? ? 1_555 B U   7  N3  ? ? A A   10  B U   7   1_555 ? ? ? ? ? ? WATSON-CRICK ?     ? ? 
hydrog16 hydrog ?    ? A A   10 N6    ? ? ? 1_555 B U   7  O4  ? ? A A   10  B U   7   1_555 ? ? ? ? ? ? WATSON-CRICK ?     ? ? 
hydrog17 hydrog ?    ? A G   11 N1    ? ? ? 1_555 B C   6  N3  ? ? A G   11  B C   6   1_555 ? ? ? ? ? ? WATSON-CRICK ?     ? ? 
hydrog18 hydrog ?    ? A G   11 N2    ? ? ? 1_555 B C   6  O2  ? ? A G   11  B C   6   1_555 ? ? ? ? ? ? WATSON-CRICK ?     ? ? 
hydrog19 hydrog ?    ? A G   11 O6    ? ? ? 1_555 B C   6  N4  ? ? A G   11  B C   6   1_555 ? ? ? ? ? ? WATSON-CRICK ?     ? ? 
hydrog20 hydrog ?    ? A U   12 N3    ? ? ? 1_555 B A   5  N1  ? ? A U   12  B A   5   1_555 ? ? ? ? ? ? WATSON-CRICK ?     ? ? 
hydrog21 hydrog ?    ? A U   12 O4    ? ? ? 1_555 B A   5  N6  ? ? A U   12  B A   5   1_555 ? ? ? ? ? ? WATSON-CRICK ?     ? ? 
hydrog22 hydrog ?    ? A C   13 N3    ? ? ? 1_555 B G   4  N1  ? ? A C   13  B G   4   1_555 ? ? ? ? ? ? WATSON-CRICK ?     ? ? 
hydrog23 hydrog ?    ? A C   13 N4    ? ? ? 1_555 B G   4  O6  ? ? A C   13  B G   4   1_555 ? ? ? ? ? ? WATSON-CRICK ?     ? ? 
hydrog24 hydrog ?    ? A C   13 O2    ? ? ? 1_555 B G   4  N2  ? ? A C   13  B G   4   1_555 ? ? ? ? ? ? WATSON-CRICK ?     ? ? 
# 
loop_
_struct_conn_type.id 
_struct_conn_type.criteria 
_struct_conn_type.reference 
covale ? ? 
metalc ? ? 
hydrog ? ? 
# 
loop_
_struct_site.id 
_struct_site.pdbx_evidence_code 
_struct_site.pdbx_auth_asym_id 
_struct_site.pdbx_auth_comp_id 
_struct_site.pdbx_auth_seq_id 
_struct_site.pdbx_auth_ins_code 
_struct_site.pdbx_num_residues 
_struct_site.details 
AC1 Software A GP3 101 ? 15 'binding site for residue GP3 A 101' 
AC2 Software A MG  102 ? 3  'binding site for residue MG A 102'  
AC3 Software A MG  103 ? 2  'binding site for residue MG A 103'  
AC4 Software A MG  104 ? 3  'binding site for residue MG A 104'  
AC5 Software B GP3 101 ? 17 'binding site for residue GP3 B 101' 
AC6 Software B MG  102 ? 3  'binding site for residue MG B 102'  
AC7 Software B MG  103 ? 2  'binding site for residue MG B 103'  
AC8 Software B MG  104 ? 4  'binding site for residue MG B 104'  
# 
loop_
_struct_site_gen.id 
_struct_site_gen.site_id 
_struct_site_gen.pdbx_num_res 
_struct_site_gen.label_comp_id 
_struct_site_gen.label_asym_id 
_struct_site_gen.label_seq_id 
_struct_site_gen.pdbx_auth_ins_code 
_struct_site_gen.auth_comp_id 
_struct_site_gen.auth_asym_id 
_struct_site_gen.auth_seq_id 
_struct_site_gen.label_atom_id 
_struct_site_gen.label_alt_id 
_struct_site_gen.symmetry 
_struct_site_gen.details 
1  AC1 15 LCC A 1  ? LCC A 1   . ? 6_557 ? 
2  AC1 15 LCC A 1  ? LCC A 1   . ? 1_555 ? 
3  AC1 15 LCC A 2  ? LCC A 2   . ? 1_555 ? 
4  AC1 15 LCC A 3  ? LCC A 3   . ? 1_555 ? 
5  AC1 15 HOH K .  ? HOH A 202 . ? 1_555 ? 
6  AC1 15 HOH K .  ? HOH A 205 . ? 1_555 ? 
7  AC1 15 HOH K .  ? HOH A 208 . ? 1_555 ? 
8  AC1 15 G   B 14 ? G   B 14  . ? 1_555 ? 
9  AC1 15 G   B 14 ? G   B 14  . ? 3_565 ? 
10 AC1 15 MG  H .  ? MG  B 102 . ? 3_565 ? 
11 AC1 15 MG  H .  ? MG  B 102 . ? 2_665 ? 
12 AC1 15 MG  H .  ? MG  B 102 . ? 1_555 ? 
13 AC1 15 MG  I .  ? MG  B 103 . ? 1_555 ? 
14 AC1 15 MG  J .  ? MG  B 104 . ? 3_565 ? 
15 AC1 15 MG  J .  ? MG  B 104 . ? 1_555 ? 
16 AC2 3  GP3 G .  ? GP3 B 101 . ? 1_555 ? 
17 AC2 3  GP3 G .  ? GP3 B 101 . ? 3_565 ? 
18 AC2 3  GP3 G .  ? GP3 B 101 . ? 2_665 ? 
19 AC3 2  MG  F .  ? MG  A 104 . ? 1_555 ? 
20 AC3 2  GP3 G .  ? GP3 B 101 . ? 1_555 ? 
21 AC4 3  MG  E .  ? MG  A 103 . ? 1_555 ? 
22 AC4 3  GP3 G .  ? GP3 B 101 . ? 1_555 ? 
23 AC4 3  GP3 G .  ? GP3 B 101 . ? 3_565 ? 
24 AC5 17 G   A 14 ? G   A 14  . ? 1_555 ? 
25 AC5 17 G   A 14 ? G   A 14  . ? 2_665 ? 
26 AC5 17 MG  D .  ? MG  A 102 . ? 1_555 ? 
27 AC5 17 MG  D .  ? MG  A 102 . ? 2_665 ? 
28 AC5 17 MG  D .  ? MG  A 102 . ? 3_565 ? 
29 AC5 17 MG  E .  ? MG  A 103 . ? 1_555 ? 
30 AC5 17 MG  F .  ? MG  A 104 . ? 2_665 ? 
31 AC5 17 MG  F .  ? MG  A 104 . ? 1_555 ? 
32 AC5 17 HOH K .  ? HOH A 204 . ? 1_555 ? 
33 AC5 17 LCC B 1  ? LCC B 1   . ? 4_556 ? 
34 AC5 17 LCC B 1  ? LCC B 1   . ? 1_555 ? 
35 AC5 17 LCC B 2  ? LCC B 2   . ? 1_555 ? 
36 AC5 17 LCC B 3  ? LCC B 3   . ? 1_555 ? 
37 AC5 17 HOH L .  ? HOH B 202 . ? 1_555 ? 
38 AC5 17 HOH L .  ? HOH B 203 . ? 1_555 ? 
39 AC5 17 HOH L .  ? HOH B 206 . ? 1_555 ? 
40 AC5 17 HOH L .  ? HOH B 207 . ? 4_556 ? 
41 AC6 3  GP3 C .  ? GP3 A 101 . ? 1_555 ? 
42 AC6 3  GP3 C .  ? GP3 A 101 . ? 3_565 ? 
43 AC6 3  GP3 C .  ? GP3 A 101 . ? 2_665 ? 
44 AC7 2  GP3 C .  ? GP3 A 101 . ? 1_555 ? 
45 AC7 2  MG  J .  ? MG  B 104 . ? 1_555 ? 
46 AC8 4  GP3 C .  ? GP3 A 101 . ? 1_555 ? 
47 AC8 4  GP3 C .  ? GP3 A 101 . ? 2_665 ? 
48 AC8 4  HOH K .  ? HOH A 208 . ? 1_555 ? 
49 AC8 4  MG  I .  ? MG  B 103 . ? 1_555 ? 
# 
_atom_sites.entry_id                    5UEE 
_atom_sites.fract_transf_matrix[1][1]   -0.02235248 
_atom_sites.fract_transf_matrix[1][2]   0.01023577 
_atom_sites.fract_transf_matrix[1][3]   -0.00032463 
_atom_sites.fract_transf_matrix[2][1]   -0.02001812 
_atom_sites.fract_transf_matrix[2][2]   -0.01422451 
_atom_sites.fract_transf_matrix[2][3]   -0.00120781 
_atom_sites.fract_transf_matrix[3][1]   -0.00039029 
_atom_sites.fract_transf_matrix[3][2]   -0.00047116 
_atom_sites.fract_transf_matrix[3][3]   0.01201744 
_atom_sites.fract_transf_vector[1]      0.198932 
_atom_sites.fract_transf_vector[2]      0.396883 
_atom_sites.fract_transf_vector[3]      0.749266 
# 
loop_
_atom_type.symbol 
C  
MG 
N  
O  
P  
# 
loop_
_atom_site.group_PDB 
_atom_site.id 
_atom_site.type_symbol 
_atom_site.label_atom_id 
_atom_site.label_alt_id 
_atom_site.label_comp_id 
_atom_site.label_asym_id 
_atom_site.label_entity_id 
_atom_site.label_seq_id 
_atom_site.pdbx_PDB_ins_code 
_atom_site.Cartn_x 
_atom_site.Cartn_y 
_atom_site.Cartn_z 
_atom_site.occupancy 
_atom_site.B_iso_or_equiv 
_atom_site.pdbx_formal_charge 
_atom_site.auth_seq_id 
_atom_site.auth_comp_id 
_atom_site.auth_asym_id 
_atom_site.auth_atom_id 
_atom_site.pdbx_PDB_model_num 
HETATM 1   O  "O5'" . LCC A 1 1  ? 10.732  -8.307  17.321  1.00 33.72  ? 1   LCC A "O5'" 1 
HETATM 2   C  "C5'" . LCC A 1 1  ? 10.458  -9.698  17.403  1.00 30.80  ? 1   LCC A "C5'" 1 
HETATM 3   C  "C4'" . LCC A 1 1  ? 8.971   -9.850  17.677  1.00 29.83  ? 1   LCC A "C4'" 1 
HETATM 4   O  "O4'" . LCC A 1 1  ? 8.403   -9.216  18.842  1.00 32.72  ? 1   LCC A "O4'" 1 
HETATM 5   C  "C1'" . LCC A 1 1  ? 6.989   -9.232  18.618  1.00 31.83  ? 1   LCC A "C1'" 1 
HETATM 6   N  N1    . LCC A 1 1  ? 6.505   -7.829  18.779  1.00 29.69  ? 1   LCC A N1    1 
HETATM 7   C  C6    . LCC A 1 1  ? 7.403   -6.728  18.768  1.00 27.41  ? 1   LCC A C6    1 
HETATM 8   C  C5    . LCC A 1 1  ? 6.890   -5.463  18.989  1.00 31.00  ? 1   LCC A C5    1 
HETATM 9   C  C5M   . LCC A 1 1  ? 7.761   -4.304  19.005  1.00 34.45  ? 1   LCC A C5M   1 
HETATM 10  C  C4    . LCC A 1 1  ? 5.512   -5.337  19.207  1.00 28.88  ? 1   LCC A C4    1 
HETATM 11  N  N4    . LCC A 1 1  ? 5.082   -4.118  19.416  1.00 27.12  ? 1   LCC A N4    1 
HETATM 12  N  N3    . LCC A 1 1  ? 4.676   -6.401  19.224  1.00 25.97  ? 1   LCC A N3    1 
HETATM 13  C  C2    . LCC A 1 1  ? 5.174   -7.645  19.019  1.00 29.26  ? 1   LCC A C2    1 
HETATM 14  O  O2    . LCC A 1 1  ? 4.419   -8.608  19.018  1.00 26.56  ? 1   LCC A O2    1 
HETATM 15  C  "C3'" . LCC A 1 1  ? 8.077   -9.180  16.683  1.00 31.44  ? 1   LCC A "C3'" 1 
HETATM 16  C  "C2'" . LCC A 1 1  ? 6.852   -9.813  17.258  1.00 31.76  ? 1   LCC A "C2'" 1 
HETATM 17  O  "O2'" . LCC A 1 1  ? 7.166   -11.218 17.352  1.00 32.00  ? 1   LCC A "O2'" 1 
HETATM 18  O  "O3'" . LCC A 1 1  ? 8.320   -9.699  15.475  1.00 29.13  ? 1   LCC A "O3'" 1 
HETATM 19  C  "C6'" . LCC A 1 1  ? 8.626   -11.273 17.636  1.00 29.85  ? 1   LCC A "C6'" 1 
HETATM 20  O  "O5'" . LCC A 1 2  ? 6.052   -9.752  14.138  1.00 30.13  ? 2   LCC A "O5'" 1 
HETATM 21  C  "C5'" . LCC A 1 2  ? 5.600   -11.096 14.066  1.00 28.99  ? 2   LCC A "C5'" 1 
HETATM 22  C  "C4'" . LCC A 1 2  ? 4.141   -10.977 14.364  1.00 27.79  ? 2   LCC A "C4'" 1 
HETATM 23  O  "O4'" . LCC A 1 2  ? 3.859   -10.341 15.608  1.00 28.94  ? 2   LCC A "O4'" 1 
HETATM 24  C  "C1'" . LCC A 1 2  ? 2.495   -9.943  15.526  1.00 28.17  ? 2   LCC A "C1'" 1 
HETATM 25  N  N1    . LCC A 1 2  ? 2.479   -8.506  15.762  1.00 26.83  ? 2   LCC A N1    1 
HETATM 26  C  C6    . LCC A 1 2  ? 3.647   -7.697  15.744  1.00 29.30  ? 2   LCC A C6    1 
HETATM 27  C  C5    . LCC A 1 2  ? 3.573   -6.343  15.987  1.00 28.31  ? 2   LCC A C5    1 
HETATM 28  C  C5M   . LCC A 1 2  ? 4.764   -5.544  15.859  1.00 30.48  ? 2   LCC A C5M   1 
HETATM 29  C  C4    . LCC A 1 2  ? 2.283   -5.850  16.296  1.00 28.66  ? 2   LCC A C4    1 
HETATM 30  N  N4    . LCC A 1 2  ? 2.200   -4.583  16.557  1.00 26.70  ? 2   LCC A N4    1 
HETATM 31  N  N3    . LCC A 1 2  ? 1.175   -6.647  16.399  1.00 25.04  ? 2   LCC A N3    1 
HETATM 32  C  C2    . LCC A 1 2  ? 1.284   -7.956  16.112  1.00 27.60  ? 2   LCC A C2    1 
HETATM 33  O  O2    . LCC A 1 2  ? 0.285   -8.664  16.117  1.00 27.75  ? 2   LCC A O2    1 
HETATM 34  C  "C3'" . LCC A 1 2  ? 3.337   -10.075 13.509  1.00 30.32  ? 2   LCC A "C3'" 1 
HETATM 35  C  "C2'" . LCC A 1 2  ? 2.063   -10.396 14.179  1.00 27.93  ? 2   LCC A "C2'" 1 
HETATM 36  O  "O2'" . LCC A 1 2  ? 2.078   -11.863 14.176  1.00 29.11  ? 2   LCC A "O2'" 1 
HETATM 37  O  "O3'" . LCC A 1 2  ? 3.299   -10.447 12.191  1.00 30.48  ? 2   LCC A "O3'" 1 
HETATM 38  C  "C6'" . LCC A 1 2  ? 3.494   -12.307 14.309  1.00 30.47  ? 2   LCC A "C6'" 1 
HETATM 39  P  P     . LCC A 1 2  ? 7.672   -9.361  13.957  1.00 32.38  ? 2   LCC A P     1 
HETATM 40  O  O1P   . LCC A 1 2  ? 7.622   -7.807  13.935  1.00 28.53  ? 2   LCC A O1P   1 
HETATM 41  O  O2P   . LCC A 1 2  ? 8.175   -10.068 12.809  1.00 27.67  ? 2   LCC A O2P   1 
HETATM 42  O  "O5'" . LCC A 1 3  ? 1.431   -9.443  11.025  1.00 26.03  ? 3   LCC A "O5'" 1 
HETATM 43  C  "C5'" . LCC A 1 3  ? 0.471   -10.612 10.890  1.00 23.65  ? 3   LCC A "C5'" 1 
HETATM 44  C  "C4'" . LCC A 1 3  ? -0.902  -10.032 11.245  1.00 25.55  ? 3   LCC A "C4'" 1 
HETATM 45  O  "O4'" . LCC A 1 3  ? -0.856  -9.423  12.513  1.00 26.87  ? 3   LCC A "O4'" 1 
HETATM 46  C  "C1'" . LCC A 1 3  ? -1.952  -8.524  12.541  1.00 25.04  ? 3   LCC A "C1'" 1 
HETATM 47  N  N1    . LCC A 1 3  ? -1.429  -7.199  12.827  1.00 24.90  ? 3   LCC A N1    1 
HETATM 48  C  C6    . LCC A 1 3  ? -0.054  -6.907  12.771  1.00 26.93  ? 3   LCC A C6    1 
HETATM 49  C  C5    . LCC A 1 3  ? 0.402   -5.617  13.030  1.00 26.58  ? 3   LCC A C5    1 
HETATM 50  C  C5M   . LCC A 1 3  ? 1.797   -5.331  12.912  1.00 28.63  ? 3   LCC A C5M   1 
HETATM 51  C  C4    . LCC A 1 3  ? -0.541  -4.701  13.471  1.00 26.63  ? 3   LCC A C4    1 
HETATM 52  N  N4    . LCC A 1 3  ? -0.099  -3.529  13.762  1.00 23.68  ? 3   LCC A N4    1 
HETATM 53  N  N3    . LCC A 1 3  ? -1.864  -4.963  13.524  1.00 23.21  ? 3   LCC A N3    1 
HETATM 54  C  C2    . LCC A 1 3  ? -2.309  -6.204  13.194  1.00 25.11  ? 3   LCC A C2    1 
HETATM 55  O  O2    . LCC A 1 3  ? -3.534  -6.466  13.293  1.00 26.78  ? 3   LCC A O2    1 
HETATM 56  C  "C3'" . LCC A 1 3  ? -1.329  -8.826  10.403  1.00 25.93  ? 3   LCC A "C3'" 1 
HETATM 57  C  "C2'" . LCC A 1 3  ? -2.547  -8.688  11.208  1.00 27.20  ? 3   LCC A "C2'" 1 
HETATM 58  O  "O2'" . LCC A 1 3  ? -3.177  -10.000 11.096  1.00 28.48  ? 3   LCC A "O2'" 1 
HETATM 59  O  "O3'" . LCC A 1 3  ? -1.643  -9.183  9.031   1.00 28.10  ? 3   LCC A "O3'" 1 
HETATM 60  C  "C6'" . LCC A 1 3  ? -2.064  -11.018 11.073  1.00 28.17  ? 3   LCC A "C6'" 1 
HETATM 61  P  P     . LCC A 1 3  ? 2.991   -9.660  10.722  1.00 27.98  ? 3   LCC A P     1 
HETATM 62  O  O1P   . LCC A 1 3  ? 3.441   -8.291  10.889  1.00 25.81  ? 3   LCC A O1P   1 
HETATM 63  O  O2P   . LCC A 1 3  ? 3.170   -10.568 9.585   1.00 30.45  ? 3   LCC A O2P   1 
ATOM   64  P  P     . G   A 1 4  ? -1.371  -8.095  7.805   1.00 30.42  ? 4   G   A P     1 
ATOM   65  O  OP1   . G   A 1 4  ? -1.245  -8.866  6.571   1.00 36.33  ? 4   G   A OP1   1 
ATOM   66  O  OP2   . G   A 1 4  ? -0.360  -7.126  8.205   1.00 29.94  ? 4   G   A OP2   1 
ATOM   67  O  "O5'" . G   A 1 4  ? -2.783  -7.392  8.011   1.00 28.75  ? 4   G   A "O5'" 1 
ATOM   68  C  "C5'" . G   A 1 4  ? -4.030  -8.053  7.781   1.00 28.39  ? 4   G   A "C5'" 1 
ATOM   69  C  "C4'" . G   A 1 4  ? -5.167  -7.131  8.162   1.00 27.56  ? 4   G   A "C4'" 1 
ATOM   70  O  "O4'" . G   A 1 4  ? -5.058  -6.715  9.544   1.00 28.25  ? 4   G   A "O4'" 1 
ATOM   71  C  "C3'" . G   A 1 4  ? -5.239  -5.805  7.410   1.00 28.26  ? 4   G   A "C3'" 1 
ATOM   72  O  "O3'" . G   A 1 4  ? -5.937  -6.019  6.184   1.00 27.85  ? 4   G   A "O3'" 1 
ATOM   73  C  "C2'" . G   A 1 4  ? -6.128  -4.990  8.336   1.00 27.53  ? 4   G   A "C2'" 1 
ATOM   74  O  "O2'" . G   A 1 4  ? -7.506  -5.286  8.290   1.00 25.05  ? 4   G   A "O2'" 1 
ATOM   75  C  "C1'" . G   A 1 4  ? -5.555  -5.381  9.691   1.00 29.38  ? 4   G   A "C1'" 1 
ATOM   76  N  N9    . G   A 1 4  ? -4.451  -4.496  10.070  1.00 27.06  ? 4   G   A N9    1 
ATOM   77  C  C8    . G   A 1 4  ? -3.116  -4.806  10.126  1.00 26.74  ? 4   G   A C8    1 
ATOM   78  N  N7    . G   A 1 4  ? -2.366  -3.794  10.471  1.00 28.23  ? 4   G   A N7    1 
ATOM   79  C  C5    . G   A 1 4  ? -3.266  -2.763  10.699  1.00 27.94  ? 4   G   A C5    1 
ATOM   80  C  C6    . G   A 1 4  ? -3.045  -1.428  11.144  1.00 27.20  ? 4   G   A C6    1 
ATOM   81  O  O6    . G   A 1 4  ? -1.971  -0.872  11.450  1.00 24.74  ? 4   G   A O6    1 
ATOM   82  N  N1    . G   A 1 4  ? -4.236  -0.712  11.202  1.00 25.08  ? 4   G   A N1    1 
ATOM   83  C  C2    . G   A 1 4  ? -5.485  -1.233  10.960  1.00 25.86  ? 4   G   A C2    1 
ATOM   84  N  N2    . G   A 1 4  ? -6.508  -0.377  11.061  1.00 25.40  ? 4   G   A N2    1 
ATOM   85  N  N3    . G   A 1 4  ? -5.700  -2.469  10.531  1.00 24.26  ? 4   G   A N3    1 
ATOM   86  C  C4    . G   A 1 4  ? -4.560  -3.183  10.467  1.00 26.35  ? 4   G   A C4    1 
ATOM   87  P  P     . A   A 1 5  ? -5.442  -5.296  4.835   1.00 35.34  ? 5   A   A P     1 
ATOM   88  O  OP1   . A   A 1 5  ? -6.036  -6.122  3.762   1.00 35.02  ? 5   A   A OP1   1 
ATOM   89  O  OP2   . A   A 1 5  ? -4.039  -5.092  4.921   1.00 27.95  ? 5   A   A OP2   1 
ATOM   90  O  "O5'" . A   A 1 5  ? -6.075  -3.843  5.013   1.00 26.85  ? 5   A   A "O5'" 1 
ATOM   91  C  "C5'" . A   A 1 5  ? -7.501  -3.720  4.990   1.00 26.52  ? 5   A   A "C5'" 1 
ATOM   92  C  "C4'" . A   A 1 5  ? -7.893  -2.315  5.335   1.00 28.91  ? 5   A   A "C4'" 1 
ATOM   93  O  "O4'" . A   A 1 5  ? -7.559  -2.054  6.714   1.00 28.79  ? 5   A   A "O4'" 1 
ATOM   94  C  "C3'" . A   A 1 5  ? -7.237  -1.173  4.564   1.00 30.44  ? 5   A   A "C3'" 1 
ATOM   95  O  "O3'" . A   A 1 5  ? -7.824  -0.990  3.280   1.00 33.84  ? 5   A   A "O3'" 1 
ATOM   96  C  "C2'" . A   A 1 5  ? -7.502  -0.018  5.513   1.00 33.45  ? 5   A   A "C2'" 1 
ATOM   97  O  "O2'" . A   A 1 5  ? -8.832  0.402   5.473   1.00 34.32  ? 5   A   A "O2'" 1 
ATOM   98  C  "C1'" . A   A 1 5  ? -7.188  -0.693  6.856   1.00 31.76  ? 5   A   A "C1'" 1 
ATOM   99  N  N9    . A   A 1 5  ? -5.767  -0.647  7.210   1.00 26.51  ? 5   A   A N9    1 
ATOM   100 C  C8    . A   A 1 5  ? -4.817  -1.630  7.062   1.00 27.77  ? 5   A   A C8    1 
ATOM   101 N  N7    . A   A 1 5  ? -3.633  -1.287  7.502   1.00 29.03  ? 5   A   A N7    1 
ATOM   102 C  C5    . A   A 1 5  ? -3.800  0.026   7.917   1.00 26.47  ? 5   A   A C5    1 
ATOM   103 C  C6    . A   A 1 5  ? -2.918  0.945   8.506   1.00 30.58  ? 5   A   A C6    1 
ATOM   104 N  N6    . A   A 1 5  ? -1.627  0.693   8.707   1.00 31.40  ? 5   A   A N6    1 
ATOM   105 N  N1    . A   A 1 5  ? -3.402  2.156   8.842   1.00 28.20  ? 5   A   A N1    1 
ATOM   106 C  C2    . A   A 1 5  ? -4.701  2.408   8.633   1.00 32.60  ? 5   A   A C2    1 
ATOM   107 N  N3    . A   A 1 5  ? -5.641  1.612   8.126   1.00 32.01  ? 5   A   A N3    1 
ATOM   108 C  C4    . A   A 1 5  ? -5.119  0.417   7.794   1.00 28.96  ? 5   A   A C4    1 
ATOM   109 P  P     . C   A 1 6  ? -6.927  -0.494  2.052   1.00 34.37  ? 6   C   A P     1 
ATOM   110 O  OP1   . C   A 1 6  ? -7.775  -0.615  0.849   1.00 36.53  ? 6   C   A OP1   1 
ATOM   111 O  OP2   . C   A 1 6  ? -5.639  -1.156  2.135   1.00 30.61  ? 6   C   A OP2   1 
ATOM   112 O  "O5'" . C   A 1 6  ? -6.647  1.017   2.423   1.00 28.40  ? 6   C   A "O5'" 1 
ATOM   113 C  "C5'" . C   A 1 6  ? -7.777  1.909   2.516   1.00 28.49  ? 6   C   A "C5'" 1 
ATOM   114 C  "C4'" . C   A 1 6  ? -7.404  3.189   3.196   1.00 27.79  ? 6   C   A "C4'" 1 
ATOM   115 O  "O4'" . C   A 1 6  ? -6.899  2.909   4.519   1.00 27.66  ? 6   C   A "O4'" 1 
ATOM   116 C  "C3'" . C   A 1 6  ? -6.297  4.005   2.537   1.00 28.35  ? 6   C   A "C3'" 1 
ATOM   117 O  "O3'" . C   A 1 6  ? -6.825  4.893   1.579   1.00 31.15  ? 6   C   A "O3'" 1 
ATOM   118 C  "C2'" . C   A 1 6  ? -5.803  4.841   3.692   1.00 27.23  ? 6   C   A "C2'" 1 
ATOM   119 O  "O2'" . C   A 1 6  ? -6.699  5.881   3.905   1.00 31.35  ? 6   C   A "O2'" 1 
ATOM   120 C  "C1'" . C   A 1 6  ? -5.877  3.823   4.832   1.00 25.99  ? 6   C   A "C1'" 1 
ATOM   121 N  N1    . C   A 1 6  ? -4.593  3.107   4.968   1.00 26.42  ? 6   C   A N1    1 
ATOM   122 C  C2    . C   A 1 6  ? -3.590  3.756   5.689   1.00 30.96  ? 6   C   A C2    1 
ATOM   123 O  O2    . C   A 1 6  ? -3.836  4.866   6.165   1.00 28.83  ? 6   C   A O2    1 
ATOM   124 N  N3    . C   A 1 6  ? -2.370  3.171   5.814   1.00 27.22  ? 6   C   A N3    1 
ATOM   125 C  C4    . C   A 1 6  ? -2.168  1.952   5.308   1.00 29.30  ? 6   C   A C4    1 
ATOM   126 N  N4    . C   A 1 6  ? -0.975  1.398   5.472   1.00 29.77  ? 6   C   A N4    1 
ATOM   127 C  C5    . C   A 1 6  ? -3.185  1.258   4.579   1.00 30.22  ? 6   C   A C5    1 
ATOM   128 C  C6    . C   A 1 6  ? -4.375  1.863   4.449   1.00 28.37  ? 6   C   A C6    1 
ATOM   129 P  P     . U   A 1 7  ? -5.872  5.403   0.367   1.00 34.18  ? 7   U   A P     1 
ATOM   130 O  OP1   . U   A 1 7  ? -6.748  6.006   -0.648  1.00 32.38  ? 7   U   A OP1   1 
ATOM   131 O  OP2   . U   A 1 7  ? -4.996  4.299   -0.003  1.00 30.58  ? 7   U   A OP2   1 
ATOM   132 O  "O5'" . U   A 1 7  ? -4.974  6.487   1.072   1.00 34.28  ? 7   U   A "O5'" 1 
ATOM   133 C  "C5'" . U   A 1 7  ? -5.441  7.809   1.334   1.00 37.26  ? 7   U   A "C5'" 1 
ATOM   134 C  "C4'" . U   A 1 7  ? -4.311  8.601   1.923   1.00 33.70  ? 7   U   A "C4'" 1 
ATOM   135 O  "O4'" . U   A 1 7  ? -3.791  7.882   3.068   1.00 36.05  ? 7   U   A "O4'" 1 
ATOM   136 C  "C3'" . U   A 1 7  ? -3.081  8.740   1.043   1.00 38.86  ? 7   U   A "C3'" 1 
ATOM   137 O  "O3'" . U   A 1 7  ? -3.311  9.669   0.003   1.00 40.80  ? 7   U   A "O3'" 1 
ATOM   138 C  "C2'" . U   A 1 7  ? -2.036  9.114   2.068   1.00 37.26  ? 7   U   A "C2'" 1 
ATOM   139 O  "O2'" . U   A 1 7  ? -2.115  10.450  2.528   1.00 35.59  ? 7   U   A "O2'" 1 
ATOM   140 C  "C1'" . U   A 1 7  ? -2.411  8.149   3.195   1.00 32.61  ? 7   U   A "C1'" 1 
ATOM   141 N  N1    . U   A 1 7  ? -1.686  6.872   3.197   1.00 32.48  ? 7   U   A N1    1 
ATOM   142 C  C2    . U   A 1 7  ? -0.390  6.915   3.653   1.00 36.24  ? 7   U   A C2    1 
ATOM   143 O  O2    . U   A 1 7  ? 0.168   7.952   3.965   1.00 33.24  ? 7   U   A O2    1 
ATOM   144 N  N3    . U   A 1 7  ? 0.234   5.697   3.728   1.00 32.53  ? 7   U   A N3    1 
ATOM   145 C  C4    . U   A 1 7  ? -0.274  4.476   3.367   1.00 31.93  ? 7   U   A C4    1 
ATOM   146 O  O4    . U   A 1 7  ? 0.417   3.480   3.515   1.00 31.84  ? 7   U   A O4    1 
ATOM   147 C  C5    . U   A 1 7  ? -1.633  4.499   2.933   1.00 31.50  ? 7   U   A C5    1 
ATOM   148 C  C6    . U   A 1 7  ? -2.276  5.671   2.849   1.00 36.69  ? 7   U   A C6    1 
ATOM   149 P  P     . U   A 1 8  ? -2.676  9.438   -1.449  1.00 40.63  ? 8   U   A P     1 
ATOM   150 O  OP1   . U   A 1 8  ? -3.329  10.462  -2.336  1.00 43.73  ? 8   U   A OP1   1 
ATOM   151 O  OP2   . U   A 1 8  ? -2.750  8.018   -1.804  1.00 36.66  ? 8   U   A OP2   1 
ATOM   152 O  "O5'" . U   A 1 8  ? -1.150  9.818   -1.216  1.00 43.64  ? 8   U   A "O5'" 1 
ATOM   153 C  "C5'" . U   A 1 8  ? -0.792  11.030  -0.503  1.00 43.84  ? 8   U   A "C5'" 1 
ATOM   154 C  "C4'" . U   A 1 8  ? 0.692   11.060  -0.214  1.00 44.96  ? 8   U   A "C4'" 1 
ATOM   155 O  "O4'" . U   A 1 8  ? 0.991   10.313  1.006   1.00 45.51  ? 8   U   A "O4'" 1 
ATOM   156 C  "C3'" . U   A 1 8  ? 1.630   10.455  -1.261  1.00 44.52  ? 8   U   A "C3'" 1 
ATOM   157 O  "O3'" . U   A 1 8  ? 2.045   11.303  -2.334  1.00 44.29  ? 8   U   A "O3'" 1 
ATOM   158 C  "C2'" . U   A 1 8  ? 2.871   10.223  -0.422  1.00 43.01  ? 8   U   A "C2'" 1 
ATOM   159 O  "O2'" . U   A 1 8  ? 3.567   11.411  -0.139  1.00 40.90  ? 8   U   A "O2'" 1 
ATOM   160 C  "C1'" . U   A 1 8  ? 2.253   9.687   0.869   1.00 42.45  ? 8   U   A "C1'" 1 
ATOM   161 N  N1    . U   A 1 8  ? 2.072   8.230   0.805   1.00 39.02  ? 8   U   A N1    1 
ATOM   162 C  C2    . U   A 1 8  ? 3.137   7.451   1.226   1.00 38.99  ? 8   U   A C2    1 
ATOM   163 O  O2    . U   A 1 8  ? 4.181   7.917   1.624   1.00 38.48  ? 8   U   A O2    1 
ATOM   164 N  N3    . U   A 1 8  ? 2.928   6.099   1.155   1.00 34.11  ? 8   U   A N3    1 
ATOM   165 C  C4    . U   A 1 8  ? 1.797   5.457   0.713   1.00 38.38  ? 8   U   A C4    1 
ATOM   166 O  O4    . U   A 1 8  ? 1.763   4.236   0.722   1.00 34.44  ? 8   U   A O4    1 
ATOM   167 C  C5    . U   A 1 8  ? 0.740   6.329   0.282   1.00 40.86  ? 8   U   A C5    1 
ATOM   168 C  C6    . U   A 1 8  ? 0.923   7.652   0.316   1.00 37.34  ? 8   U   A C6    1 
ATOM   169 P  P     . A   A 1 9  ? 2.189   10.746  -3.846  1.00 50.95  ? 9   A   A P     1 
ATOM   170 O  OP1   . A   A 1 9  ? 2.155   11.919  -4.745  1.00 60.24  ? 9   A   A OP1   1 
ATOM   171 O  OP2   . A   A 1 9  ? 1.245   9.642   -4.072  1.00 55.41  ? 9   A   A OP2   1 
ATOM   172 O  "O5'" . A   A 1 9  ? 3.677   10.185  -3.871  1.00 49.52  ? 9   A   A "O5'" 1 
ATOM   173 C  "C5'" . A   A 1 9  ? 4.695   11.064  -3.393  1.00 48.27  ? 9   A   A "C5'" 1 
ATOM   174 C  "C4'" . A   A 1 9  ? 5.985   10.343  -3.140  1.00 51.25  ? 9   A   A "C4'" 1 
ATOM   175 O  "O4'" . A   A 1 9  ? 5.918   9.616   -1.888  1.00 52.93  ? 9   A   A "O4'" 1 
ATOM   176 C  "C3'" . A   A 1 9  ? 6.438   9.303   -4.157  1.00 51.11  ? 9   A   A "C3'" 1 
ATOM   177 O  "O3'" . A   A 1 9  ? 6.993   9.920   -5.313  1.00 51.11  ? 9   A   A "O3'" 1 
ATOM   178 C  "C2'" . A   A 1 9  ? 7.450   8.534   -3.322  1.00 50.48  ? 9   A   A "C2'" 1 
ATOM   179 O  "O2'" . A   A 1 9  ? 8.691   9.203   -3.185  1.00 53.10  ? 9   A   A "O2'" 1 
ATOM   180 C  "C1'" . A   A 1 9  ? 6.692   8.432   -1.993  1.00 50.96  ? 9   A   A "C1'" 1 
ATOM   181 N  N9    . A   A 1 9  ? 5.778   7.286   -1.950  1.00 50.93  ? 9   A   A N9    1 
ATOM   182 C  C8    . A   A 1 9  ? 4.449   7.205   -2.296  1.00 43.73  ? 9   A   A C8    1 
ATOM   183 N  N7    . A   A 1 9  ? 3.937   6.007   -2.145  1.00 45.71  ? 9   A   A N7    1 
ATOM   184 C  C5    . A   A 1 9  ? 5.009   5.237   -1.717  1.00 45.05  ? 9   A   A C5    1 
ATOM   185 C  C6    . A   A 1 9  ? 5.127   3.879   -1.374  1.00 37.65  ? 9   A   A C6    1 
ATOM   186 N  N6    . A   A 1 9  ? 4.115   3.015   -1.412  1.00 32.38  ? 9   A   A N6    1 
ATOM   187 N  N1    . A   A 1 9  ? 6.333   3.441   -0.945  1.00 40.02  ? 9   A   A N1    1 
ATOM   188 C  C2    . A   A 1 9  ? 7.348   4.312   -0.886  1.00 40.91  ? 9   A   A C2    1 
ATOM   189 N  N3    . A   A 1 9  ? 7.363   5.606   -1.184  1.00 39.22  ? 9   A   A N3    1 
ATOM   190 C  C4    . A   A 1 9  ? 6.148   6.015   -1.590  1.00 43.78  ? 9   A   A C4    1 
ATOM   191 P  P     . A   A 1 10 ? 6.822   9.247   -6.744  1.00 50.19  ? 10  A   A P     1 
ATOM   192 O  OP1   . A   A 1 10 ? 7.258   10.213  -7.778  1.00 55.02  ? 10  A   A OP1   1 
ATOM   193 O  OP2   . A   A 1 10 ? 5.469   8.646   -6.850  1.00 56.94  ? 10  A   A OP2   1 
ATOM   194 O  "O5'" . A   A 1 10 ? 7.892   8.073   -6.713  1.00 48.49  ? 10  A   A "O5'" 1 
ATOM   195 C  "C5'" . A   A 1 10 ? 9.277   8.344   -6.482  1.00 45.77  ? 10  A   A "C5'" 1 
ATOM   196 C  "C4'" . A   A 1 10 ? 10.004  7.050   -6.252  1.00 50.13  ? 10  A   A "C4'" 1 
ATOM   197 O  "O4'" . A   A 1 10 ? 9.644   6.523   -4.947  1.00 49.63  ? 10  A   A "O4'" 1 
ATOM   198 C  "C3'" . A   A 1 10 ? 9.689   5.908   -7.214  1.00 49.54  ? 10  A   A "C3'" 1 
ATOM   199 O  "O3'" . A   A 1 10 ? 10.482  5.888   -8.380  1.00 51.71  ? 10  A   A "O3'" 1 
ATOM   200 C  "C2'" . A   A 1 10 ? 10.098  4.702   -6.395  1.00 53.99  ? 10  A   A "C2'" 1 
ATOM   201 O  "O2'" . A   A 1 10 ? 11.481  4.396   -6.346  1.00 49.85  ? 10  A   A "O2'" 1 
ATOM   202 C  "C1'" . A   A 1 10 ? 9.576   5.110   -5.021  1.00 54.04  ? 10  A   A "C1'" 1 
ATOM   203 N  N9    . A   A 1 10 ? 8.188   4.665   -4.898  1.00 44.53  ? 10  A   A N9    1 
ATOM   204 C  C8    . A   A 1 10 ? 6.997   5.252   -5.243  1.00 44.81  ? 10  A   A C8    1 
ATOM   205 N  N7    . A   A 1 10 ? 5.957   4.476   -5.058  1.00 40.86  ? 10  A   A N7    1 
ATOM   206 C  C5    . A   A 1 10 ? 6.505   3.286   -4.600  1.00 43.25  ? 10  A   A C5    1 
ATOM   207 C  C6    . A   A 1 10 ? 5.930   2.050   -4.239  1.00 39.86  ? 10  A   A C6    1 
ATOM   208 N  N6    . A   A 1 10 ? 4.625   1.809   -4.261  1.00 39.58  ? 10  A   A N6    1 
ATOM   209 N  N1    . A   A 1 10 ? 6.761   1.059   -3.851  1.00 40.30  ? 10  A   A N1    1 
ATOM   210 C  C2    . A   A 1 10 ? 8.082   1.297   -3.833  1.00 47.42  ? 10  A   A C2    1 
ATOM   211 N  N3    . A   A 1 10 ? 8.739   2.406   -4.164  1.00 37.86  ? 10  A   A N3    1 
ATOM   212 C  C4    . A   A 1 10 ? 7.882   3.377   -4.535  1.00 46.80  ? 10  A   A C4    1 
ATOM   213 P  P     . G   A 1 11 ? 9.826   5.487   -9.762  1.00 59.35  ? 11  G   A P     1 
ATOM   214 O  OP1   . G   A 1 11 ? 10.559  6.214   -10.824 1.00 63.86  ? 11  G   A OP1   1 
ATOM   215 O  OP2   . G   A 1 11 ? 8.359   5.668   -9.630  1.00 57.98  ? 11  G   A OP2   1 
ATOM   216 O  "O5'" . G   A 1 11 ? 9.962   3.900   -9.849  1.00 46.04  ? 11  G   A "O5'" 1 
ATOM   217 C  "C5'" . G   A 1 11 ? 11.186  3.191   -9.699  1.00 44.34  ? 11  G   A "C5'" 1 
ATOM   218 C  "C4'" . G   A 1 11 ? 10.902  1.812   -9.144  1.00 44.36  ? 11  G   A "C4'" 1 
ATOM   219 O  "O4'" . G   A 1 11 ? 10.131  1.895   -7.915  1.00 50.07  ? 11  G   A "O4'" 1 
ATOM   220 C  "C3'" . G   A 1 11 ? 10.028  0.889   -9.974  1.00 42.30  ? 11  G   A "C3'" 1 
ATOM   221 O  "O3'" . G   A 1 11 ? 10.724  0.295   -11.055 1.00 47.35  ? 11  G   A "O3'" 1 
ATOM   222 C  "C2'" . G   A 1 11 ? 9.718   -0.189  -8.953  1.00 41.30  ? 11  G   A "C2'" 1 
ATOM   223 O  "O2'" . G   A 1 11 ? 10.814  -1.048  -8.738  1.00 35.64  ? 11  G   A "O2'" 1 
ATOM   224 C  "C1'" . G   A 1 11 ? 9.424   0.664   -7.725  1.00 43.90  ? 11  G   A "C1'" 1 
ATOM   225 N  N9    . G   A 1 11 ? 7.986   0.922   -7.609  1.00 44.43  ? 11  G   A N9    1 
ATOM   226 C  C8    . G   A 1 11 ? 7.296   2.076   -7.888  1.00 42.20  ? 11  G   A C8    1 
ATOM   227 N  N7    . G   A 1 11 ? 6.006   1.954   -7.718  1.00 44.33  ? 11  G   A N7    1 
ATOM   228 C  C5    . G   A 1 11 ? 5.837   0.641   -7.299  1.00 35.65  ? 11  G   A C5    1 
ATOM   229 C  C6    . G   A 1 11 ? 4.658   -0.071  -6.948  1.00 33.94  ? 11  G   A C6    1 
ATOM   230 O  O6    . G   A 1 11 ? 3.495   0.333   -6.923  1.00 29.24  ? 11  G   A O6    1 
ATOM   231 N  N1    . G   A 1 11 ? 4.935   -1.396  -6.638  1.00 31.02  ? 11  G   A N1    1 
ATOM   232 C  C2    . G   A 1 11 ? 6.197   -1.940  -6.561  1.00 33.48  ? 11  G   A C2    1 
ATOM   233 N  N2    . G   A 1 11 ? 6.275   -3.222  -6.182  1.00 32.21  ? 11  G   A N2    1 
ATOM   234 N  N3    . G   A 1 11 ? 7.303   -1.282  -6.868  1.00 35.98  ? 11  G   A N3    1 
ATOM   235 C  C4    . G   A 1 11 ? 7.048   -0.010  -7.238  1.00 34.50  ? 11  G   A C4    1 
ATOM   236 P  P     . U   A 1 12 ? 9.975   -0.120  -12.399 1.00 41.91  ? 12  U   A P     1 
ATOM   237 O  OP1   . U   A 1 12 ? 11.045  -0.350  -13.438 1.00 40.11  ? 12  U   A OP1   1 
ATOM   238 O  OP2   . U   A 1 12 ? 8.858   0.835   -12.634 1.00 38.81  ? 12  U   A OP2   1 
ATOM   239 O  "O5'" . U   A 1 12 ? 9.380   -1.548  -12.073 1.00 38.10  ? 12  U   A "O5'" 1 
ATOM   240 C  "C5'" . U   A 1 12 ? 10.255  -2.609  -11.732 1.00 37.09  ? 12  U   A "C5'" 1 
ATOM   241 C  "C4'" . U   A 1 12 ? 9.452   -3.814  -11.326 1.00 39.67  ? 12  U   A "C4'" 1 
ATOM   242 O  "O4'" . U   A 1 12 ? 8.772   -3.550  -10.066 1.00 41.40  ? 12  U   A "O4'" 1 
ATOM   243 C  "C3'" . U   A 1 12 ? 8.336   -4.231  -12.258 1.00 37.90  ? 12  U   A "C3'" 1 
ATOM   244 O  "O3'" . U   A 1 12 ? 8.757   -4.990  -13.383 1.00 37.92  ? 12  U   A "O3'" 1 
ATOM   245 C  "C2'" . U   A 1 12 ? 7.481   -5.066  -11.326 1.00 37.57  ? 12  U   A "C2'" 1 
ATOM   246 O  "O2'" . U   A 1 12 ? 7.989   -6.346  -11.074 1.00 32.06  ? 12  U   A "O2'" 1 
ATOM   247 C  "C1'" . U   A 1 12 ? 7.509   -4.200  -10.070 1.00 37.52  ? 12  U   A "C1'" 1 
ATOM   248 N  N1    . U   A 1 12 ? 6.439   -3.186  -10.056 1.00 34.51  ? 12  U   A N1    1 
ATOM   249 C  C2    . U   A 1 12 ? 5.193   -3.615  -9.620  1.00 35.47  ? 12  U   A C2    1 
ATOM   250 O  O2    . U   A 1 12 ? 4.960   -4.772  -9.326  1.00 36.03  ? 12  U   A O2    1 
ATOM   251 N  N3    . U   A 1 12 ? 4.218   -2.650  -9.621  1.00 36.29  ? 12  U   A N3    1 
ATOM   252 C  C4    . U   A 1 12 ? 4.359   -1.320  -9.958  1.00 36.62  ? 12  U   A C4    1 
ATOM   253 O  O4    . U   A 1 12 ? 3.381   -0.585  -9.911  1.00 36.90  ? 12  U   A O4    1 
ATOM   254 C  C5    . U   A 1 12 ? 5.679   -0.945  -10.381 1.00 37.38  ? 12  U   A C5    1 
ATOM   255 C  C6    . U   A 1 12 ? 6.642   -1.874  -10.442 1.00 35.12  ? 12  U   A C6    1 
ATOM   256 P  P     . C   A 1 13 ? 7.920   -4.924  -14.738 1.00 37.79  ? 13  C   A P     1 
ATOM   257 O  OP1   . C   A 1 13 ? 8.681   -5.638  -15.802 1.00 37.32  ? 13  C   A OP1   1 
ATOM   258 O  OP2   . C   A 1 13 ? 7.379   -3.583  -14.942 1.00 31.97  ? 13  C   A OP2   1 
ATOM   259 O  "O5'" . C   A 1 13 ? 6.644   -5.849  -14.503 1.00 37.24  ? 13  C   A "O5'" 1 
ATOM   260 C  "C5'" . C   A 1 13 ? 6.750   -7.202  -14.145 1.00 36.05  ? 13  C   A "C5'" 1 
ATOM   261 C  "C4'" . C   A 1 13 ? 5.393   -7.676  -13.661 1.00 36.15  ? 13  C   A "C4'" 1 
ATOM   262 O  "O4'" . C   A 1 13 ? 4.988   -7.011  -12.426 1.00 33.23  ? 13  C   A "O4'" 1 
ATOM   263 C  "C3'" . C   A 1 13 ? 4.208   -7.465  -14.592 1.00 33.22  ? 13  C   A "C3'" 1 
ATOM   264 O  "O3'" . C   A 1 13 ? 4.221   -8.463  -15.605 1.00 34.20  ? 13  C   A "O3'" 1 
ATOM   265 C  "C2'" . C   A 1 13 ? 3.036   -7.654  -13.627 1.00 31.53  ? 13  C   A "C2'" 1 
ATOM   266 O  "O2'" . C   A 1 13 ? 2.823   -8.973  -13.167 1.00 28.41  ? 13  C   A "O2'" 1 
ATOM   267 C  "C1'" . C   A 1 13 ? 3.552   -6.884  -12.414 1.00 30.06  ? 13  C   A "C1'" 1 
ATOM   268 N  N1    . C   A 1 13 ? 3.179   -5.459  -12.512 1.00 28.45  ? 13  C   A N1    1 
ATOM   269 C  C2    . C   A 1 13 ? 1.914   -5.062  -12.064 1.00 28.09  ? 13  C   A C2    1 
ATOM   270 O  O2    . C   A 1 13 ? 1.133   -5.920  -11.626 1.00 26.47  ? 13  C   A O2    1 
ATOM   271 N  N3    . C   A 1 13 ? 1.592   -3.743  -12.086 1.00 23.66  ? 13  C   A N3    1 
ATOM   272 C  C4    . C   A 1 13 ? 2.422   -2.866  -12.657 1.00 28.30  ? 13  C   A C4    1 
ATOM   273 N  N4    . C   A 1 13 ? 2.035   -1.594  -12.737 1.00 29.60  ? 13  C   A N4    1 
ATOM   274 C  C5    . C   A 1 13 ? 3.715   -3.241  -13.105 1.00 30.26  ? 13  C   A C5    1 
ATOM   275 C  C6    . C   A 1 13 ? 4.037   -4.541  -13.048 1.00 30.55  ? 13  C   A C6    1 
ATOM   276 P  P     . G   A 1 14 ? 3.674   -8.132  -17.050 1.00 34.29  ? 14  G   A P     1 
ATOM   277 O  OP1   . G   A 1 14 ? 3.768   -9.405  -17.798 1.00 35.14  ? 14  G   A OP1   1 
ATOM   278 O  OP2   . G   A 1 14 ? 4.341   -6.881  -17.464 1.00 33.67  ? 14  G   A OP2   1 
ATOM   279 O  "O5'" . G   A 1 14 ? 2.128   -7.807  -16.806 1.00 32.61  ? 14  G   A "O5'" 1 
ATOM   280 C  "C5'" . G   A 1 14 ? 1.227   -8.843  -16.414 1.00 29.23  ? 14  G   A "C5'" 1 
ATOM   281 C  "C4'" . G   A 1 14 ? -0.143  -8.331  -16.078 1.00 30.75  ? 14  G   A "C4'" 1 
ATOM   282 O  "O4'" . G   A 1 14 ? -0.122  -7.423  -14.947 1.00 27.13  ? 14  G   A "O4'" 1 
ATOM   283 C  "C3'" . G   A 1 14 ? -0.884  -7.523  -17.127 1.00 32.66  ? 14  G   A "C3'" 1 
ATOM   284 O  "O3'" . G   A 1 14 ? -1.224  -8.293  -18.266 1.00 37.78  ? 14  G   A "O3'" 1 
ATOM   285 C  "C2'" . G   A 1 14 ? -2.024  -6.961  -16.294 1.00 27.70  ? 14  G   A "C2'" 1 
ATOM   286 O  "O2'" . G   A 1 14 ? -3.113  -7.813  -15.987 1.00 32.52  ? 14  G   A "O2'" 1 
ATOM   287 C  "C1'" . G   A 1 14 ? -1.274  -6.595  -15.003 1.00 28.97  ? 14  G   A "C1'" 1 
ATOM   288 N  N9    . G   A 1 14 ? -0.833  -5.200  -14.998 1.00 27.91  ? 14  G   A N9    1 
ATOM   289 C  C8    . G   A 1 14 ? 0.414   -4.706  -15.299 1.00 27.15  ? 14  G   A C8    1 
ATOM   290 N  N7    . G   A 1 14 ? 0.471   -3.401  -15.248 1.00 28.61  ? 14  G   A N7    1 
ATOM   291 C  C5    . G   A 1 14 ? -0.821  -3.011  -14.914 1.00 28.57  ? 14  G   A C5    1 
ATOM   292 C  C6    . G   A 1 14 ? -1.371  -1.721  -14.717 1.00 24.84  ? 14  G   A C6    1 
ATOM   293 O  O6    . G   A 1 14 ? -0.811  -0.627  -14.816 1.00 28.27  ? 14  G   A O6    1 
ATOM   294 N  N1    . G   A 1 14 ? -2.730  -1.779  -14.403 1.00 22.20  ? 14  G   A N1    1 
ATOM   295 C  C2    . G   A 1 14 ? -3.460  -2.936  -14.293 1.00 25.88  ? 14  G   A C2    1 
ATOM   296 N  N2    . G   A 1 14 ? -4.760  -2.805  -13.984 1.00 25.65  ? 14  G   A N2    1 
ATOM   297 N  N3    . G   A 1 14 ? -2.960  -4.144  -14.497 1.00 27.12  ? 14  G   A N3    1 
ATOM   298 C  C4    . G   A 1 14 ? -1.643  -4.108  -14.779 1.00 26.62  ? 14  G   A C4    1 
HETATM 299 O  "O5'" . LCC B 1 1  ? -2.911  13.751  -16.829 1.00 33.02  ? 1   LCC B "O5'" 1 
HETATM 300 C  "C5'" . LCC B 1 1  ? -4.332  13.975  -16.940 1.00 31.48  ? 1   LCC B "C5'" 1 
HETATM 301 C  "C4'" . LCC B 1 1  ? -4.946  12.654  -17.317 1.00 29.21  ? 1   LCC B "C4'" 1 
HETATM 302 O  "O4'" . LCC B 1 1  ? -4.433  11.977  -18.476 1.00 32.41  ? 1   LCC B "O4'" 1 
HETATM 303 C  "C1'" . LCC B 1 1  ? -4.870  10.658  -18.385 1.00 31.33  ? 1   LCC B "C1'" 1 
HETATM 304 N  N1    . LCC B 1 1  ? -3.693  9.740   -18.496 1.00 29.64  ? 1   LCC B N1    1 
HETATM 305 C  C6    . LCC B 1 1  ? -2.385  10.220  -18.330 1.00 26.46  ? 1   LCC B C6    1 
HETATM 306 C  C5    . LCC B 1 1  ? -1.352  9.349   -18.517 1.00 30.11  ? 1   LCC B C5    1 
HETATM 307 C  C5M   . LCC B 1 1  ? 0.018   9.809   -18.376 1.00 34.20  ? 1   LCC B C5M   1 
HETATM 308 C  C4    . LCC B 1 1  ? -1.664  8.020   -18.826 1.00 28.26  ? 1   LCC B C4    1 
HETATM 309 N  N4    . LCC B 1 1  ? -0.653  7.217   -18.982 1.00 26.27  ? 1   LCC B N4    1 
HETATM 310 N  N3    . LCC B 1 1  ? -2.928  7.576   -18.967 1.00 25.62  ? 1   LCC B N3    1 
HETATM 311 C  C2    . LCC B 1 1  ? -3.942  8.448   -18.813 1.00 28.53  ? 1   LCC B C2    1 
HETATM 312 O  O2    . LCC B 1 1  ? -5.104  8.079   -18.925 1.00 26.68  ? 1   LCC B O2    1 
HETATM 313 C  "C3'" . LCC B 1 1  ? -4.707  11.575  -16.349 1.00 31.33  ? 1   LCC B "C3'" 1 
HETATM 314 C  "C2'" . LCC B 1 1  ? -5.602  10.634  -17.081 1.00 31.51  ? 1   LCC B "C2'" 1 
HETATM 315 O  "O2'" . LCC B 1 1  ? -6.832  11.357  -17.309 1.00 33.35  ? 1   LCC B "O2'" 1 
HETATM 316 O  "O3'" . LCC B 1 1  ? -5.194  11.855  -15.084 1.00 29.71  ? 1   LCC B "O3'" 1 
HETATM 317 C  "C6'" . LCC B 1 1  ? -6.402  12.782  -17.399 1.00 30.76  ? 1   LCC B "C6'" 1 
HETATM 318 O  "O5'" . LCC B 1 2  ? -5.986  9.691   -14.047 1.00 29.91  ? 2   LCC B "O5'" 1 
HETATM 319 C  "C5'" . LCC B 1 2  ? -7.412  9.686   -14.047 1.00 29.48  ? 2   LCC B "C5'" 1 
HETATM 320 C  "C4'" . LCC B 1 2  ? -7.750  8.300   -14.478 1.00 27.38  ? 2   LCC B "C4'" 1 
HETATM 321 O  "O4'" . LCC B 1 2  ? -7.188  7.897   -15.747 1.00 28.47  ? 2   LCC B "O4'" 1 
HETATM 322 C  "C1'" . LCC B 1 2  ? -7.310  6.446   -15.712 1.00 28.57  ? 2   LCC B "C1'" 1 
HETATM 323 N  N1    . LCC B 1 2  ? -5.934  5.945   -15.862 1.00 25.89  ? 2   LCC B N1    1 
HETATM 324 C  C6    . LCC B 1 2  ? -4.821  6.776   -15.700 1.00 28.09  ? 2   LCC B C6    1 
HETATM 325 C  C5    . LCC B 1 2  ? -3.551  6.276   -15.881 1.00 26.92  ? 2   LCC B C5    1 
HETATM 326 C  C5M   . LCC B 1 2  ? -2.449  7.121   -15.595 1.00 28.99  ? 2   LCC B C5M   1 
HETATM 327 C  C4    . LCC B 1 2  ? -3.476  4.904   -16.268 1.00 27.64  ? 2   LCC B C4    1 
HETATM 328 N  N4    . LCC B 1 2  ? -2.284  4.418   -16.446 1.00 25.68  ? 2   LCC B N4    1 
HETATM 329 N  N3    . LCC B 1 2  ? -4.579  4.142   -16.518 1.00 25.17  ? 2   LCC B N3    1 
HETATM 330 C  C2    . LCC B 1 2  ? -5.794  4.654   -16.284 1.00 27.96  ? 2   LCC B C2    1 
HETATM 331 O  O2    . LCC B 1 2  ? -6.785  3.937   -16.416 1.00 29.36  ? 2   LCC B O2    1 
HETATM 332 C  "C3'" . LCC B 1 2  ? -7.242  7.195   -13.646 1.00 28.46  ? 2   LCC B "C3'" 1 
HETATM 333 C  "C2'" . LCC B 1 2  ? -7.930  6.139   -14.421 1.00 27.54  ? 2   LCC B "C2'" 1 
HETATM 334 O  "O2'" . LCC B 1 2  ? -9.298  6.622   -14.463 1.00 29.12  ? 2   LCC B "O2'" 1 
HETATM 335 O  "O3'" . LCC B 1 2  ? -7.790  7.200   -12.481 1.00 31.12  ? 2   LCC B "O3'" 1 
HETATM 336 C  "C6'" . LCC B 1 2  ? -9.222  8.120   -14.494 1.00 29.25  ? 2   LCC B "C6'" 1 
HETATM 337 P  P     . LCC B 1 2  ? -5.114  11.033  -13.664 1.00 32.45  ? 2   LCC B P     1 
HETATM 338 O  O1P   . LCC B 1 2  ? -5.757  11.730  -12.579 1.00 26.75  ? 2   LCC B O1P   1 
HETATM 339 O  O2P   . LCC B 1 2  ? -3.697  10.493  -13.575 1.00 28.21  ? 2   LCC B O2P   1 
HETATM 340 O  "O5'" . LCC B 1 3  ? -7.553  5.037   -11.264 1.00 26.51  ? 3   LCC B "O5'" 1 
HETATM 341 C  "C5'" . LCC B 1 3  ? -8.966  4.492   -11.349 1.00 24.37  ? 3   LCC B "C5'" 1 
HETATM 342 C  "C4'" . LCC B 1 3  ? -8.797  3.037   -11.714 1.00 25.77  ? 3   LCC B "C4'" 1 
HETATM 343 O  "O4'" . LCC B 1 3  ? -8.148  2.951   -12.912 1.00 26.71  ? 3   LCC B "O4'" 1 
HETATM 344 C  "C1'" . LCC B 1 3  ? -7.667  1.651   -12.976 1.00 24.89  ? 3   LCC B "C1'" 1 
HETATM 345 N  N1    . LCC B 1 3  ? -6.229  1.693   -13.160 1.00 23.24  ? 3   LCC B N1    1 
HETATM 346 C  C6    . LCC B 1 3  ? -5.488  2.895   -12.980 1.00 26.40  ? 3   LCC B C6    1 
HETATM 347 C  C5    . LCC B 1 3  ? -4.108  2.911   -13.139 1.00 23.64  ? 3   LCC B C5    1 
HETATM 348 C  C5M   . LCC B 1 3  ? -3.385  4.122   -12.874 1.00 26.16  ? 3   LCC B C5M   1 
HETATM 349 C  C4    . LCC B 1 3  ? -3.509  1.758   -13.602 1.00 25.91  ? 3   LCC B C4    1 
HETATM 350 N  N4    . LCC B 1 3  ? -2.206  1.820   -13.820 1.00 25.24  ? 3   LCC B N4    1 
HETATM 351 N  N3    . LCC B 1 3  ? -4.200  0.620   -13.762 1.00 24.17  ? 3   LCC B N3    1 
HETATM 352 C  C2    . LCC B 1 3  ? -5.541  0.555   -13.538 1.00 24.62  ? 3   LCC B C2    1 
HETATM 353 O  O2    . LCC B 1 3  ? -6.141  -0.523  -13.790 1.00 26.06  ? 3   LCC B O2    1 
HETATM 354 C  "C3'" . LCC B 1 3  ? -7.887  2.213   -10.831 1.00 25.70  ? 3   LCC B "C3'" 1 
HETATM 355 C  "C2'" . LCC B 1 3  ? -8.102  1.089   -11.693 1.00 27.29  ? 3   LCC B "C2'" 1 
HETATM 356 O  "O2'" . LCC B 1 3  ? -9.532  0.901   -11.715 1.00 28.11  ? 3   LCC B "O2'" 1 
HETATM 357 O  "O3'" . LCC B 1 3  ? -8.461  1.963   -9.480  1.00 28.95  ? 3   LCC B "O3'" 1 
HETATM 358 C  "C6'" . LCC B 1 3  ? -10.134 2.250   -11.665 1.00 27.31  ? 3   LCC B "C6'" 1 
HETATM 359 P  P     . LCC B 1 3  ? -7.363  6.613   -10.958 1.00 29.01  ? 3   LCC B P     1 
HETATM 360 O  O1P   . LCC B 1 3  ? -8.177  6.986   -9.754  1.00 30.16  ? 3   LCC B O1P   1 
HETATM 361 O  O2P   . LCC B 1 3  ? -5.867  6.541   -10.902 1.00 25.95  ? 3   LCC B O2P   1 
ATOM   362 P  P     . G   B 1 4  ? -7.416  1.820   -8.259  1.00 29.56  ? 4   G   B P     1 
ATOM   363 O  OP1   . G   B 1 4  ? -8.232  2.074   -7.078  1.00 36.60  ? 4   G   B OP1   1 
ATOM   364 O  OP2   . G   B 1 4  ? -6.153  2.482   -8.478  1.00 31.17  ? 4   G   B OP2   1 
ATOM   365 O  "O5'" . G   B 1 4  ? -7.163  0.261   -8.471  1.00 29.86  ? 4   G   B "O5'" 1 
ATOM   366 C  "C5'" . G   B 1 4  ? -8.218  -0.706  -8.413  1.00 29.02  ? 4   G   B "C5'" 1 
ATOM   367 C  "C4'" . G   B 1 4  ? -7.718  -2.071  -8.833  1.00 27.09  ? 4   G   B "C4'" 1 
ATOM   368 O  "O4'" . G   B 1 4  ? -7.183  -2.046  -10.178 1.00 28.27  ? 4   G   B "O4'" 1 
ATOM   369 C  "C3'" . G   B 1 4  ? -6.570  -2.652  -8.008  1.00 29.32  ? 4   G   B "C3'" 1 
ATOM   370 O  "O3'" . G   B 1 4  ? -7.091  -3.339  -6.869  1.00 27.22  ? 4   G   B "O3'" 1 
ATOM   371 C  "C2'" . G   B 1 4  ? -6.001  -3.704  -8.956  1.00 27.67  ? 4   G   B "C2'" 1 
ATOM   372 O  "O2'" . G   B 1 4  ? -6.686  -4.945  -9.009  1.00 26.14  ? 4   G   B "O2'" 1 
ATOM   373 C  "C1'" . G   B 1 4  ? -6.091  -2.967  -10.283 1.00 28.82  ? 4   G   B "C1'" 1 
ATOM   374 N  N9    . G   B 1 4  ? -4.872  -2.201  -10.528 1.00 26.69  ? 4   G   B N9    1 
ATOM   375 C  C8    . G   B 1 4  ? -4.720  -0.840  -10.475 1.00 25.45  ? 4   G   B C8    1 
ATOM   376 N  N7    . G   B 1 4  ? -3.496  -0.449  -10.702 1.00 27.27  ? 4   G   B N7    1 
ATOM   377 C  C5    . G   B 1 4  ? -2.803  -1.625  -10.955 1.00 26.71  ? 4   G   B C5    1 
ATOM   378 C  C6    . G   B 1 4  ? -1.447  -1.832  -11.304 1.00 26.80  ? 4   G   B C6    1 
ATOM   379 O  O6    . G   B 1 4  ? -0.557  -0.986  -11.494 1.00 24.50  ? 4   G   B O6    1 
ATOM   380 N  N1    . G   B 1 4  ? -1.157  -3.186  -11.434 1.00 25.12  ? 4   G   B N1    1 
ATOM   381 C  C2    . G   B 1 4  ? -2.067  -4.206  -11.309 1.00 24.92  ? 4   G   B C2    1 
ATOM   382 N  N2    . G   B 1 4  ? -1.593  -5.439  -11.466 1.00 25.40  ? 4   G   B N2    1 
ATOM   383 N  N3    . G   B 1 4  ? -3.331  -4.027  -10.959 1.00 24.33  ? 4   G   B N3    1 
ATOM   384 C  C4    . G   B 1 4  ? -3.635  -2.717  -10.832 1.00 25.56  ? 4   G   B C4    1 
ATOM   385 P  P     . A   B 1 5  ? -6.349  -3.169  -5.445  1.00 35.09  ? 5   A   B P     1 
ATOM   386 O  OP1   . A   B 1 5  ? -7.384  -3.497  -4.442  1.00 35.41  ? 5   A   B OP1   1 
ATOM   387 O  OP2   . A   B 1 5  ? -5.708  -1.903  -5.418  1.00 27.22  ? 5   A   B OP2   1 
ATOM   388 O  "O5'" . A   B 1 5  ? -5.143  -4.191  -5.580  1.00 27.41  ? 5   A   B "O5'" 1 
ATOM   389 C  "C5'" . A   B 1 5  ? -5.477  -5.588  -5.658  1.00 26.65  ? 5   A   B "C5'" 1 
ATOM   390 C  "C4'" . A   B 1 5  ? -4.263  -6.405  -5.963  1.00 27.94  ? 5   A   B "C4'" 1 
ATOM   391 O  "O4'" . A   B 1 5  ? -3.793  -6.099  -7.297  1.00 27.83  ? 5   A   B "O4'" 1 
ATOM   392 C  "C3'" . A   B 1 5  ? -3.045  -6.223  -5.074  1.00 30.07  ? 5   A   B "C3'" 1 
ATOM   393 O  "O3'" . A   B 1 5  ? -3.221  -6.880  -3.826  1.00 32.80  ? 5   A   B "O3'" 1 
ATOM   394 C  "C2'" . A   B 1 5  ? -1.967  -6.786  -5.979  1.00 32.35  ? 5   A   B "C2'" 1 
ATOM   395 O  "O2'" . A   B 1 5  ? -2.054  -8.179  -6.046  1.00 35.16  ? 5   A   B "O2'" 1 
ATOM   396 C  "C1'" . A   B 1 5  ? -2.385  -6.163  -7.320  1.00 29.89  ? 5   A   B "C1'" 1 
ATOM   397 N  N9    . A   B 1 5  ? -1.882  -4.811  -7.545  1.00 26.50  ? 5   A   B N9    1 
ATOM   398 C  C8    . A   B 1 5  ? -2.515  -3.601  -7.368  1.00 26.41  ? 5   A   B C8    1 
ATOM   399 N  N7    . A   B 1 5  ? -1.788  -2.571  -7.719  1.00 29.31  ? 5   A   B N7    1 
ATOM   400 C  C5    . A   B 1 5  ? -0.572  -3.130  -8.086  1.00 26.95  ? 5   A   B C5    1 
ATOM   401 C  C6    . A   B 1 5  ? 0.624   -2.561  -8.552  1.00 30.50  ? 5   A   B C6    1 
ATOM   402 N  N6    . A   B 1 5  ? 0.811   -1.252  -8.674  1.00 31.66  ? 5   A   B N6    1 
ATOM   403 N  N1    . A   B 1 5  ? 1.637   -3.395  -8.868  1.00 29.04  ? 5   A   B N1    1 
ATOM   404 C  C2    . A   B 1 5  ? 1.441   -4.715  -8.753  1.00 33.19  ? 5   A   B C2    1 
ATOM   405 N  N3    . A   B 1 5  ? 0.355   -5.372  -8.343  1.00 30.83  ? 5   A   B N3    1 
ATOM   406 C  C4    . A   B 1 5  ? -0.632  -4.509  -8.037  1.00 28.14  ? 5   A   B C4    1 
ATOM   407 P  P     . C   B 1 6  ? -2.541  -6.296  -2.510  1.00 34.00  ? 6   C   B P     1 
ATOM   408 O  OP1   . C   B 1 6  ? -3.064  -7.114  -1.397  1.00 35.62  ? 6   C   B OP1   1 
ATOM   409 O  OP2   . C   B 1 6  ? -2.717  -4.843  -2.506  1.00 29.32  ? 6   C   B OP2   1 
ATOM   410 O  "O5'" . C   B 1 6  ? -0.996  -6.526  -2.779  1.00 28.03  ? 6   C   B "O5'" 1 
ATOM   411 C  "C5'" . C   B 1 6  ? -0.517  -7.870  -2.919  1.00 29.25  ? 6   C   B "C5'" 1 
ATOM   412 C  "C4'" . C   B 1 6  ? 0.870   -7.906  -3.492  1.00 29.86  ? 6   C   B "C4'" 1 
ATOM   413 O  "O4'" . C   B 1 6  ? 0.876   -7.246  -4.783  1.00 29.39  ? 6   C   B "O4'" 1 
ATOM   414 C  "C3'" . C   B 1 6  ? 1.945   -7.175  -2.699  1.00 29.04  ? 6   C   B "C3'" 1 
ATOM   415 O  "O3'" . C   B 1 6  ? 2.528   -8.009  -1.722  1.00 30.45  ? 6   C   B "O3'" 1 
ATOM   416 C  "C2'" . C   B 1 6  ? 2.986   -6.924  -3.765  1.00 28.81  ? 6   C   B "C2'" 1 
ATOM   417 O  "O2'" . C   B 1 6  ? 3.658   -8.115  -4.004  1.00 32.34  ? 6   C   B "O2'" 1 
ATOM   418 C  "C1'" . C   B 1 6  ? 2.096   -6.576  -4.957  1.00 28.66  ? 6   C   B "C1'" 1 
ATOM   419 N  N1    . C   B 1 6  ? 1.861   -5.125  -5.034  1.00 28.15  ? 6   C   B N1    1 
ATOM   420 C  C2    . C   B 1 6  ? 2.857   -4.351  -5.638  1.00 32.50  ? 6   C   B C2    1 
ATOM   421 O  O2    . C   B 1 6  ? 3.874   -4.921  -6.057  1.00 29.32  ? 6   C   B O2    1 
ATOM   422 N  N3    . C   B 1 6  ? 2.706   -3.004  -5.706  1.00 27.85  ? 6   C   B N3    1 
ATOM   423 C  C4    . C   B 1 6  ? 1.583   -2.440  -5.253  1.00 30.63  ? 6   C   B C4    1 
ATOM   424 N  N4    . C   B 1 6  ? 1.468   -1.120  -5.339  1.00 28.36  ? 6   C   B N4    1 
ATOM   425 C  C5    . C   B 1 6  ? 0.535   -3.213  -4.655  1.00 29.53  ? 6   C   B C5    1 
ATOM   426 C  C6    . C   B 1 6  ? 0.709   -4.541  -4.587  1.00 30.20  ? 6   C   B C6    1 
ATOM   427 P  P     . U   B 1 7  ? 3.183   -7.341  -0.406  1.00 33.31  ? 7   U   B P     1 
ATOM   428 O  OP1   . U   B 1 7  ? 3.395   -8.399  0.582   1.00 30.63  ? 7   U   B OP1   1 
ATOM   429 O  OP2   . U   B 1 7  ? 2.410   -6.167  -0.057  1.00 32.03  ? 7   U   B OP2   1 
ATOM   430 O  "O5'" . U   B 1 7  ? 4.565   -6.807  -0.938  1.00 33.43  ? 7   U   B "O5'" 1 
ATOM   431 C  "C5'" . U   B 1 7  ? 5.650   -7.675  -1.227  1.00 37.82  ? 7   U   B "C5'" 1 
ATOM   432 C  "C4'" . U   B 1 7  ? 6.826   -6.844  -1.655  1.00 34.45  ? 7   U   B "C4'" 1 
ATOM   433 O  "O4'" . U   B 1 7  ? 6.428   -6.021  -2.784  1.00 39.45  ? 7   U   B "O4'" 1 
ATOM   434 C  "C3'" . U   B 1 7  ? 7.288   -5.808  -0.647  1.00 38.99  ? 7   U   B "C3'" 1 
ATOM   435 O  "O3'" . U   B 1 7  ? 8.028   -6.384  0.404   1.00 39.97  ? 7   U   B "O3'" 1 
ATOM   436 C  "C2'" . U   B 1 7  ? 8.070   -4.863  -1.529  1.00 37.45  ? 7   U   B "C2'" 1 
ATOM   437 O  "O2'" . U   B 1 7  ? 9.324   -5.384  -1.919  1.00 36.73  ? 7   U   B "O2'" 1 
ATOM   438 C  "C1'" . U   B 1 7  ? 7.149   -4.801  -2.749  1.00 34.43  ? 7   U   B "C1'" 1 
ATOM   439 N  N1    . U   B 1 7  ? 6.195   -3.677  -2.781  1.00 33.67  ? 7   U   B N1    1 
ATOM   440 C  C2    . U   B 1 7  ? 6.708   -2.450  -3.161  1.00 37.15  ? 7   U   B C2    1 
ATOM   441 O  O2    . U   B 1 7  ? 7.895   -2.260  -3.374  1.00 34.91  ? 7   U   B O2    1 
ATOM   442 N  N3    . U   B 1 7  ? 5.778   -1.454  -3.290  1.00 33.69  ? 7   U   B N3    1 
ATOM   443 C  C4    . U   B 1 7  ? 4.432   -1.528  -3.026  1.00 33.25  ? 7   U   B C4    1 
ATOM   444 O  O4    . U   B 1 7  ? 3.737   -0.535  -3.204  1.00 31.64  ? 7   U   B O4    1 
ATOM   445 C  C5    . U   B 1 7  ? 3.964   -2.832  -2.677  1.00 30.32  ? 7   U   B C5    1 
ATOM   446 C  C6    . U   B 1 7  ? 4.842   -3.836  -2.553  1.00 35.57  ? 7   U   B C6    1 
ATOM   447 P  P     . U   B 1 8  ? 7.947   -5.771  1.878   1.00 40.21  ? 8   U   B P     1 
ATOM   448 O  OP1   . U   B 1 8  ? 8.638   -6.767  2.765   1.00 43.40  ? 8   U   B OP1   1 
ATOM   449 O  OP2   . U   B 1 8  ? 6.575   -5.352  2.174   1.00 36.93  ? 8   U   B OP2   1 
ATOM   450 O  "O5'" . U   B 1 8  ? 8.813   -4.442  1.748   1.00 43.18  ? 8   U   B "O5'" 1 
ATOM   451 C  "C5'" . U   B 1 8  ? 10.134  -4.470  1.168   1.00 42.91  ? 8   U   B "C5'" 1 
ATOM   452 C  "C4'" . U   B 1 8  ? 10.642  -3.062  0.979   1.00 44.82  ? 8   U   B "C4'" 1 
ATOM   453 O  "O4'" . U   B 1 8  ? 10.102  -2.476  -0.243  1.00 44.60  ? 8   U   B "O4'" 1 
ATOM   454 C  "C3'" . U   B 1 8  ? 10.294  -2.044  2.066   1.00 43.94  ? 8   U   B "C3'" 1 
ATOM   455 O  "O3'" . U   B 1 8  ? 11.145  -2.042  3.213   1.00 44.96  ? 8   U   B "O3'" 1 
ATOM   456 C  "C2'" . U   B 1 8  ? 10.534  -0.751  1.313   1.00 42.20  ? 8   U   B "C2'" 1 
ATOM   457 O  "O2'" . U   B 1 8  ? 11.898  -0.463  1.167   1.00 38.25  ? 8   U   B "O2'" 1 
ATOM   458 C  "C1'" . U   B 1 8  ? 9.919   -1.088  -0.046  1.00 41.02  ? 8   U   B "C1'" 1 
ATOM   459 N  N1    . U   B 1 8  ? 8.483   -0.778  -0.069  1.00 37.04  ? 8   U   B N1    1 
ATOM   460 C  C2    . U   B 1 8  ? 8.133   0.504   -0.465  1.00 37.87  ? 8   U   B C2    1 
ATOM   461 O  O2    . U   B 1 8  ? 8.950   1.350   -0.765  1.00 39.74  ? 8   U   B O2    1 
ATOM   462 N  N3    . U   B 1 8  ? 6.790   0.763   -0.461  1.00 33.28  ? 8   U   B N3    1 
ATOM   463 C  C4    . U   B 1 8  ? 5.779   -0.102  -0.122  1.00 38.45  ? 8   U   B C4    1 
ATOM   464 O  O4    . U   B 1 8  ? 4.618   0.279   -0.201  1.00 35.17  ? 8   U   B O4    1 
ATOM   465 C  C5    . U   B 1 8  ? 6.215   -1.409  0.287   1.00 39.27  ? 8   U   B C5    1 
ATOM   466 C  C6    . U   B 1 8  ? 7.523   -1.682  0.332   1.00 35.83  ? 8   U   B C6    1 
ATOM   467 P  P     . A   B 1 9  ? 10.584  -1.765  4.704   1.00 52.77  ? 9   A   B P     1 
ATOM   468 O  OP1   . A   B 1 9  ? 11.655  -2.144  5.645   1.00 58.90  ? 9   A   B OP1   1 
ATOM   469 O  OP2   . A   B 1 9  ? 9.257   -2.356  4.870   1.00 52.18  ? 9   A   B OP2   1 
ATOM   470 O  "O5'" . A   B 1 9  ? 10.514  -0.180  4.768   1.00 50.54  ? 9   A   B "O5'" 1 
ATOM   471 C  "C5'" . A   B 1 9  ? 11.732  0.509   4.499   1.00 49.48  ? 9   A   B "C5'" 1 
ATOM   472 C  "C4'" . A   B 1 9  ? 11.492  1.974   4.310   1.00 52.27  ? 9   A   B "C4'" 1 
ATOM   473 O  "O4'" . A   B 1 9  ? 10.897  2.223   3.012   1.00 53.42  ? 9   A   B "O4'" 1 
ATOM   474 C  "C3'" . A   B 1 9  ? 10.564  2.671   5.299   1.00 52.87  ? 9   A   B "C3'" 1 
ATOM   475 O  "O3'" . A   B 1 9  ? 11.232  2.918   6.534   1.00 51.24  ? 9   A   B "O3'" 1 
ATOM   476 C  "C2'" . A   B 1 9  ? 10.226  3.926   4.509   1.00 51.77  ? 9   A   B "C2'" 1 
ATOM   477 O  "O2'" . A   B 1 9  ? 11.262  4.890   4.555   1.00 53.58  ? 9   A   B "O2'" 1 
ATOM   478 C  "C1'" . A   B 1 9  ? 10.015  3.328   3.110   1.00 52.07  ? 9   A   B "C1'" 1 
ATOM   479 N  N9    . A   B 1 9  ? 8.644   2.836   2.916   1.00 52.10  ? 9   A   B N9    1 
ATOM   480 C  C8    . A   B 1 9  ? 8.105   1.590   3.140   1.00 45.89  ? 9   A   B C8    1 
ATOM   481 N  N7    . A   B 1 9  ? 6.821   1.517   2.877   1.00 43.34  ? 9   A   B N7    1 
ATOM   482 C  C5    . A   B 1 9  ? 6.483   2.813   2.511   1.00 44.77  ? 9   A   B C5    1 
ATOM   483 C  C6    . A   B 1 9  ? 5.269   3.402   2.117   1.00 38.84  ? 9   A   B C6    1 
ATOM   484 N  N6    . A   B 1 9  ? 4.119   2.737   2.027   1.00 34.66  ? 9   A   B N6    1 
ATOM   485 N  N1    . A   B 1 9  ? 5.284   4.712   1.786   1.00 39.15  ? 9   A   B N1    1 
ATOM   486 C  C2    . A   B 1 9  ? 6.442   5.381   1.860   1.00 39.67  ? 9   A   B C2    1 
ATOM   487 N  N3    . A   B 1 9  ? 7.642   4.941   2.224   1.00 38.64  ? 9   A   B N3    1 
ATOM   488 C  C4    . A   B 1 9  ? 7.596   3.635   2.536   1.00 43.26  ? 9   A   B C4    1 
ATOM   489 P  P     . A   B 1 10 ? 10.418  2.938   7.897   1.00 51.48  ? 10  A   B P     1 
ATOM   490 O  OP1   . A   B 1 10 ? 11.371  3.026   9.024   1.00 54.98  ? 10  A   B OP1   1 
ATOM   491 O  OP2   . A   B 1 10 ? 9.404   1.847   7.889   1.00 57.63  ? 10  A   B OP2   1 
ATOM   492 O  "O5'" . A   B 1 10 ? 9.658   4.331   7.847   1.00 47.49  ? 10  A   B "O5'" 1 
ATOM   493 C  "C5'" . A   B 1 10 ? 10.383  5.563   7.810   1.00 45.17  ? 10  A   B "C5'" 1 
ATOM   494 C  "C4'" . A   B 1 10 ? 9.422   6.686   7.550   1.00 48.57  ? 10  A   B "C4'" 1 
ATOM   495 O  "O4'" . A   B 1 10 ? 8.901   6.578   6.197   1.00 48.13  ? 10  A   B "O4'" 1 
ATOM   496 C  "C3'" . A   B 1 10 ? 8.166   6.719   8.418   1.00 50.06  ? 10  A   B "C3'" 1 
ATOM   497 O  "O3'" . A   B 1 10 ? 8.332   7.401   9.639   1.00 52.89  ? 10  A   B "O3'" 1 
ATOM   498 C  "C2'" . A   B 1 10 ? 7.243   7.566   7.570   1.00 53.57  ? 10  A   B "C2'" 1 
ATOM   499 O  "O2'" . A   B 1 10 ? 7.483   8.958   7.619   1.00 50.24  ? 10  A   B "O2'" 1 
ATOM   500 C  "C1'" . A   B 1 10 ? 7.549   7.008   6.185   1.00 53.47  ? 10  A   B "C1'" 1 
ATOM   501 N  N9    . A   B 1 10 ? 6.665   5.869   5.928   1.00 44.27  ? 10  A   B N9    1 
ATOM   502 C  C8    . A   B 1 10 ? 6.798   4.532   6.203   1.00 42.29  ? 10  A   B C8    1 
ATOM   503 N  N7    . A   B 1 10 ? 5.741   3.823   5.890   1.00 41.47  ? 10  A   B N7    1 
ATOM   504 C  C5    . A   B 1 10 ? 4.837   4.764   5.416   1.00 44.32  ? 10  A   B C5    1 
ATOM   505 C  C6    . A   B 1 10 ? 3.526   4.656   4.915   1.00 39.53  ? 10  A   B C6    1 
ATOM   506 N  N6    . A   B 1 10 ? 2.862   3.506   4.828   1.00 39.84  ? 10  A   B N6    1 
ATOM   507 N  N1    . A   B 1 10 ? 2.903   5.791   4.527   1.00 41.69  ? 10  A   B N1    1 
ATOM   508 C  C2    . A   B 1 10 ? 3.564   6.952   4.627   1.00 44.88  ? 10  A   B C2    1 
ATOM   509 N  N3    . A   B 1 10 ? 4.793   7.182   5.087   1.00 38.03  ? 10  A   B N3    1 
ATOM   510 C  C4    . A   B 1 10 ? 5.386   6.031   5.456   1.00 45.71  ? 10  A   B C4    1 
ATOM   511 P  P     . G   B 1 11 ? 7.618   6.866   10.940  1.00 59.09  ? 11  G   B P     1 
ATOM   512 O  OP1   . G   B 1 11 ? 8.364   7.403   12.100  1.00 64.62  ? 11  G   B OP1   1 
ATOM   513 O  OP2   . G   B 1 11 ? 7.427   5.406   10.779  1.00 61.00  ? 11  G   B OP2   1 
ATOM   514 O  "O5'" . G   B 1 11 ? 6.140   7.453   10.871  1.00 48.38  ? 11  G   B "O5'" 1 
ATOM   515 C  "C5'" . G   B 1 11 ? 5.867   8.851   10.868  1.00 46.22  ? 11  G   B "C5'" 1 
ATOM   516 C  "C4'" . G   B 1 11 ? 4.531   9.093   10.212  1.00 45.40  ? 11  G   B "C4'" 1 
ATOM   517 O  "O4'" . G   B 1 11 ? 4.463   8.432   8.925   1.00 49.70  ? 11  G   B "O4'" 1 
ATOM   518 C  "C3'" . G   B 1 11 ? 3.311   8.521   10.902  1.00 42.14  ? 11  G   B "C3'" 1 
ATOM   519 O  "O3'" . G   B 1 11 ? 2.926   9.319   11.997  1.00 47.35  ? 11  G   B "O3'" 1 
ATOM   520 C  "C2'" . G   B 1 11 ? 2.280   8.665   9.798   1.00 42.07  ? 11  G   B "C2'" 1 
ATOM   521 O  "O2'" . G   B 1 11 ? 1.836   9.990   9.614   1.00 35.39  ? 11  G   B "O2'" 1 
ATOM   522 C  "C1'" . G   B 1 11 ? 3.089   8.184   8.600   1.00 44.99  ? 11  G   B "C1'" 1 
ATOM   523 N  N9    . G   B 1 11 ? 2.878   6.751   8.383   1.00 43.71  ? 11  G   B N9    1 
ATOM   524 C  C8    . G   B 1 11 ? 3.732   5.708   8.649   1.00 41.77  ? 11  G   B C8    1 
ATOM   525 N  N7    . G   B 1 11 ? 3.215   4.541   8.364   1.00 42.63  ? 11  G   B N7    1 
ATOM   526 C  C5    . G   B 1 11 ? 1.950   4.835   7.879   1.00 35.31  ? 11  G   B C5    1 
ATOM   527 C  C6    . G   B 1 11 ? 0.921   3.975   7.400   1.00 33.46  ? 11  G   B C6    1 
ATOM   528 O  O6    . G   B 1 11 ? 0.927   2.751   7.305   1.00 30.11  ? 11  G   B O6    1 
ATOM   529 N  N1    . G   B 1 11 ? -0.213  4.689   7.036   1.00 31.23  ? 11  G   B N1    1 
ATOM   530 C  C2    . G   B 1 11 ? -0.324  6.060   7.062   1.00 34.58  ? 11  G   B C2    1 
ATOM   531 N  N2    . G   B 1 11 ? -1.483  6.571   6.641   1.00 32.13  ? 11  G   B N2    1 
ATOM   532 N  N3    . G   B 1 11 ? 0.629   6.870   7.492   1.00 37.81  ? 11  G   B N3    1 
ATOM   533 C  C4    . G   B 1 11 ? 1.726   6.193   7.889   1.00 35.14  ? 11  G   B C4    1 
ATOM   534 P  P     . U   B 1 12 ? 2.156   8.703   13.226  1.00 42.01  ? 12  U   B P     1 
ATOM   535 O  OP1   . U   B 1 12 ? 2.166   9.756   14.295  1.00 43.82  ? 12  U   B OP1   1 
ATOM   536 O  OP2   . U   B 1 12 ? 2.679   7.333   13.462  1.00 37.93  ? 12  U   B OP2   1 
ATOM   537 O  "O5'" . U   B 1 12 ? 0.651   8.638   12.746  1.00 38.13  ? 12  U   B "O5'" 1 
ATOM   538 C  "C5'" . U   B 1 12 ? -0.037  9.833   12.411  1.00 37.84  ? 12  U   B "C5'" 1 
ATOM   539 C  "C4'" . U   B 1 12 ? -1.405  9.481   11.897  1.00 40.86  ? 12  U   B "C4'" 1 
ATOM   540 O  "O4'" . U   B 1 12 ? -1.265  8.782   10.631  1.00 41.96  ? 12  U   B "O4'" 1 
ATOM   541 C  "C3'" . U   B 1 12 ? -2.205  8.521   12.749  1.00 38.52  ? 12  U   B "C3'" 1 
ATOM   542 O  "O3'" . U   B 1 12 ? -2.866  9.106   13.867  1.00 36.90  ? 12  U   B "O3'" 1 
ATOM   543 C  "C2'" . U   B 1 12 ? -3.191  7.982   11.732  1.00 38.05  ? 12  U   B "C2'" 1 
ATOM   544 O  "O2'" . U   B 1 12 ? -4.243  8.855   11.395  1.00 31.31  ? 12  U   B "O2'" 1 
ATOM   545 C  "C1'" . U   B 1 12 ? -2.273  7.790   10.528  1.00 38.73  ? 12  U   B "C1'" 1 
ATOM   546 N  N1    . U   B 1 12 ? -1.651  6.454   10.480  1.00 35.15  ? 12  U   B N1    1 
ATOM   547 C  C2    . U   B 1 12 ? -2.409  5.446   9.907   1.00 33.94  ? 12  U   B C2    1 
ATOM   548 O  O2    . U   B 1 12 ? -3.550  5.618   9.530   1.00 38.07  ? 12  U   B O2    1 
ATOM   549 N  N3    . U   B 1 12 ? -1.805  4.213   9.877   1.00 35.10  ? 12  U   B N3    1 
ATOM   550 C  C4    . U   B 1 12 ? -0.534  3.896   10.305  1.00 35.47  ? 12  U   B C4    1 
ATOM   551 O  O4    . U   B 1 12 ? -0.145  2.736   10.220  1.00 36.82  ? 12  U   B O4    1 
ATOM   552 C  C5    . U   B 1 12 ? 0.199   4.994   10.871  1.00 36.06  ? 12  U   B C5    1 
ATOM   553 C  C6    . U   B 1 12 ? -0.380  6.199   10.961  1.00 33.41  ? 12  U   B C6    1 
ATOM   554 P  P     . C   B 1 13 ? -3.200  8.203   15.135  1.00 38.07  ? 13  C   B P     1 
ATOM   555 O  OP1   . C   B 1 13 ? -3.697  9.075   16.233  1.00 38.02  ? 13  C   B OP1   1 
ATOM   556 O  OP2   . C   B 1 13 ? -2.101  7.254   15.375  1.00 32.66  ? 13  C   B OP2   1 
ATOM   557 O  "O5'" . C   B 1 13 ? -4.475  7.349   14.723  1.00 37.46  ? 13  C   B "O5'" 1 
ATOM   558 C  "C5'" . C   B 1 13 ? -5.686  7.923   14.302  1.00 35.87  ? 13  C   B "C5'" 1 
ATOM   559 C  "C4'" . C   B 1 13 ? -6.538  6.828   13.687  1.00 35.53  ? 13  C   B "C4'" 1 
ATOM   560 O  "O4'" . C   B 1 13 ? -5.938  6.284   12.475  1.00 33.98  ? 13  C   B "O4'" 1 
ATOM   561 C  "C3'" . C   B 1 13 ? -6.811  5.594   14.528  1.00 33.19  ? 13  C   B "C3'" 1 
ATOM   562 O  "O3'" . C   B 1 13 ? -7.826  5.856   15.492  1.00 33.96  ? 13  C   B "O3'" 1 
ATOM   563 C  "C2'" . C   B 1 13 ? -7.301  4.616   13.456  1.00 32.12  ? 13  C   B "C2'" 1 
ATOM   564 O  "O2'" . C   B 1 13 ? -8.576  4.868   12.901  1.00 27.95  ? 13  C   B "O2'" 1 
ATOM   565 C  "C1'" . C   B 1 13 ? -6.293  4.890   12.349  1.00 29.22  ? 13  C   B "C1'" 1 
ATOM   566 N  N1    . C   B 1 13 ? -5.083  4.053   12.503  1.00 28.50  ? 13  C   B N1    1 
ATOM   567 C  C2    . C   B 1 13 ? -5.085  2.752   11.986  1.00 27.15  ? 13  C   B C2    1 
ATOM   568 O  O2    . C   B 1 13 ? -6.108  2.328   11.435  1.00 27.25  ? 13  C   B O2    1 
ATOM   569 N  N3    . C   B 1 13 ? -3.947  2.011   12.056  1.00 24.10  ? 13  C   B N3    1 
ATOM   570 C  C4    . C   B 1 13 ? -2.886  2.483   12.717  1.00 28.36  ? 13  C   B C4    1 
ATOM   571 N  N4    . C   B 1 13 ? -1.809  1.698   12.828  1.00 28.61  ? 13  C   B N4    1 
ATOM   572 C  C5    . C   B 1 13 ? -2.852  3.806   13.233  1.00 29.36  ? 13  C   B C5    1 
ATOM   573 C  C6    . C   B 1 13 ? -3.965  4.545   13.117  1.00 29.87  ? 13  C   B C6    1 
ATOM   574 P  P     . G   B 1 14 ? -7.774  5.156   16.906  1.00 34.62  ? 14  G   B P     1 
ATOM   575 O  OP1   . G   B 1 14 ? -9.008  5.603   17.590  1.00 36.48  ? 14  G   B OP1   1 
ATOM   576 O  OP2   . G   B 1 14 ? -6.430  5.406   17.447  1.00 35.30  ? 14  G   B OP2   1 
ATOM   577 O  "O5'" . G   B 1 14 ? -7.915  3.599   16.556  1.00 31.79  ? 14  G   B "O5'" 1 
ATOM   578 C  "C5'" . G   B 1 14 ? -9.166  3.116   16.062  1.00 27.67  ? 14  G   B "C5'" 1 
ATOM   579 C  "C4'" . G   B 1 14 ? -9.131  1.673   15.650  1.00 29.99  ? 14  G   B "C4'" 1 
ATOM   580 O  "O4'" . G   B 1 14 ? -8.204  1.443   14.556  1.00 27.51  ? 14  G   B "O4'" 1 
ATOM   581 C  "C3'" . G   B 1 14 ? -8.692  0.657   16.686  1.00 32.33  ? 14  G   B "C3'" 1 
ATOM   582 O  "O3'" . G   B 1 14 ? -9.657  0.490   17.709  1.00 38.78  ? 14  G   B "O3'" 1 
ATOM   583 C  "C2'" . G   B 1 14 ? -8.454  -0.558  15.809  1.00 26.84  ? 14  G   B "C2'" 1 
ATOM   584 O  "O2'" . G   B 1 14 ? -9.606  -1.271  15.425  1.00 33.27  ? 14  G   B "O2'" 1 
ATOM   585 C  "C1'" . G   B 1 14 ? -7.805  0.084   14.573  1.00 28.40  ? 14  G   B "C1'" 1 
ATOM   586 N  N9    . G   B 1 14 ? -6.347  0.033   14.654  1.00 28.26  ? 14  G   B N9    1 
ATOM   587 C  C8    . G   B 1 14 ? -5.491  1.022   15.085  1.00 27.38  ? 14  G   B C8    1 
ATOM   588 N  N7    . G   B 1 14 ? -4.241  0.639   15.108  1.00 26.79  ? 14  G   B N7    1 
ATOM   589 C  C5    . G   B 1 14 ? -4.278  -0.691  14.701  1.00 27.82  ? 14  G   B C5    1 
ATOM   590 C  C6    . G   B 1 14 ? -3.229  -1.636  14.534  1.00 25.56  ? 14  G   B C6    1 
ATOM   591 O  O6    . G   B 1 14 ? -2.026  -1.485  14.728  1.00 28.54  ? 14  G   B O6    1 
ATOM   592 N  N1    . G   B 1 14 ? -3.710  -2.875  14.116  1.00 23.06  ? 14  G   B N1    1 
ATOM   593 C  C2    . G   B 1 14 ? -5.031  -3.164  13.879  1.00 25.07  ? 14  G   B C2    1 
ATOM   594 N  N2    . G   B 1 14 ? -5.308  -4.410  13.475  1.00 25.86  ? 14  G   B N2    1 
ATOM   595 N  N3    . G   B 1 14 ? -6.018  -2.297  14.045  1.00 26.70  ? 14  G   B N3    1 
ATOM   596 C  C4    . G   B 1 14 ? -5.572  -1.089  14.448  1.00 26.79  ? 14  G   B C4    1 
HETATM 597 N  N9A   . GP3 C 2 .  ? -5.064  -3.799  17.355  1.00 29.87  ? 101 GP3 A N9A   1 
HETATM 598 C  C8A   . GP3 C 2 .  ? -4.650  -2.582  17.726  1.00 30.76  ? 101 GP3 A C8A   1 
HETATM 599 N  N7A   . GP3 C 2 .  ? -3.331  -2.597  17.704  1.00 27.45  ? 101 GP3 A N7A   1 
HETATM 600 C  C5A   . GP3 C 2 .  ? -2.926  -3.806  17.314  1.00 27.65  ? 101 GP3 A C5A   1 
HETATM 601 C  C6A   . GP3 C 2 .  ? -1.668  -4.315  17.089  1.00 26.68  ? 101 GP3 A C6A   1 
HETATM 602 O  O6A   . GP3 C 2 .  ? -0.607  -3.674  17.259  1.00 24.84  ? 101 GP3 A O6A   1 
HETATM 603 N  N1A   . GP3 C 2 .  ? -1.576  -5.645  16.728  1.00 27.98  ? 101 GP3 A N1A   1 
HETATM 604 C  C2A   . GP3 C 2 .  ? -2.706  -6.412  16.522  1.00 27.57  ? 101 GP3 A C2A   1 
HETATM 605 N  N2A   . GP3 C 2 .  ? -2.464  -7.649  16.212  1.00 27.56  ? 101 GP3 A N2A   1 
HETATM 606 N  N3A   . GP3 C 2 .  ? -3.944  -5.883  16.746  1.00 23.71  ? 101 GP3 A N3A   1 
HETATM 607 C  C4A   . GP3 C 2 .  ? -4.010  -4.574  17.092  1.00 27.68  ? 101 GP3 A C4A   1 
HETATM 608 O  O5D   . GP3 C 2 .  ? -7.199  -1.902  19.678  1.00 30.70  ? 101 GP3 A O5D   1 
HETATM 609 C  C5D   . GP3 C 2 .  ? -8.457  -2.368  19.213  1.00 30.45  ? 101 GP3 A C5D   1 
HETATM 610 C  C4D   . GP3 C 2 .  ? -8.265  -3.632  18.424  1.00 24.67  ? 101 GP3 A C4D   1 
HETATM 611 O  O4D   . GP3 C 2 .  ? -7.491  -3.274  17.247  1.00 26.18  ? 101 GP3 A O4D   1 
HETATM 612 C  C3D   . GP3 C 2 .  ? -7.415  -4.628  19.259  1.00 25.74  ? 101 GP3 A C3D   1 
HETATM 613 O  O3D   . GP3 C 2 .  ? -8.185  -5.495  20.001  1.00 26.83  ? 101 GP3 A O3D   1 
HETATM 614 C  C2D   . GP3 C 2 .  ? -6.752  -5.477  18.216  1.00 25.94  ? 101 GP3 A C2D   1 
HETATM 615 O  O2D   . GP3 C 2 .  ? -7.743  -6.318  17.696  1.00 23.34  ? 101 GP3 A O2D   1 
HETATM 616 C  C1D   . GP3 C 2 .  ? -6.417  -4.399  17.180  1.00 28.77  ? 101 GP3 A C1D   1 
HETATM 617 P  PA    . GP3 C 2 .  ? -7.129  -0.655  20.695  1.00 31.64  ? 101 GP3 A PA    1 
HETATM 618 O  O1A   . GP3 C 2 .  ? -7.636  0.520   19.954  1.00 32.23  ? 101 GP3 A O1A   1 
HETATM 619 O  O2A   . GP3 C 2 .  ? -7.725  -1.057  22.040  1.00 35.75  ? 101 GP3 A O2A   1 
HETATM 620 O  O3A   . GP3 C 2 .  ? -5.515  -0.531  20.662  1.00 40.08  ? 101 GP3 A O3A   1 
HETATM 621 P  PB    . GP3 C 2 .  ? -4.454  -0.613  21.974  1.00 42.03  ? 101 GP3 A PB    1 
HETATM 622 O  O1B   . GP3 C 2 .  ? -3.078  -0.439  21.402  1.00 41.49  ? 101 GP3 A O1B   1 
HETATM 623 O  O2B   . GP3 C 2 .  ? -4.962  0.242   23.121  1.00 47.30  ? 101 GP3 A O2B   1 
HETATM 624 O  O3B   . GP3 C 2 .  ? -4.848  -2.187  22.273  1.00 52.80  ? 101 GP3 A O3B   1 
HETATM 625 P  PG    . GP3 C 2 .  ? -4.690  -2.970  23.685  1.00 43.45  ? 101 GP3 A PG    1 
HETATM 626 O  O1G   . GP3 C 2 .  ? -3.570  -2.266  24.268  1.00 36.23  ? 101 GP3 A O1G   1 
HETATM 627 O  O2G   . GP3 C 2 .  ? -6.101  -2.915  24.146  1.00 53.73  ? 101 GP3 A O2G   1 
HETATM 628 O  O5E   . GP3 C 2 .  ? -4.396  -4.313  22.936  1.00 44.96  ? 101 GP3 A O5E   1 
HETATM 629 C  C5E   . GP3 C 2 .  ? -5.493  -5.155  22.486  1.00 37.15  ? 101 GP3 A C5E   1 
HETATM 630 C  C4E   . GP3 C 2 .  ? -4.933  -6.359  21.746  1.00 36.93  ? 101 GP3 A C4E   1 
HETATM 631 O  O4E   . GP3 C 2 .  ? -4.301  -5.735  20.617  1.00 37.73  ? 101 GP3 A O4E   1 
HETATM 632 C  C3E   . GP3 C 2 .  ? -3.747  -7.002  22.469  1.00 36.13  ? 101 GP3 A C3E   1 
HETATM 633 O  O3E   . GP3 C 2 .  ? -4.203  -7.930  23.373  1.00 32.68  ? 101 GP3 A O3E   1 
HETATM 634 C  C2E   . GP3 C 2 .  ? -3.087  -7.686  21.298  1.00 35.57  ? 101 GP3 A C2E   1 
HETATM 635 O  O2E   . GP3 C 2 .  ? -3.763  -8.900  20.843  1.00 34.87  ? 101 GP3 A O2E   1 
HETATM 636 C  C1E   . GP3 C 2 .  ? -3.153  -6.547  20.268  1.00 35.70  ? 101 GP3 A C1E   1 
HETATM 637 N  N9B   . GP3 C 2 .  ? -2.026  -5.529  20.363  1.00 29.13  ? 101 GP3 A N9B   1 
HETATM 638 C  C8B   . GP3 C 2 .  ? -2.008  -4.224  20.671  1.00 28.32  ? 101 GP3 A C8B   1 
HETATM 639 N  N7B   . GP3 C 2 .  ? -0.744  -3.765  20.568  1.00 32.83  ? 101 GP3 A N7B   1 
HETATM 640 C  C5B   . GP3 C 2 .  ? 0.035   -4.801  20.212  1.00 29.11  ? 101 GP3 A C5B   1 
HETATM 641 C  C6B   . GP3 C 2 .  ? 1.374   -4.925  20.036  1.00 32.33  ? 101 GP3 A C6B   1 
HETATM 642 O  O6B   . GP3 C 2 .  ? 2.154   -4.005  20.137  1.00 30.38  ? 101 GP3 A O6B   1 
HETATM 643 N  N1B   . GP3 C 2 .  ? 1.917   -6.120  19.650  1.00 27.52  ? 101 GP3 A N1B   1 
HETATM 644 C  C2B   . GP3 C 2 .  ? 1.074   -7.203  19.534  1.00 26.55  ? 101 GP3 A C2B   1 
HETATM 645 N  N2B   . GP3 C 2 .  ? 1.615   -8.334  19.191  1.00 29.53  ? 101 GP3 A N2B   1 
HETATM 646 N  N3B   . GP3 C 2 .  ? -0.242  -7.089  19.757  1.00 24.17  ? 101 GP3 A N3B   1 
HETATM 647 C  C4B   . GP3 C 2 .  ? -0.753  -5.893  20.067  1.00 27.53  ? 101 GP3 A C4B   1 
HETATM 648 MG MG    . MG  D 3 .  ? -8.308  -5.616  -19.941 0.33 24.61  ? 102 MG  A MG    1 
HETATM 649 MG MG    . MG  E 3 .  ? -0.418  -5.380  -24.448 1.00 51.88  ? 103 MG  A MG    1 
HETATM 650 MG MG    . MG  F 3 .  ? -2.485  -7.551  -23.470 1.00 49.21  ? 104 MG  A MG    1 
HETATM 651 N  N9A   . GP3 G 2 .  ? -3.870  -2.539  -17.792 1.00 28.86  ? 101 GP3 B N9A   1 
HETATM 652 C  C8A   . GP3 G 2 .  ? -2.557  -2.545  -18.046 1.00 29.83  ? 101 GP3 B C8A   1 
HETATM 653 N  N7A   . GP3 G 2 .  ? -2.120  -1.320  -17.909 1.00 25.04  ? 101 GP3 B N7A   1 
HETATM 654 C  C5A   . GP3 G 2 .  ? -3.149  -0.546  -17.559 1.00 27.51  ? 101 GP3 B C5A   1 
HETATM 655 C  C6A   . GP3 G 2 .  ? -3.199  0.789   -17.266 1.00 27.28  ? 101 GP3 B C6A   1 
HETATM 656 O  O6A   . GP3 G 2 .  ? -2.209  1.555   -17.304 1.00 26.09  ? 101 GP3 B O6A   1 
HETATM 657 N  N1A   . GP3 G 2 .  ? -4.453  1.321   -16.954 1.00 28.51  ? 101 GP3 B N1A   1 
HETATM 658 C  C2A   . GP3 G 2 .  ? -5.578  0.516   -16.911 1.00 27.98  ? 101 GP3 B C2A   1 
HETATM 659 N  N2A   . GP3 G 2 .  ? -6.667  1.139   -16.640 1.00 26.75  ? 101 GP3 B N2A   1 
HETATM 660 N  N3A   . GP3 G 2 .  ? -5.497  -0.830  -17.189 1.00 24.75  ? 101 GP3 B N3A   1 
HETATM 661 C  C4A   . GP3 G 2 .  ? -4.264  -1.309  -17.483 1.00 26.70  ? 101 GP3 B C4A   1 
HETATM 662 O  O5D   . GP3 G 2 .  ? -2.524  -5.108  -20.115 1.00 31.90  ? 101 GP3 B O5D   1 
HETATM 663 C  C5D   . GP3 G 2 .  ? -3.446  -6.150  -19.853 1.00 31.69  ? 101 GP3 B C5D   1 
HETATM 664 C  C4D   . GP3 G 2 .  ? -4.615  -5.557  -19.133 1.00 26.73  ? 101 GP3 B C4D   1 
HETATM 665 O  O4D   . GP3 G 2 .  ? -4.104  -5.001  -17.886 1.00 26.84  ? 101 GP3 B O4D   1 
HETATM 666 C  C3D   . GP3 G 2 .  ? -5.177  -4.408  -19.944 1.00 27.70  ? 101 GP3 B C3D   1 
HETATM 667 O  O3D   . GP3 G 2 .  ? -6.208  -4.782  -20.742 1.00 27.88  ? 101 GP3 B O3D   1 
HETATM 668 C  C2D   . GP3 G 2 .  ? -5.842  -3.579  -18.877 1.00 27.82  ? 101 GP3 B C2D   1 
HETATM 669 O  O2D   . GP3 G 2 .  ? -7.036  -4.236  -18.482 1.00 24.43  ? 101 GP3 B O2D   1 
HETATM 670 C  C1D   . GP3 G 2 .  ? -4.832  -3.660  -17.784 1.00 30.12  ? 101 GP3 B C1D   1 
HETATM 671 P  PA    . GP3 G 2 .  ? -1.245  -5.383  -21.078 1.00 32.06  ? 101 GP3 B PA    1 
HETATM 672 O  O1A   . GP3 G 2 .  ? -0.350  -6.278  -20.333 1.00 31.44  ? 101 GP3 B O1A   1 
HETATM 673 O  O2A   . GP3 G 2 .  ? -1.748  -5.723  -22.471 1.00 36.14  ? 101 GP3 B O2A   1 
HETATM 674 O  O3A   . GP3 G 2 .  ? -0.630  -3.887  -20.910 1.00 39.06  ? 101 GP3 B O3A   1 
HETATM 675 P  PB    . GP3 G 2 .  ? -0.259  -2.809  -22.125 1.00 42.82  ? 101 GP3 B PB    1 
HETATM 676 O  O1B   . GP3 G 2 .  ? 0.302   -1.592  -21.464 1.00 45.18  ? 101 GP3 B O1B   1 
HETATM 677 O  O2B   . GP3 G 2 .  ? 0.474   -3.535  -23.229 1.00 51.62  ? 101 GP3 B O2B   1 
HETATM 678 O  O3B   . GP3 G 2 .  ? -1.814  -2.592  -22.516 1.00 54.51  ? 101 GP3 B O3B   1 
HETATM 679 P  PG    . GP3 G 2 .  ? -2.366  -2.136  -23.961 1.00 45.46  ? 101 GP3 B PG    1 
HETATM 680 O  O1G   . GP3 G 2 .  ? -1.333  -1.305  -24.507 1.00 38.29  ? 101 GP3 B O1G   1 
HETATM 681 O  O2G   . GP3 G 2 .  ? -2.805  -3.437  -24.523 1.00 55.11  ? 101 GP3 B O2G   1 
HETATM 682 O  O5E   . GP3 G 2 .  ? -3.580  -1.392  -23.287 1.00 42.91  ? 101 GP3 B O5E   1 
HETATM 683 C  C5E   . GP3 G 2 .  ? -4.763  -2.181  -22.989 1.00 36.66  ? 101 GP3 B C5E   1 
HETATM 684 C  C4E   . GP3 G 2 .  ? -5.831  -1.349  -22.298 1.00 36.04  ? 101 GP3 B C4E   1 
HETATM 685 O  O4E   . GP3 G 2 .  ? -5.159  -1.059  -21.080 1.00 37.51  ? 101 GP3 B O4E   1 
HETATM 686 C  C3E   . GP3 G 2 .  ? -6.013  0.008   -22.932 1.00 37.64  ? 101 GP3 B C3E   1 
HETATM 687 O  O3E   . GP3 G 2 .  ? -7.010  -0.048  -23.901 1.00 34.40  ? 101 GP3 B O3E   1 
HETATM 688 C  C2E   . GP3 G 2 .  ? -6.534  0.782   -21.744 1.00 36.96  ? 101 GP3 B C2E   1 
HETATM 689 O  O2E   . GP3 G 2 .  ? -7.900  0.481   -21.445 1.00 38.32  ? 101 GP3 B O2E   1 
HETATM 690 C  C1E   . GP3 G 2 .  ? -5.574  0.283   -20.674 1.00 36.10  ? 101 GP3 B C1E   1 
HETATM 691 N  N9B   . GP3 G 2 .  ? -4.255  1.036   -20.605 1.00 28.71  ? 101 GP3 B N9B   1 
HETATM 692 C  C8B   . GP3 G 2 .  ? -2.996  0.639   -20.833 1.00 26.47  ? 101 GP3 B C8B   1 
HETATM 693 N  N7B   . GP3 G 2 .  ? -2.165  1.656   -20.625 1.00 30.93  ? 101 GP3 B N7B   1 
HETATM 694 C  C5B   . GP3 G 2 .  ? -2.909  2.717   -20.266 1.00 28.60  ? 101 GP3 B C5B   1 
HETATM 695 C  C6B   . GP3 G 2 .  ? -2.599  4.009   -19.982 1.00 31.94  ? 101 GP3 B C6B   1 
HETATM 696 O  O6B   . GP3 G 2 .  ? -1.469  4.442   -19.962 1.00 30.15  ? 101 GP3 B O6B   1 
HETATM 697 N  N1B   . GP3 G 2 .  ? -3.582  4.900   -19.638 1.00 26.82  ? 101 GP3 B N1B   1 
HETATM 698 C  C2B   . GP3 G 2 .  ? -4.880  4.471   -19.648 1.00 26.49  ? 101 GP3 B C2B   1 
HETATM 699 N  N2B   . GP3 G 2 .  ? -5.814  5.330   -19.312 1.00 30.12  ? 101 GP3 B N2B   1 
HETATM 700 N  N3B   . GP3 G 2 .  ? -5.169  3.198   -19.967 1.00 24.10  ? 101 GP3 B N3B   1 
HETATM 701 C  C4B   . GP3 G 2 .  ? -4.199  2.335   -20.238 1.00 27.07  ? 101 GP3 B C4B   1 
HETATM 702 MG MG    . MG  H 3 .  ? -9.569  -7.149  19.007  0.33 24.57  ? 102 MG  B MG    1 
HETATM 703 MG MG    . MG  I 3 .  ? -7.250  -0.168  24.131  1.00 52.85  ? 103 MG  B MG    1 
HETATM 704 MG MG    . MG  J 3 .  ? -9.823  -1.231  22.899  1.00 48.56  ? 104 MG  B MG    1 
HETATM 705 O  O     . HOH K 4 .  ? -9.168  -6.590  6.837   0.33 91.60  ? 201 HOH A O     1 
HETATM 706 O  O     . HOH K 4 .  ? -3.324  -6.937  25.620  1.00 39.31  ? 202 HOH A O     1 
HETATM 707 O  O     . HOH K 4 .  ? 5.260   -3.393  -16.486 1.00 34.91  ? 203 HOH A O     1 
HETATM 708 O  O     . HOH K 4 .  ? 0.662   0.847   -16.603 1.00 39.76  ? 204 HOH A O     1 
HETATM 709 O  O     . HOH K 4 .  ? 1.845   -2.453  22.386  1.00 37.70  ? 205 HOH A O     1 
HETATM 710 O  O     . HOH K 4 .  ? 5.092   -6.891  12.649  1.00 37.55  ? 206 HOH A O     1 
HETATM 711 O  O     . HOH K 4 .  ? 0.433   -3.755  10.040  1.00 34.39  ? 207 HOH A O     1 
HETATM 712 O  O     . HOH K 4 .  ? -8.920  -3.962  22.351  1.00 33.30  ? 208 HOH A O     1 
HETATM 713 O  O     . HOH K 4 .  ? -8.931  -6.391  0.023   0.33 195.74 ? 209 HOH A O     1 
HETATM 714 O  O     . HOH K 4 .  ? -11.651 -5.980  29.039  1.00 69.06  ? 210 HOH A O     1 
HETATM 715 O  O     . HOH L 4 .  ? -8.535  -6.138  -8.044  0.33 107.40 ? 201 HOH B O     1 
HETATM 716 O  O     . HOH L 4 .  ? 0.325   -1.303  -18.725 1.00 37.36  ? 202 HOH B O     1 
HETATM 717 O  O     . HOH L 4 .  ? -5.607  0.552   -26.018 1.00 38.89  ? 203 HOH B O     1 
HETATM 718 O  O     . HOH L 4 .  ? -2.745  5.007   16.736  1.00 36.92  ? 204 HOH B O     1 
HETATM 719 O  O     . HOH L 4 .  ? 4.345   -4.263  1.093   1.00 36.52  ? 205 HOH B O     1 
HETATM 720 O  O     . HOH L 4 .  ? -7.678  -2.412  -16.576 1.00 27.08  ? 206 HOH B O     1 
HETATM 721 O  O     . HOH L 4 .  ? -0.960  13.789  -18.725 1.00 34.44  ? 207 HOH B O     1 
HETATM 722 O  O     . HOH L 4 .  ? -8.319  -1.942  -12.975 1.00 30.39  ? 208 HOH B O     1 
HETATM 723 O  O     . HOH L 4 .  ? -3.799  7.813   -12.340 1.00 34.64  ? 209 HOH B O     1 
HETATM 724 O  O     . HOH L 4 .  ? -2.595  2.162   -10.087 1.00 35.04  ? 210 HOH B O     1 
HETATM 725 O  O     . HOH L 4 .  ? 0.413   5.202   -15.915 1.00 41.26  ? 211 HOH B O     1 
HETATM 726 O  O     . HOH L 4 .  ? 0.175   3.580   -13.478 1.00 36.61  ? 212 HOH B O     1 
HETATM 727 O  O     . HOH L 4 .  ? -8.779  -6.187  -4.904  0.33 126.64 ? 213 HOH B O     1 
# 
loop_
_pdbx_poly_seq_scheme.asym_id 
_pdbx_poly_seq_scheme.entity_id 
_pdbx_poly_seq_scheme.seq_id 
_pdbx_poly_seq_scheme.mon_id 
_pdbx_poly_seq_scheme.ndb_seq_num 
_pdbx_poly_seq_scheme.pdb_seq_num 
_pdbx_poly_seq_scheme.auth_seq_num 
_pdbx_poly_seq_scheme.pdb_mon_id 
_pdbx_poly_seq_scheme.auth_mon_id 
_pdbx_poly_seq_scheme.pdb_strand_id 
_pdbx_poly_seq_scheme.pdb_ins_code 
_pdbx_poly_seq_scheme.hetero 
A 1 1  LCC 1  1  1  LCC LCC A . n 
A 1 2  LCC 2  2  2  LCC LCC A . n 
A 1 3  LCC 3  3  3  LCC LCC A . n 
A 1 4  G   4  4  4  G   G   A . n 
A 1 5  A   5  5  5  A   A   A . n 
A 1 6  C   6  6  6  C   C   A . n 
A 1 7  U   7  7  7  U   U   A . n 
A 1 8  U   8  8  8  U   U   A . n 
A 1 9  A   9  9  9  A   A   A . n 
A 1 10 A   10 10 10 A   A   A . n 
A 1 11 G   11 11 11 G   G   A . n 
A 1 12 U   12 12 12 U   U   A . n 
A 1 13 C   13 13 13 C   C   A . n 
A 1 14 G   14 14 14 G   G   A . n 
B 1 1  LCC 1  1  1  LCC LCC B . n 
B 1 2  LCC 2  2  2  LCC LCC B . n 
B 1 3  LCC 3  3  3  LCC LCC B . n 
B 1 4  G   4  4  4  G   G   B . n 
B 1 5  A   5  5  5  A   A   B . n 
B 1 6  C   6  6  6  C   C   B . n 
B 1 7  U   7  7  7  U   U   B . n 
B 1 8  U   8  8  8  U   U   B . n 
B 1 9  A   9  9  9  A   A   B . n 
B 1 10 A   10 10 10 A   A   B . n 
B 1 11 G   11 11 11 G   G   B . n 
B 1 12 U   12 12 12 U   U   B . n 
B 1 13 C   13 13 13 C   C   B . n 
B 1 14 G   14 14 14 G   G   B . n 
# 
loop_
_pdbx_nonpoly_scheme.asym_id 
_pdbx_nonpoly_scheme.entity_id 
_pdbx_nonpoly_scheme.mon_id 
_pdbx_nonpoly_scheme.ndb_seq_num 
_pdbx_nonpoly_scheme.pdb_seq_num 
_pdbx_nonpoly_scheme.auth_seq_num 
_pdbx_nonpoly_scheme.pdb_mon_id 
_pdbx_nonpoly_scheme.auth_mon_id 
_pdbx_nonpoly_scheme.pdb_strand_id 
_pdbx_nonpoly_scheme.pdb_ins_code 
C 2 GP3 1  101 2  GP3 GP3 A . 
D 3 MG  1  102 1  MG  MG  A . 
E 3 MG  1  103 3  MG  MG  A . 
F 3 MG  1  104 4  MG  MG  A . 
G 2 GP3 1  101 1  GP3 GP3 B . 
H 3 MG  1  102 2  MG  MG  B . 
I 3 MG  1  103 5  MG  MG  B . 
J 3 MG  1  104 6  MG  MG  B . 
K 4 HOH 1  201 1  HOH HOH A . 
K 4 HOH 2  202 13 HOH HOH A . 
K 4 HOH 3  203 5  HOH HOH A . 
K 4 HOH 4  204 12 HOH HOH A . 
K 4 HOH 5  205 3  HOH HOH A . 
K 4 HOH 6  206 4  HOH HOH A . 
K 4 HOH 7  207 22 HOH HOH A . 
K 4 HOH 8  208 23 HOH HOH A . 
K 4 HOH 9  209 2  HOH HOH A . 
K 4 HOH 10 210 14 HOH HOH A . 
L 4 HOH 1  201 9  HOH HOH B . 
L 4 HOH 2  202 21 HOH HOH B . 
L 4 HOH 3  203 16 HOH HOH B . 
L 4 HOH 4  204 11 HOH HOH B . 
L 4 HOH 5  205 17 HOH HOH B . 
L 4 HOH 6  206 15 HOH HOH B . 
L 4 HOH 7  207 6  HOH HOH B . 
L 4 HOH 8  208 10 HOH HOH B . 
L 4 HOH 9  209 7  HOH HOH B . 
L 4 HOH 10 210 18 HOH HOH B . 
L 4 HOH 11 211 20 HOH HOH B . 
L 4 HOH 12 212 19 HOH HOH B . 
L 4 HOH 13 213 8  HOH HOH B . 
# 
_pdbx_struct_assembly.id                   1 
_pdbx_struct_assembly.details              author_and_software_defined_assembly 
_pdbx_struct_assembly.method_details       PISA 
_pdbx_struct_assembly.oligomeric_details   dimeric 
_pdbx_struct_assembly.oligomeric_count     2 
# 
_pdbx_struct_assembly_gen.assembly_id       1 
_pdbx_struct_assembly_gen.oper_expression   1 
_pdbx_struct_assembly_gen.asym_id_list      A,B,C,D,E,F,G,H,I,J,K,L 
# 
loop_
_pdbx_struct_assembly_prop.biol_id 
_pdbx_struct_assembly_prop.type 
_pdbx_struct_assembly_prop.value 
_pdbx_struct_assembly_prop.details 
1 'ABSA (A^2)' 1180 ? 
1 MORE         -3   ? 
1 'SSA (A^2)'  5450 ? 
# 
_pdbx_struct_oper_list.id                   1 
_pdbx_struct_oper_list.type                 'identity operation' 
_pdbx_struct_oper_list.name                 1_555 
_pdbx_struct_oper_list.symmetry_operation   x,y,z 
_pdbx_struct_oper_list.matrix[1][1]         1.0000000000 
_pdbx_struct_oper_list.matrix[1][2]         0.0000000000 
_pdbx_struct_oper_list.matrix[1][3]         0.0000000000 
_pdbx_struct_oper_list.vector[1]            0.0000000000 
_pdbx_struct_oper_list.matrix[2][1]         0.0000000000 
_pdbx_struct_oper_list.matrix[2][2]         1.0000000000 
_pdbx_struct_oper_list.matrix[2][3]         0.0000000000 
_pdbx_struct_oper_list.vector[2]            0.0000000000 
_pdbx_struct_oper_list.matrix[3][1]         0.0000000000 
_pdbx_struct_oper_list.matrix[3][2]         0.0000000000 
_pdbx_struct_oper_list.matrix[3][3]         1.0000000000 
_pdbx_struct_oper_list.vector[3]            0.0000000000 
# 
loop_
_pdbx_struct_special_symmetry.id 
_pdbx_struct_special_symmetry.PDB_model_num 
_pdbx_struct_special_symmetry.auth_asym_id 
_pdbx_struct_special_symmetry.auth_comp_id 
_pdbx_struct_special_symmetry.auth_seq_id 
_pdbx_struct_special_symmetry.PDB_ins_code 
_pdbx_struct_special_symmetry.label_asym_id 
_pdbx_struct_special_symmetry.label_comp_id 
_pdbx_struct_special_symmetry.label_seq_id 
1 1 A MG  102 ? D MG  . 
2 1 B MG  102 ? H MG  . 
3 1 A HOH 201 ? K HOH . 
4 1 A HOH 209 ? K HOH . 
5 1 B HOH 201 ? L HOH . 
6 1 B HOH 213 ? L HOH . 
# 
loop_
_pdbx_struct_conn_angle.id 
_pdbx_struct_conn_angle.ptnr1_label_atom_id 
_pdbx_struct_conn_angle.ptnr1_label_alt_id 
_pdbx_struct_conn_angle.ptnr1_label_asym_id 
_pdbx_struct_conn_angle.ptnr1_label_comp_id 
_pdbx_struct_conn_angle.ptnr1_label_seq_id 
_pdbx_struct_conn_angle.ptnr1_auth_atom_id 
_pdbx_struct_conn_angle.ptnr1_auth_asym_id 
_pdbx_struct_conn_angle.ptnr1_auth_comp_id 
_pdbx_struct_conn_angle.ptnr1_auth_seq_id 
_pdbx_struct_conn_angle.ptnr1_PDB_ins_code 
_pdbx_struct_conn_angle.ptnr1_symmetry 
_pdbx_struct_conn_angle.ptnr2_label_atom_id 
_pdbx_struct_conn_angle.ptnr2_label_alt_id 
_pdbx_struct_conn_angle.ptnr2_label_asym_id 
_pdbx_struct_conn_angle.ptnr2_label_comp_id 
_pdbx_struct_conn_angle.ptnr2_label_seq_id 
_pdbx_struct_conn_angle.ptnr2_auth_atom_id 
_pdbx_struct_conn_angle.ptnr2_auth_asym_id 
_pdbx_struct_conn_angle.ptnr2_auth_comp_id 
_pdbx_struct_conn_angle.ptnr2_auth_seq_id 
_pdbx_struct_conn_angle.ptnr2_PDB_ins_code 
_pdbx_struct_conn_angle.ptnr2_symmetry 
_pdbx_struct_conn_angle.ptnr3_label_atom_id 
_pdbx_struct_conn_angle.ptnr3_label_alt_id 
_pdbx_struct_conn_angle.ptnr3_label_asym_id 
_pdbx_struct_conn_angle.ptnr3_label_comp_id 
_pdbx_struct_conn_angle.ptnr3_label_seq_id 
_pdbx_struct_conn_angle.ptnr3_auth_atom_id 
_pdbx_struct_conn_angle.ptnr3_auth_asym_id 
_pdbx_struct_conn_angle.ptnr3_auth_comp_id 
_pdbx_struct_conn_angle.ptnr3_auth_seq_id 
_pdbx_struct_conn_angle.ptnr3_PDB_ins_code 
_pdbx_struct_conn_angle.ptnr3_symmetry 
_pdbx_struct_conn_angle.value 
_pdbx_struct_conn_angle.value_esd 
1  O3D ? C GP3 . ? A GP3 101 ? 1_555 MG ? H MG . ? B MG 102 ? 1_555 O2D ? C GP3 . ? A GP3 101 ? 1_555 62.8  ? 
2  O3D ? C GP3 . ? A GP3 101 ? 1_555 MG ? H MG . ? B MG 102 ? 1_555 O3D ? C GP3 . ? A GP3 101 ? 1_555 0.0   ? 
3  O2D ? C GP3 . ? A GP3 101 ? 1_555 MG ? H MG . ? B MG 102 ? 1_555 O3D ? C GP3 . ? A GP3 101 ? 1_555 62.8  ? 
4  O3D ? C GP3 . ? A GP3 101 ? 1_555 MG ? H MG . ? B MG 102 ? 1_555 O2D ? C GP3 . ? A GP3 101 ? 1_555 62.8  ? 
5  O2D ? C GP3 . ? A GP3 101 ? 1_555 MG ? H MG . ? B MG 102 ? 1_555 O2D ? C GP3 . ? A GP3 101 ? 1_555 0.0   ? 
6  O3D ? C GP3 . ? A GP3 101 ? 1_555 MG ? H MG . ? B MG 102 ? 1_555 O2D ? C GP3 . ? A GP3 101 ? 1_555 62.8  ? 
7  O2A ? C GP3 . ? A GP3 101 ? 1_555 MG ? I MG . ? B MG 103 ? 1_555 O2B ? C GP3 . ? A GP3 101 ? 1_555 83.5  ? 
8  O2A ? C GP3 . ? A GP3 101 ? 1_555 MG ? I MG . ? B MG 103 ? 1_555 O2G ? C GP3 . ? A GP3 101 ? 1_555 74.4  ? 
9  O2B ? C GP3 . ? A GP3 101 ? 1_555 MG ? I MG . ? B MG 103 ? 1_555 O2G ? C GP3 . ? A GP3 101 ? 1_555 78.6  ? 
10 O2A ? C GP3 . ? A GP3 101 ? 1_555 MG ? J MG . ? B MG 104 ? 1_555 O3E ? C GP3 . ? A GP3 101 ? 1_555 59.1  ? 
11 O2A ? C GP3 . ? A GP3 101 ? 1_555 MG ? J MG . ? B MG 104 ? 1_555 O2E ? C GP3 . ? A GP3 101 ? 1_555 54.7  ? 
12 O3E ? C GP3 . ? A GP3 101 ? 1_555 MG ? J MG . ? B MG 104 ? 1_555 O2E ? C GP3 . ? A GP3 101 ? 1_555 15.1  ? 
13 O2A ? C GP3 . ? A GP3 101 ? 1_555 MG ? J MG . ? B MG 104 ? 1_555 O   ? K HOH . ? A HOH 208 ? 1_555 73.5  ? 
14 O3E ? C GP3 . ? A GP3 101 ? 1_555 MG ? J MG . ? B MG 104 ? 1_555 O   ? K HOH . ? A HOH 208 ? 1_555 25.7  ? 
15 O2E ? C GP3 . ? A GP3 101 ? 1_555 MG ? J MG . ? B MG 104 ? 1_555 O   ? K HOH . ? A HOH 208 ? 1_555 19.7  ? 
16 O3D ? G GP3 . ? B GP3 101 ? 1_555 MG ? D MG . ? A MG 102 ? 1_555 O2D ? G GP3 . ? B GP3 101 ? 1_555 62.3  ? 
17 O3D ? G GP3 . ? B GP3 101 ? 1_555 MG ? D MG . ? A MG 102 ? 1_555 O3D ? G GP3 . ? B GP3 101 ? 3_565 106.3 ? 
18 O2D ? G GP3 . ? B GP3 101 ? 1_555 MG ? D MG . ? A MG 102 ? 1_555 O3D ? G GP3 . ? B GP3 101 ? 3_565 147.8 ? 
19 O3D ? G GP3 . ? B GP3 101 ? 1_555 MG ? D MG . ? A MG 102 ? 1_555 O2D ? G GP3 . ? B GP3 101 ? 2_665 147.7 ? 
20 O2D ? G GP3 . ? B GP3 101 ? 1_555 MG ? D MG . ? A MG 102 ? 1_555 O2D ? G GP3 . ? B GP3 101 ? 2_665 90.0  ? 
21 O3D ? G GP3 . ? B GP3 101 ? 3_565 MG ? D MG . ? A MG 102 ? 1_555 O2D ? G GP3 . ? B GP3 101 ? 2_665 106.0 ? 
22 O2B ? G GP3 . ? B GP3 101 ? 1_555 MG ? E MG . ? A MG 103 ? 1_555 O2A ? G GP3 . ? B GP3 101 ? 1_555 84.1  ? 
23 O2A ? G GP3 . ? B GP3 101 ? 1_555 MG ? F MG . ? A MG 104 ? 1_555 O2E ? G GP3 . ? B GP3 101 ? 3_565 101.9 ? 
24 O2A ? G GP3 . ? B GP3 101 ? 1_555 MG ? F MG . ? A MG 104 ? 1_555 O3E ? G GP3 . ? B GP3 101 ? 3_565 156.9 ? 
25 O2E ? G GP3 . ? B GP3 101 ? 3_565 MG ? F MG . ? A MG 104 ? 1_555 O3E ? G GP3 . ? B GP3 101 ? 3_565 69.7  ? 
# 
loop_
_pdbx_audit_revision_history.ordinal 
_pdbx_audit_revision_history.data_content_type 
_pdbx_audit_revision_history.major_revision 
_pdbx_audit_revision_history.minor_revision 
_pdbx_audit_revision_history.revision_date 
1 'Structure model' 1 0 2017-07-05 
2 'Structure model' 1 1 2017-07-19 
3 'Structure model' 1 2 2017-08-02 
4 'Structure model' 1 3 2023-10-04 
# 
_pdbx_audit_revision_details.ordinal             1 
_pdbx_audit_revision_details.revision_ordinal    1 
_pdbx_audit_revision_details.data_content_type   'Structure model' 
_pdbx_audit_revision_details.provider            repository 
_pdbx_audit_revision_details.type                'Initial release' 
_pdbx_audit_revision_details.description         ? 
_pdbx_audit_revision_details.details             ? 
# 
loop_
_pdbx_audit_revision_group.ordinal 
_pdbx_audit_revision_group.revision_ordinal 
_pdbx_audit_revision_group.data_content_type 
_pdbx_audit_revision_group.group 
1 2 'Structure model' 'Database references'    
2 3 'Structure model' 'Database references'    
3 4 'Structure model' 'Data collection'        
4 4 'Structure model' 'Database references'    
5 4 'Structure model' 'Derived calculations'   
6 4 'Structure model' 'Refinement description' 
# 
loop_
_pdbx_audit_revision_category.ordinal 
_pdbx_audit_revision_category.revision_ordinal 
_pdbx_audit_revision_category.data_content_type 
_pdbx_audit_revision_category.category 
1 2 'Structure model' citation                      
2 2 'Structure model' citation_author               
3 3 'Structure model' citation                      
4 4 'Structure model' chem_comp_atom                
5 4 'Structure model' chem_comp_bond                
6 4 'Structure model' database_2                    
7 4 'Structure model' pdbx_initial_refinement_model 
8 4 'Structure model' pdbx_struct_conn_angle        
9 4 'Structure model' struct_conn                   
# 
loop_
_pdbx_audit_revision_item.ordinal 
_pdbx_audit_revision_item.revision_ordinal 
_pdbx_audit_revision_item.data_content_type 
_pdbx_audit_revision_item.item 
1  2 'Structure model' '_citation.journal_abbrev'                    
2  2 'Structure model' '_citation.pdbx_database_id_PubMed'           
3  2 'Structure model' '_citation.title'                             
4  2 'Structure model' '_citation_author.name'                       
5  3 'Structure model' '_citation.journal_volume'                    
6  3 'Structure model' '_citation.page_first'                        
7  3 'Structure model' '_citation.page_last'                         
8  4 'Structure model' '_database_2.pdbx_DOI'                        
9  4 'Structure model' '_database_2.pdbx_database_accession'         
10 4 'Structure model' '_pdbx_struct_conn_angle.ptnr1_auth_comp_id'  
11 4 'Structure model' '_pdbx_struct_conn_angle.ptnr1_auth_seq_id'   
12 4 'Structure model' '_pdbx_struct_conn_angle.ptnr1_label_asym_id' 
13 4 'Structure model' '_pdbx_struct_conn_angle.ptnr1_label_atom_id' 
14 4 'Structure model' '_pdbx_struct_conn_angle.ptnr1_label_comp_id' 
15 4 'Structure model' '_pdbx_struct_conn_angle.ptnr3_auth_comp_id'  
16 4 'Structure model' '_pdbx_struct_conn_angle.ptnr3_auth_seq_id'   
17 4 'Structure model' '_pdbx_struct_conn_angle.ptnr3_label_asym_id' 
18 4 'Structure model' '_pdbx_struct_conn_angle.ptnr3_label_atom_id' 
19 4 'Structure model' '_pdbx_struct_conn_angle.ptnr3_label_comp_id' 
20 4 'Structure model' '_pdbx_struct_conn_angle.value'               
21 4 'Structure model' '_struct_conn.pdbx_dist_value'                
22 4 'Structure model' '_struct_conn.ptnr1_auth_asym_id'             
23 4 'Structure model' '_struct_conn.ptnr1_auth_comp_id'             
24 4 'Structure model' '_struct_conn.ptnr1_auth_seq_id'              
25 4 'Structure model' '_struct_conn.ptnr1_label_asym_id'            
26 4 'Structure model' '_struct_conn.ptnr1_label_atom_id'            
27 4 'Structure model' '_struct_conn.ptnr1_label_comp_id'            
28 4 'Structure model' '_struct_conn.ptnr2_auth_asym_id'             
29 4 'Structure model' '_struct_conn.ptnr2_auth_comp_id'             
30 4 'Structure model' '_struct_conn.ptnr2_auth_seq_id'              
31 4 'Structure model' '_struct_conn.ptnr2_label_asym_id'            
32 4 'Structure model' '_struct_conn.ptnr2_label_atom_id'            
33 4 'Structure model' '_struct_conn.ptnr2_label_comp_id'            
34 4 'Structure model' '_struct_conn.ptnr2_symmetry'                 
# 
loop_
_software.citation_id 
_software.classification 
_software.compiler_name 
_software.compiler_version 
_software.contact_author 
_software.contact_author_email 
_software.date 
_software.description 
_software.dependencies 
_software.hardware 
_software.language 
_software.location 
_software.mods 
_software.name 
_software.os 
_software.os_version 
_software.type 
_software.version 
_software.pdbx_ordinal 
? refinement       ? ? ? ? ? ? ? ? ? ? ? REFMAC   ? ? ? 5.8.0135 1 
? 'data reduction' ? ? ? ? ? ? ? ? ? ? ? HKL-2000 ? ? ? .        2 
? 'data scaling'   ? ? ? ? ? ? ? ? ? ? ? HKL-2000 ? ? ? .        3 
? phasing          ? ? ? ? ? ? ? ? ? ? ? PHASER   ? ? ? .        4 
# 
loop_
_pdbx_validate_rmsd_bond.id 
_pdbx_validate_rmsd_bond.PDB_model_num 
_pdbx_validate_rmsd_bond.auth_atom_id_1 
_pdbx_validate_rmsd_bond.auth_asym_id_1 
_pdbx_validate_rmsd_bond.auth_comp_id_1 
_pdbx_validate_rmsd_bond.auth_seq_id_1 
_pdbx_validate_rmsd_bond.PDB_ins_code_1 
_pdbx_validate_rmsd_bond.label_alt_id_1 
_pdbx_validate_rmsd_bond.auth_atom_id_2 
_pdbx_validate_rmsd_bond.auth_asym_id_2 
_pdbx_validate_rmsd_bond.auth_comp_id_2 
_pdbx_validate_rmsd_bond.auth_seq_id_2 
_pdbx_validate_rmsd_bond.PDB_ins_code_2 
_pdbx_validate_rmsd_bond.label_alt_id_2 
_pdbx_validate_rmsd_bond.bond_value 
_pdbx_validate_rmsd_bond.bond_target_value 
_pdbx_validate_rmsd_bond.bond_deviation 
_pdbx_validate_rmsd_bond.bond_standard_deviation 
_pdbx_validate_rmsd_bond.linker_flag 
1 1 "O3'" A LCC 1 ? ? P A LCC 2 ? ? 1.685 1.607 0.078 0.012 Y 
2 1 "O3'" A LCC 2 ? ? P A LCC 3 ? ? 1.695 1.607 0.088 0.012 Y 
3 1 "O3'" B LCC 2 ? ? P B LCC 3 ? ? 1.688 1.607 0.081 0.012 Y 
# 
loop_
_pdbx_validate_rmsd_angle.id 
_pdbx_validate_rmsd_angle.PDB_model_num 
_pdbx_validate_rmsd_angle.auth_atom_id_1 
_pdbx_validate_rmsd_angle.auth_asym_id_1 
_pdbx_validate_rmsd_angle.auth_comp_id_1 
_pdbx_validate_rmsd_angle.auth_seq_id_1 
_pdbx_validate_rmsd_angle.PDB_ins_code_1 
_pdbx_validate_rmsd_angle.label_alt_id_1 
_pdbx_validate_rmsd_angle.auth_atom_id_2 
_pdbx_validate_rmsd_angle.auth_asym_id_2 
_pdbx_validate_rmsd_angle.auth_comp_id_2 
_pdbx_validate_rmsd_angle.auth_seq_id_2 
_pdbx_validate_rmsd_angle.PDB_ins_code_2 
_pdbx_validate_rmsd_angle.label_alt_id_2 
_pdbx_validate_rmsd_angle.auth_atom_id_3 
_pdbx_validate_rmsd_angle.auth_asym_id_3 
_pdbx_validate_rmsd_angle.auth_comp_id_3 
_pdbx_validate_rmsd_angle.auth_seq_id_3 
_pdbx_validate_rmsd_angle.PDB_ins_code_3 
_pdbx_validate_rmsd_angle.label_alt_id_3 
_pdbx_validate_rmsd_angle.angle_value 
_pdbx_validate_rmsd_angle.angle_target_value 
_pdbx_validate_rmsd_angle.angle_deviation 
_pdbx_validate_rmsd_angle.angle_standard_deviation 
_pdbx_validate_rmsd_angle.linker_flag 
1 1 "C3'" A LCC 1 ? ? "O3'" A LCC 1 ? ? P A LCC 2 ? ? 131.76 119.70 12.06 1.20 Y 
2 1 "C3'" A LCC 2 ? ? "O3'" A LCC 2 ? ? P A LCC 3 ? ? 135.49 119.70 15.79 1.20 Y 
3 1 "C3'" B LCC 1 ? ? "O3'" B LCC 1 ? ? P B LCC 2 ? ? 132.21 119.70 12.51 1.20 Y 
4 1 "C3'" B LCC 2 ? ? "O3'" B LCC 2 ? ? P B LCC 3 ? ? 135.02 119.70 15.32 1.20 Y 
# 
_pdbx_distant_solvent_atoms.id                                1 
_pdbx_distant_solvent_atoms.PDB_model_num                     1 
_pdbx_distant_solvent_atoms.auth_atom_id                      O 
_pdbx_distant_solvent_atoms.label_alt_id                      ? 
_pdbx_distant_solvent_atoms.auth_asym_id                      A 
_pdbx_distant_solvent_atoms.auth_comp_id                      HOH 
_pdbx_distant_solvent_atoms.auth_seq_id                       210 
_pdbx_distant_solvent_atoms.PDB_ins_code                      ? 
_pdbx_distant_solvent_atoms.neighbor_macromolecule_distance   . 
_pdbx_distant_solvent_atoms.neighbor_ligand_distance          8.01 
# 
loop_
_chem_comp_atom.comp_id 
_chem_comp_atom.atom_id 
_chem_comp_atom.type_symbol 
_chem_comp_atom.pdbx_aromatic_flag 
_chem_comp_atom.pdbx_stereo_config 
_chem_comp_atom.pdbx_ordinal 
A   OP3    O  N N 1   
A   P      P  N N 2   
A   OP1    O  N N 3   
A   OP2    O  N N 4   
A   "O5'"  O  N N 5   
A   "C5'"  C  N N 6   
A   "C4'"  C  N R 7   
A   "O4'"  O  N N 8   
A   "C3'"  C  N S 9   
A   "O3'"  O  N N 10  
A   "C2'"  C  N R 11  
A   "O2'"  O  N N 12  
A   "C1'"  C  N R 13  
A   N9     N  Y N 14  
A   C8     C  Y N 15  
A   N7     N  Y N 16  
A   C5     C  Y N 17  
A   C6     C  Y N 18  
A   N6     N  N N 19  
A   N1     N  Y N 20  
A   C2     C  Y N 21  
A   N3     N  Y N 22  
A   C4     C  Y N 23  
A   HOP3   H  N N 24  
A   HOP2   H  N N 25  
A   "H5'"  H  N N 26  
A   "H5''" H  N N 27  
A   "H4'"  H  N N 28  
A   "H3'"  H  N N 29  
A   "HO3'" H  N N 30  
A   "H2'"  H  N N 31  
A   "HO2'" H  N N 32  
A   "H1'"  H  N N 33  
A   H8     H  N N 34  
A   H61    H  N N 35  
A   H62    H  N N 36  
A   H2     H  N N 37  
C   OP3    O  N N 38  
C   P      P  N N 39  
C   OP1    O  N N 40  
C   OP2    O  N N 41  
C   "O5'"  O  N N 42  
C   "C5'"  C  N N 43  
C   "C4'"  C  N R 44  
C   "O4'"  O  N N 45  
C   "C3'"  C  N S 46  
C   "O3'"  O  N N 47  
C   "C2'"  C  N R 48  
C   "O2'"  O  N N 49  
C   "C1'"  C  N R 50  
C   N1     N  N N 51  
C   C2     C  N N 52  
C   O2     O  N N 53  
C   N3     N  N N 54  
C   C4     C  N N 55  
C   N4     N  N N 56  
C   C5     C  N N 57  
C   C6     C  N N 58  
C   HOP3   H  N N 59  
C   HOP2   H  N N 60  
C   "H5'"  H  N N 61  
C   "H5''" H  N N 62  
C   "H4'"  H  N N 63  
C   "H3'"  H  N N 64  
C   "HO3'" H  N N 65  
C   "H2'"  H  N N 66  
C   "HO2'" H  N N 67  
C   "H1'"  H  N N 68  
C   H41    H  N N 69  
C   H42    H  N N 70  
C   H5     H  N N 71  
C   H6     H  N N 72  
G   OP3    O  N N 73  
G   P      P  N N 74  
G   OP1    O  N N 75  
G   OP2    O  N N 76  
G   "O5'"  O  N N 77  
G   "C5'"  C  N N 78  
G   "C4'"  C  N R 79  
G   "O4'"  O  N N 80  
G   "C3'"  C  N S 81  
G   "O3'"  O  N N 82  
G   "C2'"  C  N R 83  
G   "O2'"  O  N N 84  
G   "C1'"  C  N R 85  
G   N9     N  Y N 86  
G   C8     C  Y N 87  
G   N7     N  Y N 88  
G   C5     C  Y N 89  
G   C6     C  N N 90  
G   O6     O  N N 91  
G   N1     N  N N 92  
G   C2     C  N N 93  
G   N2     N  N N 94  
G   N3     N  N N 95  
G   C4     C  Y N 96  
G   HOP3   H  N N 97  
G   HOP2   H  N N 98  
G   "H5'"  H  N N 99  
G   "H5''" H  N N 100 
G   "H4'"  H  N N 101 
G   "H3'"  H  N N 102 
G   "HO3'" H  N N 103 
G   "H2'"  H  N N 104 
G   "HO2'" H  N N 105 
G   "H1'"  H  N N 106 
G   H8     H  N N 107 
G   H1     H  N N 108 
G   H21    H  N N 109 
G   H22    H  N N 110 
GP3 N9A    N  Y N 111 
GP3 C8A    C  Y N 112 
GP3 N7A    N  Y N 113 
GP3 C5A    C  Y N 114 
GP3 C6A    C  N N 115 
GP3 O6A    O  N N 116 
GP3 N1A    N  N N 117 
GP3 C2A    C  N N 118 
GP3 N2A    N  N N 119 
GP3 N3A    N  N N 120 
GP3 C4A    C  Y N 121 
GP3 O5D    O  N N 122 
GP3 C5D    C  N N 123 
GP3 C4D    C  N R 124 
GP3 O4D    O  N N 125 
GP3 C3D    C  N S 126 
GP3 O3D    O  N N 127 
GP3 C2D    C  N R 128 
GP3 O2D    O  N N 129 
GP3 C1D    C  N R 130 
GP3 PA     P  N R 131 
GP3 O1A    O  N N 132 
GP3 O2A    O  N N 133 
GP3 O3A    O  N N 134 
GP3 PB     P  N N 135 
GP3 O1B    O  N N 136 
GP3 O2B    O  N N 137 
GP3 O3B    O  N N 138 
GP3 PG     P  N R 139 
GP3 O1G    O  N N 140 
GP3 O2G    O  N N 141 
GP3 O5E    O  N N 142 
GP3 C5E    C  N N 143 
GP3 C4E    C  N R 144 
GP3 O4E    O  N N 145 
GP3 C3E    C  N S 146 
GP3 O3E    O  N N 147 
GP3 C2E    C  N R 148 
GP3 O2E    O  N N 149 
GP3 C1E    C  N R 150 
GP3 N9B    N  Y N 151 
GP3 C8B    C  Y N 152 
GP3 N7B    N  Y N 153 
GP3 C5B    C  Y N 154 
GP3 C6B    C  N N 155 
GP3 O6B    O  N N 156 
GP3 N1B    N  N N 157 
GP3 C2B    C  N N 158 
GP3 N2B    N  N N 159 
GP3 N3B    N  N N 160 
GP3 C4B    C  Y N 161 
GP3 H8A    H  N N 162 
GP3 H1A    H  N N 163 
GP3 H21A   H  N N 164 
GP3 H22A   H  N N 165 
GP3 H51A   H  N N 166 
GP3 H52A   H  N N 167 
GP3 H4D    H  N N 168 
GP3 H3D    H  N N 169 
GP3 HO3A   H  N N 170 
GP3 H2D    H  N N 171 
GP3 HO2A   H  N N 172 
GP3 H1D    H  N N 173 
GP3 HOA2   H  N N 174 
GP3 HOB2   H  N N 175 
GP3 HOG2   H  N N 176 
GP3 H51B   H  N N 177 
GP3 H52B   H  N N 178 
GP3 H4E    H  N N 179 
GP3 H3E    H  N N 180 
GP3 HO3B   H  N N 181 
GP3 H2E    H  N N 182 
GP3 HO2B   H  N N 183 
GP3 H1E    H  N N 184 
GP3 H8B    H  N N 185 
GP3 H1B    H  N N 186 
GP3 H21B   H  N N 187 
GP3 H22B   H  N N 188 
HOH O      O  N N 189 
HOH H1     H  N N 190 
HOH H2     H  N N 191 
LCC "O5'"  O  N N 192 
LCC "C5'"  C  N N 193 
LCC "C4'"  C  N R 194 
LCC "O4'"  O  N N 195 
LCC "C1'"  C  N R 196 
LCC N1     N  N N 197 
LCC C6     C  N N 198 
LCC C5     C  N N 199 
LCC C5M    C  N N 200 
LCC C4     C  N N 201 
LCC N4     N  N N 202 
LCC N3     N  N N 203 
LCC C2     C  N N 204 
LCC O2     O  N N 205 
LCC "C3'"  C  N S 206 
LCC "C2'"  C  N R 207 
LCC "O2'"  O  N N 208 
LCC "O3'"  O  N N 209 
LCC "C6'"  C  N N 210 
LCC P      P  N N 211 
LCC O1P    O  N N 212 
LCC O2P    O  N N 213 
LCC OXT    O  N N 214 
LCC "H5'1" H  N N 215 
LCC "H5'2" H  N N 216 
LCC "H1'"  H  N N 217 
LCC H6     H  N N 218 
LCC H5M1   H  N N 219 
LCC H5M2   H  N N 220 
LCC H5M3   H  N N 221 
LCC H41    H  N N 222 
LCC H42    H  N N 223 
LCC "H3'"  H  N N 224 
LCC "H2'1" H  N N 225 
LCC H3T    H  N N 226 
LCC "H6'1" H  N N 227 
LCC "H6'2" H  N N 228 
LCC H1P    H  N N 229 
LCC HXT    H  N N 230 
MG  MG     MG N N 231 
U   OP3    O  N N 232 
U   P      P  N N 233 
U   OP1    O  N N 234 
U   OP2    O  N N 235 
U   "O5'"  O  N N 236 
U   "C5'"  C  N N 237 
U   "C4'"  C  N R 238 
U   "O4'"  O  N N 239 
U   "C3'"  C  N S 240 
U   "O3'"  O  N N 241 
U   "C2'"  C  N R 242 
U   "O2'"  O  N N 243 
U   "C1'"  C  N R 244 
U   N1     N  N N 245 
U   C2     C  N N 246 
U   O2     O  N N 247 
U   N3     N  N N 248 
U   C4     C  N N 249 
U   O4     O  N N 250 
U   C5     C  N N 251 
U   C6     C  N N 252 
U   HOP3   H  N N 253 
U   HOP2   H  N N 254 
U   "H5'"  H  N N 255 
U   "H5''" H  N N 256 
U   "H4'"  H  N N 257 
U   "H3'"  H  N N 258 
U   "HO3'" H  N N 259 
U   "H2'"  H  N N 260 
U   "HO2'" H  N N 261 
U   "H1'"  H  N N 262 
U   H3     H  N N 263 
U   H5     H  N N 264 
U   H6     H  N N 265 
# 
loop_
_chem_comp_bond.comp_id 
_chem_comp_bond.atom_id_1 
_chem_comp_bond.atom_id_2 
_chem_comp_bond.value_order 
_chem_comp_bond.pdbx_aromatic_flag 
_chem_comp_bond.pdbx_stereo_config 
_chem_comp_bond.pdbx_ordinal 
A   OP3   P      sing N N 1   
A   OP3   HOP3   sing N N 2   
A   P     OP1    doub N N 3   
A   P     OP2    sing N N 4   
A   P     "O5'"  sing N N 5   
A   OP2   HOP2   sing N N 6   
A   "O5'" "C5'"  sing N N 7   
A   "C5'" "C4'"  sing N N 8   
A   "C5'" "H5'"  sing N N 9   
A   "C5'" "H5''" sing N N 10  
A   "C4'" "O4'"  sing N N 11  
A   "C4'" "C3'"  sing N N 12  
A   "C4'" "H4'"  sing N N 13  
A   "O4'" "C1'"  sing N N 14  
A   "C3'" "O3'"  sing N N 15  
A   "C3'" "C2'"  sing N N 16  
A   "C3'" "H3'"  sing N N 17  
A   "O3'" "HO3'" sing N N 18  
A   "C2'" "O2'"  sing N N 19  
A   "C2'" "C1'"  sing N N 20  
A   "C2'" "H2'"  sing N N 21  
A   "O2'" "HO2'" sing N N 22  
A   "C1'" N9     sing N N 23  
A   "C1'" "H1'"  sing N N 24  
A   N9    C8     sing Y N 25  
A   N9    C4     sing Y N 26  
A   C8    N7     doub Y N 27  
A   C8    H8     sing N N 28  
A   N7    C5     sing Y N 29  
A   C5    C6     sing Y N 30  
A   C5    C4     doub Y N 31  
A   C6    N6     sing N N 32  
A   C6    N1     doub Y N 33  
A   N6    H61    sing N N 34  
A   N6    H62    sing N N 35  
A   N1    C2     sing Y N 36  
A   C2    N3     doub Y N 37  
A   C2    H2     sing N N 38  
A   N3    C4     sing Y N 39  
C   OP3   P      sing N N 40  
C   OP3   HOP3   sing N N 41  
C   P     OP1    doub N N 42  
C   P     OP2    sing N N 43  
C   P     "O5'"  sing N N 44  
C   OP2   HOP2   sing N N 45  
C   "O5'" "C5'"  sing N N 46  
C   "C5'" "C4'"  sing N N 47  
C   "C5'" "H5'"  sing N N 48  
C   "C5'" "H5''" sing N N 49  
C   "C4'" "O4'"  sing N N 50  
C   "C4'" "C3'"  sing N N 51  
C   "C4'" "H4'"  sing N N 52  
C   "O4'" "C1'"  sing N N 53  
C   "C3'" "O3'"  sing N N 54  
C   "C3'" "C2'"  sing N N 55  
C   "C3'" "H3'"  sing N N 56  
C   "O3'" "HO3'" sing N N 57  
C   "C2'" "O2'"  sing N N 58  
C   "C2'" "C1'"  sing N N 59  
C   "C2'" "H2'"  sing N N 60  
C   "O2'" "HO2'" sing N N 61  
C   "C1'" N1     sing N N 62  
C   "C1'" "H1'"  sing N N 63  
C   N1    C2     sing N N 64  
C   N1    C6     sing N N 65  
C   C2    O2     doub N N 66  
C   C2    N3     sing N N 67  
C   N3    C4     doub N N 68  
C   C4    N4     sing N N 69  
C   C4    C5     sing N N 70  
C   N4    H41    sing N N 71  
C   N4    H42    sing N N 72  
C   C5    C6     doub N N 73  
C   C5    H5     sing N N 74  
C   C6    H6     sing N N 75  
G   OP3   P      sing N N 76  
G   OP3   HOP3   sing N N 77  
G   P     OP1    doub N N 78  
G   P     OP2    sing N N 79  
G   P     "O5'"  sing N N 80  
G   OP2   HOP2   sing N N 81  
G   "O5'" "C5'"  sing N N 82  
G   "C5'" "C4'"  sing N N 83  
G   "C5'" "H5'"  sing N N 84  
G   "C5'" "H5''" sing N N 85  
G   "C4'" "O4'"  sing N N 86  
G   "C4'" "C3'"  sing N N 87  
G   "C4'" "H4'"  sing N N 88  
G   "O4'" "C1'"  sing N N 89  
G   "C3'" "O3'"  sing N N 90  
G   "C3'" "C2'"  sing N N 91  
G   "C3'" "H3'"  sing N N 92  
G   "O3'" "HO3'" sing N N 93  
G   "C2'" "O2'"  sing N N 94  
G   "C2'" "C1'"  sing N N 95  
G   "C2'" "H2'"  sing N N 96  
G   "O2'" "HO2'" sing N N 97  
G   "C1'" N9     sing N N 98  
G   "C1'" "H1'"  sing N N 99  
G   N9    C8     sing Y N 100 
G   N9    C4     sing Y N 101 
G   C8    N7     doub Y N 102 
G   C8    H8     sing N N 103 
G   N7    C5     sing Y N 104 
G   C5    C6     sing N N 105 
G   C5    C4     doub Y N 106 
G   C6    O6     doub N N 107 
G   C6    N1     sing N N 108 
G   N1    C2     sing N N 109 
G   N1    H1     sing N N 110 
G   C2    N2     sing N N 111 
G   C2    N3     doub N N 112 
G   N2    H21    sing N N 113 
G   N2    H22    sing N N 114 
G   N3    C4     sing N N 115 
GP3 N9A   C8A    sing Y N 116 
GP3 N9A   C4A    sing Y N 117 
GP3 N9A   C1D    sing N N 118 
GP3 C8A   N7A    doub Y N 119 
GP3 C8A   H8A    sing N N 120 
GP3 N7A   C5A    sing Y N 121 
GP3 C5A   C6A    sing N N 122 
GP3 C5A   C4A    doub Y N 123 
GP3 C6A   O6A    doub N N 124 
GP3 C6A   N1A    sing N N 125 
GP3 N1A   C2A    sing N N 126 
GP3 N1A   H1A    sing N N 127 
GP3 C2A   N2A    sing N N 128 
GP3 C2A   N3A    doub N N 129 
GP3 N2A   H21A   sing N N 130 
GP3 N2A   H22A   sing N N 131 
GP3 N3A   C4A    sing N N 132 
GP3 O5D   C5D    sing N N 133 
GP3 O5D   PA     sing N N 134 
GP3 C5D   C4D    sing N N 135 
GP3 C5D   H51A   sing N N 136 
GP3 C5D   H52A   sing N N 137 
GP3 C4D   O4D    sing N N 138 
GP3 C4D   C3D    sing N N 139 
GP3 C4D   H4D    sing N N 140 
GP3 O4D   C1D    sing N N 141 
GP3 C3D   O3D    sing N N 142 
GP3 C3D   C2D    sing N N 143 
GP3 C3D   H3D    sing N N 144 
GP3 O3D   HO3A   sing N N 145 
GP3 C2D   O2D    sing N N 146 
GP3 C2D   C1D    sing N N 147 
GP3 C2D   H2D    sing N N 148 
GP3 O2D   HO2A   sing N N 149 
GP3 C1D   H1D    sing N N 150 
GP3 PA    O1A    doub N N 151 
GP3 PA    O2A    sing N N 152 
GP3 PA    O3A    sing N N 153 
GP3 O2A   HOA2   sing N N 154 
GP3 O3A   PB     sing N N 155 
GP3 PB    O1B    doub N N 156 
GP3 PB    O2B    sing N N 157 
GP3 PB    O3B    sing N N 158 
GP3 O2B   HOB2   sing N N 159 
GP3 O3B   PG     sing N N 160 
GP3 PG    O1G    doub N N 161 
GP3 PG    O2G    sing N N 162 
GP3 PG    O5E    sing N N 163 
GP3 O2G   HOG2   sing N N 164 
GP3 O5E   C5E    sing N N 165 
GP3 C5E   C4E    sing N N 166 
GP3 C5E   H51B   sing N N 167 
GP3 C5E   H52B   sing N N 168 
GP3 C4E   O4E    sing N N 169 
GP3 C4E   C3E    sing N N 170 
GP3 C4E   H4E    sing N N 171 
GP3 O4E   C1E    sing N N 172 
GP3 C3E   O3E    sing N N 173 
GP3 C3E   C2E    sing N N 174 
GP3 C3E   H3E    sing N N 175 
GP3 O3E   HO3B   sing N N 176 
GP3 C2E   O2E    sing N N 177 
GP3 C2E   C1E    sing N N 178 
GP3 C2E   H2E    sing N N 179 
GP3 O2E   HO2B   sing N N 180 
GP3 C1E   N9B    sing N N 181 
GP3 C1E   H1E    sing N N 182 
GP3 N9B   C8B    sing Y N 183 
GP3 N9B   C4B    sing Y N 184 
GP3 C8B   N7B    doub Y N 185 
GP3 C8B   H8B    sing N N 186 
GP3 N7B   C5B    sing Y N 187 
GP3 C5B   C6B    sing N N 188 
GP3 C5B   C4B    doub Y N 189 
GP3 C6B   O6B    doub N N 190 
GP3 C6B   N1B    sing N N 191 
GP3 N1B   C2B    sing N N 192 
GP3 N1B   H1B    sing N N 193 
GP3 C2B   N2B    sing N N 194 
GP3 C2B   N3B    doub N N 195 
GP3 N2B   H21B   sing N N 196 
GP3 N2B   H22B   sing N N 197 
GP3 N3B   C4B    sing N N 198 
HOH O     H1     sing N N 199 
HOH O     H2     sing N N 200 
LCC "O5'" "C5'"  sing N N 201 
LCC "O5'" P      sing N N 202 
LCC "C5'" "C4'"  sing N N 203 
LCC "C5'" "H5'1" sing N N 204 
LCC "C5'" "H5'2" sing N N 205 
LCC "C4'" "O4'"  sing N N 206 
LCC "C4'" "C3'"  sing N N 207 
LCC "C4'" "C6'"  sing N N 208 
LCC "O4'" "C1'"  sing N N 209 
LCC "C1'" N1     sing N N 210 
LCC "C1'" "C2'"  sing N N 211 
LCC "C1'" "H1'"  sing N N 212 
LCC N1    C6     sing N N 213 
LCC N1    C2     sing N N 214 
LCC C6    C5     doub N N 215 
LCC C6    H6     sing N N 216 
LCC C5    C5M    sing N N 217 
LCC C5    C4     sing N N 218 
LCC C5M   H5M1   sing N N 219 
LCC C5M   H5M2   sing N N 220 
LCC C5M   H5M3   sing N N 221 
LCC C4    N4     sing N N 222 
LCC C4    N3     doub N N 223 
LCC N4    H41    sing N N 224 
LCC N4    H42    sing N N 225 
LCC N3    C2     sing N N 226 
LCC C2    O2     doub N N 227 
LCC "C3'" "C2'"  sing N N 228 
LCC "C3'" "O3'"  sing N N 229 
LCC "C3'" "H3'"  sing N N 230 
LCC "C2'" "O2'"  sing N N 231 
LCC "C2'" "H2'1" sing N N 232 
LCC "O2'" "C6'"  sing N N 233 
LCC "O3'" H3T    sing N N 234 
LCC "C6'" "H6'1" sing N N 235 
LCC "C6'" "H6'2" sing N N 236 
LCC P     O1P    sing N N 237 
LCC P     O2P    doub N N 238 
LCC P     OXT    sing N N 239 
LCC O1P   H1P    sing N N 240 
LCC OXT   HXT    sing N N 241 
U   OP3   P      sing N N 242 
U   OP3   HOP3   sing N N 243 
U   P     OP1    doub N N 244 
U   P     OP2    sing N N 245 
U   P     "O5'"  sing N N 246 
U   OP2   HOP2   sing N N 247 
U   "O5'" "C5'"  sing N N 248 
U   "C5'" "C4'"  sing N N 249 
U   "C5'" "H5'"  sing N N 250 
U   "C5'" "H5''" sing N N 251 
U   "C4'" "O4'"  sing N N 252 
U   "C4'" "C3'"  sing N N 253 
U   "C4'" "H4'"  sing N N 254 
U   "O4'" "C1'"  sing N N 255 
U   "C3'" "O3'"  sing N N 256 
U   "C3'" "C2'"  sing N N 257 
U   "C3'" "H3'"  sing N N 258 
U   "O3'" "HO3'" sing N N 259 
U   "C2'" "O2'"  sing N N 260 
U   "C2'" "C1'"  sing N N 261 
U   "C2'" "H2'"  sing N N 262 
U   "O2'" "HO2'" sing N N 263 
U   "C1'" N1     sing N N 264 
U   "C1'" "H1'"  sing N N 265 
U   N1    C2     sing N N 266 
U   N1    C6     sing N N 267 
U   C2    O2     doub N N 268 
U   C2    N3     sing N N 269 
U   N3    C4     sing N N 270 
U   N3    H3     sing N N 271 
U   C4    O4     doub N N 272 
U   C4    C5     sing N N 273 
U   C5    C6     doub N N 274 
U   C5    H5     sing N N 275 
U   C6    H6     sing N N 276 
# 
_ndb_struct_conf_na.entry_id   5UEE 
_ndb_struct_conf_na.feature    'a-form double helix' 
# 
loop_
_ndb_struct_na_base_pair.model_number 
_ndb_struct_na_base_pair.i_label_asym_id 
_ndb_struct_na_base_pair.i_label_comp_id 
_ndb_struct_na_base_pair.i_label_seq_id 
_ndb_struct_na_base_pair.i_symmetry 
_ndb_struct_na_base_pair.j_label_asym_id 
_ndb_struct_na_base_pair.j_label_comp_id 
_ndb_struct_na_base_pair.j_label_seq_id 
_ndb_struct_na_base_pair.j_symmetry 
_ndb_struct_na_base_pair.shear 
_ndb_struct_na_base_pair.stretch 
_ndb_struct_na_base_pair.stagger 
_ndb_struct_na_base_pair.buckle 
_ndb_struct_na_base_pair.propeller 
_ndb_struct_na_base_pair.opening 
_ndb_struct_na_base_pair.pair_number 
_ndb_struct_na_base_pair.pair_name 
_ndb_struct_na_base_pair.i_auth_asym_id 
_ndb_struct_na_base_pair.i_auth_seq_id 
_ndb_struct_na_base_pair.i_PDB_ins_code 
_ndb_struct_na_base_pair.j_auth_asym_id 
_ndb_struct_na_base_pair.j_auth_seq_id 
_ndb_struct_na_base_pair.j_PDB_ins_code 
_ndb_struct_na_base_pair.hbond_type_28 
_ndb_struct_na_base_pair.hbond_type_12 
1 A G 4  1_555 B C 13 1_555 -0.289 -0.169 -0.061 -3.961 -14.374 1.130  1  A_G4:C13_B A 4  ? B 13 ? 19 1 
1 A A 5  1_555 B U 12 1_555 -0.010 -0.144 -0.019 1.264  -11.442 1.143  2  A_A5:U12_B A 5  ? B 12 ? 20 1 
1 A C 6  1_555 B G 11 1_555 0.171  -0.108 0.034  7.201  -20.094 -0.500 3  A_C6:G11_B A 6  ? B 11 ? 19 1 
1 A U 7  1_555 B A 10 1_555 0.001  -0.201 0.026  -3.547 -13.688 -2.352 4  A_U7:A10_B A 7  ? B 10 ? 20 1 
1 A U 8  1_555 B A 9  1_555 0.206  -0.131 -0.082 -0.112 -16.596 5.163  5  A_U8:A9_B  A 8  ? B 9  ? 20 1 
1 A A 9  1_555 B U 8  1_555 -0.215 -0.181 -0.119 0.175  -18.495 5.377  6  A_A9:U8_B  A 9  ? B 8  ? 20 1 
1 A A 10 1_555 B U 7  1_555 0.055  -0.228 -0.034 1.580  -13.214 -2.699 7  A_A10:U7_B A 10 ? B 7  ? 20 1 
1 A G 11 1_555 B C 6  1_555 -0.166 -0.115 0.013  -6.849 -20.663 -0.487 8  A_G11:C6_B A 11 ? B 6  ? 19 1 
1 A U 12 1_555 B A 5  1_555 -0.160 -0.139 -0.024 -2.764 -11.368 1.076  9  A_U12:A5_B A 12 ? B 5  ? 20 1 
1 A C 13 1_555 B G 4  1_555 0.315  -0.170 -0.106 4.456  -15.215 1.128  10 A_C13:G4_B A 13 ? B 4  ? 19 1 
# 
loop_
_ndb_struct_na_base_pair_step.model_number 
_ndb_struct_na_base_pair_step.i_label_asym_id_1 
_ndb_struct_na_base_pair_step.i_label_comp_id_1 
_ndb_struct_na_base_pair_step.i_label_seq_id_1 
_ndb_struct_na_base_pair_step.i_symmetry_1 
_ndb_struct_na_base_pair_step.j_label_asym_id_1 
_ndb_struct_na_base_pair_step.j_label_comp_id_1 
_ndb_struct_na_base_pair_step.j_label_seq_id_1 
_ndb_struct_na_base_pair_step.j_symmetry_1 
_ndb_struct_na_base_pair_step.i_label_asym_id_2 
_ndb_struct_na_base_pair_step.i_label_comp_id_2 
_ndb_struct_na_base_pair_step.i_label_seq_id_2 
_ndb_struct_na_base_pair_step.i_symmetry_2 
_ndb_struct_na_base_pair_step.j_label_asym_id_2 
_ndb_struct_na_base_pair_step.j_label_comp_id_2 
_ndb_struct_na_base_pair_step.j_label_seq_id_2 
_ndb_struct_na_base_pair_step.j_symmetry_2 
_ndb_struct_na_base_pair_step.shift 
_ndb_struct_na_base_pair_step.slide 
_ndb_struct_na_base_pair_step.rise 
_ndb_struct_na_base_pair_step.tilt 
_ndb_struct_na_base_pair_step.roll 
_ndb_struct_na_base_pair_step.twist 
_ndb_struct_na_base_pair_step.x_displacement 
_ndb_struct_na_base_pair_step.y_displacement 
_ndb_struct_na_base_pair_step.helical_rise 
_ndb_struct_na_base_pair_step.inclination 
_ndb_struct_na_base_pair_step.tip 
_ndb_struct_na_base_pair_step.helical_twist 
_ndb_struct_na_base_pair_step.step_number 
_ndb_struct_na_base_pair_step.step_name 
_ndb_struct_na_base_pair_step.i_auth_asym_id_1 
_ndb_struct_na_base_pair_step.i_auth_seq_id_1 
_ndb_struct_na_base_pair_step.i_PDB_ins_code_1 
_ndb_struct_na_base_pair_step.j_auth_asym_id_1 
_ndb_struct_na_base_pair_step.j_auth_seq_id_1 
_ndb_struct_na_base_pair_step.j_PDB_ins_code_1 
_ndb_struct_na_base_pair_step.i_auth_asym_id_2 
_ndb_struct_na_base_pair_step.i_auth_seq_id_2 
_ndb_struct_na_base_pair_step.i_PDB_ins_code_2 
_ndb_struct_na_base_pair_step.j_auth_asym_id_2 
_ndb_struct_na_base_pair_step.j_auth_seq_id_2 
_ndb_struct_na_base_pair_step.j_PDB_ins_code_2 
1 A G 4  1_555 B C 13 1_555 A A 5  1_555 B U 12 1_555 -0.231 -1.399 3.142 -0.825 5.058  34.456 -3.055 0.269  2.918 8.481  1.383  
34.824 1 AA_G4A5:U12C13_BB A 4  ? B 13 ? A 5  ? B 12 ? 
1 A A 5  1_555 B U 12 1_555 A C 6  1_555 B G 11 1_555 0.287  -1.537 3.115 0.670  3.700  32.151 -3.364 -0.405 2.930 6.652  -1.204 
32.364 2 AA_A5C6:G11U12_BB A 5  ? B 12 ? A 6  ? B 11 ? 
1 A C 6  1_555 B G 11 1_555 A U 7  1_555 B A 10 1_555 -0.765 -1.893 3.419 -3.083 14.186 29.993 -5.523 0.856  2.372 25.610 5.565  
33.249 3 AA_C6U7:A10G11_BB A 6  ? B 11 ? A 7  ? B 10 ? 
1 A U 7  1_555 B A 10 1_555 A U 8  1_555 B A 9  1_555 0.122  -1.227 3.226 -0.210 7.567  32.481 -3.328 -0.245 2.875 13.303 0.369  
33.329 4 AA_U7U8:A9A10_BB  A 7  ? B 10 ? A 8  ? B 9  ? 
1 A U 8  1_555 B A 9  1_555 A A 9  1_555 B U 8  1_555 -0.001 -1.280 3.197 0.555  13.832 27.697 -4.791 0.097  2.310 26.871 -1.079 
30.903 5 AA_U8A9:U8A9_BB   A 8  ? B 9  ? A 9  ? B 8  ? 
1 A A 9  1_555 B U 8  1_555 A A 10 1_555 B U 7  1_555 -0.152 -1.136 3.277 -0.105 7.454  32.599 -3.166 0.248  2.953 13.066 0.184  
33.418 6 AA_A9A10:U7U8_BB  A 9  ? B 8  ? A 10 ? B 7  ? 
1 A A 10 1_555 B U 7  1_555 A G 11 1_555 B C 6  1_555 0.768  -1.918 3.385 2.966  13.686 29.358 -5.648 -0.893 2.347 25.271 -5.477 
32.460 7 AA_A10G11:C6U7_BB A 10 ? B 7  ? A 11 ? B 6  ? 
1 A G 11 1_555 B C 6  1_555 A U 12 1_555 B A 5  1_555 -0.264 -1.541 3.150 -0.571 4.165  31.836 -3.485 0.381  2.934 7.552  1.034  
32.105 8 AA_G11U12:A5C6_BB A 11 ? B 6  ? A 12 ? B 5  ? 
1 A U 12 1_555 B A 5  1_555 A C 13 1_555 B G 4  1_555 0.245  -1.398 3.108 1.518  4.934  34.842 -2.989 -0.197 2.897 8.185  -2.518 
35.211 9 AA_U12C13:G4A5_BB A 12 ? B 5  ? A 13 ? B 4  ? 
# 
loop_
_pdbx_entity_nonpoly.entity_id 
_pdbx_entity_nonpoly.name 
_pdbx_entity_nonpoly.comp_id 
2 "DIGUANOSINE-5'-TRIPHOSPHATE" GP3 
3 'MAGNESIUM ION'               MG  
4 water                         HOH 
# 
_pdbx_initial_refinement_model.id               1 
_pdbx_initial_refinement_model.entity_id_list   ? 
_pdbx_initial_refinement_model.type             'experimental model' 
_pdbx_initial_refinement_model.source_name      PDB 
_pdbx_initial_refinement_model.accession_code   5DHC 
_pdbx_initial_refinement_model.details          ? 
# 
